data_6S85
#
_entry.id   6S85
#
_cell.length_a   1.00
_cell.length_b   1.00
_cell.length_c   1.00
_cell.angle_alpha   90.00
_cell.angle_beta   90.00
_cell.angle_gamma   90.00
#
_symmetry.space_group_name_H-M   'P 1'
#
loop_
_entity.id
_entity.type
_entity.pdbx_description
1 polymer 'Nuclease SbcCD subunit C'
2 polymer 'Nuclease SbcCD subunit D'
3 polymer 'DNA (31-MER)'
4 polymer 'DNA (32-MER)'
5 non-polymer "ADENOSINE-5'-DIPHOSPHATE"
6 non-polymer 'MAGNESIUM ION'
7 non-polymer 'MANGANESE (II) ION'
#
loop_
_entity_poly.entity_id
_entity_poly.type
_entity_poly.pdbx_seq_one_letter_code
_entity_poly.pdbx_strand_id
1 'polypeptide(L)'
;MKILSLRLKNLNSLKGEWKIDFTREPFASNGLFAITGPTGAGKTTLLDAICLALYHETPRLSNVSQSQNDLMTRDTAECL
AEVEFEVKGEAYRAFWSQNRARNQPDGNLQVPRVELARCADGKILADKVKDKLELTATLTGLDYGRFTRSMLLSQGQFAA
FLNAKPKERAELLEELTGTEIYGQISAMVFEQHKSARTELEKLQAQASGVTLLTPEQVQSLTASLQVLTDEEKQLITAQQ
QEQQSLNWLTRQDELQQEASRRQQALQQALAEEEKAQPQLAALSLAQPARNLRPHWERIAEHSAALAHIRQQIEEVNTRL
QSTMALRASIRHHAAKQSAELQQQQQSLNTWLQEHDRFRQWNNEPAGWRAQFSQQTSDREHLRQWQQQLTHAEQKLNALA
AITLTLTADEVATALAQHAEQRPLRQHLVALHGQIVPQQKRLAQLQVAIQNVTQEQTQRNAALNEMRQRYKEKTQQLADV
KTICEQEARIKTLEAQRAQLQAGQPCPLCGSTSHPAVEAYQALEPGVNQSRLLALENEVKKLGEEGATLRGQLDAITKQL
QRDENEAQSLRQDEQALTQQWQAVTASLNITLQPLDDIQPWLDAQDEHERQLRLLSQRHELQGQIAAHNQQIIQYQQQIE
QRQQLLLTTLTGYALTLPQEDEEESWLATRQQEAQSWQQRQNELTALQNRIQQLTPILETLPQSDELPHCEETVVLENWR
QVHEQCLALHSQQQTLQQQDVLAAQSLQKAQAQFDTALQASVFDDQQAFLAALMDEQTLTQLEQLKQNLENQRRQAQTLV
TQTAETLAQHQQHRPDDGLALTVTVEQIQQELAQTHQKLRENTTSQGEIRQQLKQDADNRQQQQTLMQQIAQMTQQVEDW
GYLNSLIGSKEGDKFRKFAQGLTLDNLVHLANQQLTRLHGRYLLQRKASEALEVEVVDTWQADAVRDTRTLSGGESFLVS
LALALALSDLVSHKTRIDSLFLDEGFGTLDSETLDTALDALDALNASGKTIGVISHVEAMKERIPVQIKVKKINGLGYSK
LESTFAVK
;
C,D
2 'polypeptide(L)'
;MRILHTSDWHLGQNFYSKSREAEHQAFLDWLLETAQTHQVDAIIVAGDVFDTGSPPSYARTLYNRFVVNLQQTGCHLVVL
AGNSDSVATLNESRDIMAFLNTTVVASAGHAPQILPRRDGTPGAVLCPIPFLRPRDIITSQAGLNGIEKQQHLLAAITDY
YQQHYADACKLRGDQPLPIIATGHLTTVGASKSDAVRDIYIGTLDAFPAQNFPPADYIALGHIHRAQIIGGMEHVRYCGS
PIPLSFDECGKSKYVHLVTFSNGKLESVENLNVPVTQPMAVLKGDLASITAQLEQWRDVSQEPPVWLDIEITTDEYLHDI
QRKIQALTESLPVEVLLVRRSREQRERVLASQQRETLSELSVEEVFNRRLALEELDESQQQRLQHLFTTTLHTLAGEHEA
GHHHHHH
;
A,B
3 'polydeoxyribonucleotide'
;(DC)(DG)(DC)(DT)(DT)(DT)(DA)(DT)(DC)(DA)(DG)(DA)(DA)(DG)(DC)(DC)(DA)(DG)(DA)(DC)
(DA)(DT)(DT)(DA)(DA)(DC)(DG)(DC)(DT)(DT)(DC)(DT)(DG)(DG)(DA)(DG)(DA)(DA)(DA)(DC)
(DT)(DC)(DA)(DA)(DC)(DG)(DA)(DG)(DC)(DT)(DG)(DG)(DA)(DC)(DG)(DC)(DG)(DG)(DA)(DT)
;
E
4 'polydeoxyribonucleotide'
;(DA)(DT)(DC)(DC)(DG)(DC)(DG)(DT)(DC)(DC)(DA)(DG)(DC)(DT)(DC)(DG)(DT)(DT)(DG)(DA)
(DG)(DT)(DT)(DT)(DC)(DT)(DC)(DC)(DA)(DG)(DA)(DA)(DG)(DC)(DG)(DT)(DT)(DA)(DA)(DT)
(DG)(DT)(DC)(DT)(DG)(DG)(DC)(DT)(DT)(DC)(DT)(DG)(DA)(DT)(DA)(DA)(DA)(DG)(DC)(DG)
;
F
#
# COMPACT_ATOMS: atom_id res chain seq x y z
N MET A 1 16.31 12.65 -1.23
CA MET A 1 15.78 12.50 -2.58
C MET A 1 15.58 13.85 -3.23
N LYS A 2 16.20 14.03 -4.39
CA LYS A 2 15.86 15.17 -5.21
C LYS A 2 15.50 14.67 -6.59
N ILE A 3 15.33 15.57 -7.55
CA ILE A 3 14.98 15.20 -8.90
C ILE A 3 16.09 15.73 -9.80
N LEU A 4 16.59 14.88 -10.69
CA LEU A 4 17.67 15.32 -11.57
C LEU A 4 17.18 15.70 -12.95
N SER A 5 16.13 15.07 -13.45
CA SER A 5 15.54 15.42 -14.73
C SER A 5 14.10 14.97 -14.76
N LEU A 6 13.41 15.30 -15.84
CA LEU A 6 12.01 14.95 -15.99
C LEU A 6 11.65 14.99 -17.47
N ARG A 7 10.93 13.98 -17.93
CA ARG A 7 10.49 13.94 -19.31
C ARG A 7 9.04 13.51 -19.34
N LEU A 8 8.30 14.03 -20.30
CA LEU A 8 6.90 13.65 -20.45
C LEU A 8 6.49 13.88 -21.89
N LYS A 9 5.32 13.36 -22.26
CA LYS A 9 4.79 13.55 -23.60
C LYS A 9 3.29 13.31 -23.57
N ASN A 10 2.51 14.30 -24.01
CA ASN A 10 1.05 14.24 -24.16
C ASN A 10 0.34 13.93 -22.85
N LEU A 11 0.97 14.31 -21.74
CA LEU A 11 0.42 14.06 -20.38
C LEU A 11 -1.00 14.62 -20.29
N ASN A 12 -1.15 15.95 -20.44
CA ASN A 12 -2.48 16.60 -20.38
C ASN A 12 -2.57 17.66 -21.48
N SER A 13 -2.52 18.94 -21.12
CA SER A 13 -2.58 20.06 -22.10
C SER A 13 -1.22 20.20 -22.79
N LEU A 14 -0.15 19.73 -22.15
CA LEU A 14 1.21 19.81 -22.71
C LEU A 14 1.36 18.79 -23.83
N LYS A 15 0.90 19.12 -25.04
CA LYS A 15 0.97 18.24 -26.19
C LYS A 15 2.42 18.13 -26.66
N GLY A 16 2.75 17.02 -27.28
CA GLY A 16 4.11 16.79 -27.73
C GLY A 16 5.00 16.37 -26.57
N GLU A 17 6.26 16.11 -26.90
CA GLU A 17 7.21 15.62 -25.92
C GLU A 17 8.05 16.75 -25.39
N TRP A 18 8.20 16.82 -24.08
CA TRP A 18 8.93 17.88 -23.42
C TRP A 18 9.81 17.25 -22.35
N LYS A 19 10.88 17.94 -21.99
CA LYS A 19 11.87 17.38 -21.08
C LYS A 19 12.55 18.52 -20.35
N ILE A 20 12.28 18.65 -19.07
CA ILE A 20 12.95 19.63 -18.26
C ILE A 20 14.08 18.94 -17.50
N ASP A 21 15.09 19.70 -17.13
CA ASP A 21 16.25 19.14 -16.46
C ASP A 21 16.58 19.97 -15.23
N PHE A 22 17.11 19.32 -14.21
CA PHE A 22 17.50 19.99 -12.98
C PHE A 22 19.01 19.90 -12.76
N THR A 23 19.77 19.78 -13.84
CA THR A 23 21.20 20.04 -13.82
C THR A 23 21.55 20.76 -15.12
N ARG A 24 21.41 22.09 -15.11
CA ARG A 24 21.61 22.90 -16.30
C ARG A 24 22.23 24.21 -15.88
N GLU A 25 22.21 25.18 -16.79
CA GLU A 25 22.67 26.53 -16.52
C GLU A 25 21.58 27.31 -15.78
N PRO A 26 20.29 27.20 -16.11
CA PRO A 26 19.29 27.44 -15.08
C PRO A 26 19.29 26.24 -14.14
N PHE A 27 18.82 26.48 -12.92
CA PHE A 27 18.96 25.59 -11.76
C PHE A 27 20.42 25.32 -11.42
N ALA A 28 21.32 26.22 -11.80
CA ALA A 28 22.71 26.10 -11.36
C ALA A 28 22.84 26.42 -9.89
N SER A 29 21.99 27.32 -9.39
CA SER A 29 21.78 27.39 -7.96
C SER A 29 20.84 26.27 -7.53
N ASN A 30 20.89 25.96 -6.24
CA ASN A 30 19.87 25.11 -5.64
C ASN A 30 18.69 25.91 -5.12
N GLY A 31 18.52 27.14 -5.60
CA GLY A 31 17.48 28.00 -5.11
C GLY A 31 16.09 27.52 -5.53
N LEU A 32 15.11 28.14 -4.91
CA LEU A 32 13.72 27.83 -5.22
C LEU A 32 13.39 28.31 -6.62
N PHE A 33 12.51 27.57 -7.28
CA PHE A 33 12.16 27.90 -8.66
C PHE A 33 10.65 28.00 -8.77
N ALA A 34 10.19 28.94 -9.58
CA ALA A 34 8.77 29.13 -9.77
C ALA A 34 8.36 28.64 -11.15
N ILE A 35 7.05 28.43 -11.30
CA ILE A 35 6.46 28.12 -12.59
C ILE A 35 5.27 29.04 -12.77
N THR A 36 5.36 29.94 -13.73
CA THR A 36 4.27 30.86 -14.04
C THR A 36 3.41 30.27 -15.16
N GLY A 37 2.56 31.11 -15.74
CA GLY A 37 1.69 30.71 -16.82
C GLY A 37 0.27 31.12 -16.56
N PRO A 38 -0.59 31.06 -17.57
CA PRO A 38 -2.01 31.30 -17.36
C PRO A 38 -2.61 30.21 -16.51
N THR A 39 -3.72 30.55 -15.86
CA THR A 39 -4.34 29.63 -14.91
C THR A 39 -4.98 28.46 -15.63
N GLY A 40 -4.64 27.25 -15.19
CA GLY A 40 -5.15 26.07 -15.85
C GLY A 40 -4.65 25.91 -17.26
N ALA A 41 -3.37 26.13 -17.50
CA ALA A 41 -2.75 25.73 -18.75
C ALA A 41 -1.44 25.03 -18.41
N GLY A 42 -1.54 23.77 -18.06
CA GLY A 42 -0.39 22.95 -17.70
C GLY A 42 0.47 23.51 -16.60
N LYS A 43 -0.05 23.60 -15.39
CA LYS A 43 0.78 24.12 -14.31
C LYS A 43 1.05 23.11 -13.22
N THR A 44 0.03 22.40 -12.73
CA THR A 44 0.28 21.30 -11.81
C THR A 44 0.64 20.03 -12.54
N THR A 45 0.65 20.05 -13.87
CA THR A 45 0.96 18.86 -14.63
C THR A 45 2.45 18.55 -14.63
N LEU A 46 3.29 19.58 -14.67
CA LEU A 46 4.73 19.36 -14.56
C LEU A 46 5.10 18.81 -13.20
N LEU A 47 4.31 19.08 -12.18
CA LEU A 47 4.45 18.42 -10.90
C LEU A 47 3.53 17.22 -10.77
N ASP A 48 2.86 16.83 -11.84
CA ASP A 48 2.08 15.61 -11.79
C ASP A 48 2.84 14.42 -12.37
N ALA A 49 3.73 14.65 -13.33
CA ALA A 49 4.56 13.59 -13.86
C ALA A 49 5.49 13.04 -12.80
N ILE A 50 5.88 13.88 -11.84
CA ILE A 50 6.69 13.43 -10.72
C ILE A 50 5.95 12.40 -9.89
N CYS A 51 4.65 12.64 -9.64
CA CYS A 51 3.86 11.65 -8.92
C CYS A 51 3.61 10.42 -9.77
N LEU A 52 3.36 10.62 -11.07
CA LEU A 52 2.91 9.55 -11.92
C LEU A 52 4.02 8.53 -12.18
N ALA A 53 5.19 9.01 -12.58
CA ALA A 53 6.27 8.11 -12.92
C ALA A 53 6.80 7.36 -11.72
N LEU A 54 6.62 7.91 -10.53
CA LEU A 54 7.16 7.30 -9.33
C LEU A 54 6.17 6.43 -8.58
N TYR A 55 4.87 6.69 -8.68
CA TYR A 55 3.91 5.89 -7.93
C TYR A 55 2.62 5.57 -8.67
N HIS A 56 2.49 5.94 -9.95
CA HIS A 56 1.34 5.66 -10.81
C HIS A 56 0.04 6.23 -10.29
N GLU A 57 0.07 7.23 -9.43
CA GLU A 57 -1.14 7.74 -8.81
C GLU A 57 -1.01 9.24 -8.66
N THR A 58 -1.79 9.99 -9.44
CA THR A 58 -1.79 11.43 -9.34
C THR A 58 -2.49 11.84 -8.06
N PRO A 59 -2.35 13.10 -7.64
CA PRO A 59 -3.24 13.59 -6.58
C PRO A 59 -4.69 13.67 -7.01
N ARG A 60 -4.96 14.01 -8.27
CA ARG A 60 -6.33 14.20 -8.73
C ARG A 60 -6.99 12.87 -9.08
N LEU A 61 -6.45 12.15 -10.05
CA LEU A 61 -7.00 10.86 -10.43
C LEU A 61 -6.55 9.81 -9.45
N SER A 62 -7.45 8.89 -9.11
CA SER A 62 -7.10 7.87 -8.13
C SER A 62 -6.15 6.85 -8.70
N ASN A 63 -6.51 6.26 -9.84
CA ASN A 63 -5.64 5.27 -10.45
C ASN A 63 -5.68 5.41 -11.96
N VAL A 64 -4.63 4.93 -12.61
CA VAL A 64 -4.55 4.88 -14.06
C VAL A 64 -4.15 3.45 -14.44
N SER A 65 -4.87 2.88 -15.38
CA SER A 65 -4.67 1.48 -15.74
C SER A 65 -5.07 1.29 -17.20
N GLN A 66 -5.29 0.03 -17.59
CA GLN A 66 -5.82 -0.22 -18.93
C GLN A 66 -7.26 0.24 -19.06
N SER A 67 -7.98 0.33 -17.95
CA SER A 67 -9.26 1.02 -17.89
C SER A 67 -9.08 2.29 -17.07
N GLN A 68 -9.95 3.32 -17.45
CA GLN A 68 -10.05 4.54 -16.65
C GLN A 68 -8.71 5.29 -16.62
N ASN A 69 -8.29 5.71 -17.81
CA ASN A 69 -7.11 6.55 -17.95
C ASN A 69 -7.58 7.85 -18.60
N ASP A 70 -7.99 8.80 -17.78
CA ASP A 70 -8.42 10.11 -18.26
C ASP A 70 -7.25 11.04 -18.50
N LEU A 71 -6.02 10.56 -18.27
CA LEU A 71 -4.89 11.45 -18.09
C LEU A 71 -4.41 12.02 -19.40
N MET A 72 -3.99 11.14 -20.31
CA MET A 72 -3.39 11.54 -21.57
C MET A 72 -4.39 12.30 -22.43
N THR A 73 -3.89 13.26 -23.18
CA THR A 73 -4.76 14.21 -23.85
C THR A 73 -5.49 13.56 -25.01
N ARG A 74 -6.59 14.19 -25.39
CA ARG A 74 -7.42 13.64 -26.45
C ARG A 74 -6.72 13.75 -27.80
N ASP A 75 -7.00 12.79 -28.66
CA ASP A 75 -6.37 12.62 -29.97
C ASP A 75 -4.85 12.51 -29.85
N THR A 76 -4.39 11.67 -28.93
CA THR A 76 -2.98 11.31 -28.85
C THR A 76 -2.84 9.81 -28.60
N ALA A 77 -1.72 9.27 -29.06
CA ALA A 77 -1.56 7.83 -29.16
C ALA A 77 -1.00 7.20 -27.90
N GLU A 78 -0.25 7.95 -27.11
CA GLU A 78 0.44 7.35 -25.97
C GLU A 78 0.76 8.45 -24.98
N CYS A 79 1.31 8.04 -23.85
CA CYS A 79 1.84 8.97 -22.88
C CYS A 79 2.97 8.30 -22.14
N LEU A 80 3.83 9.13 -21.56
CA LEU A 80 4.91 8.62 -20.74
C LEU A 80 5.37 9.69 -19.77
N ALA A 81 6.01 9.25 -18.70
CA ALA A 81 6.57 10.15 -17.72
C ALA A 81 7.83 9.51 -17.18
N GLU A 82 8.90 10.28 -17.11
CA GLU A 82 10.21 9.70 -16.82
C GLU A 82 10.97 10.65 -15.92
N VAL A 83 11.29 10.19 -14.72
CA VAL A 83 12.04 10.98 -13.77
C VAL A 83 13.47 10.46 -13.71
N GLU A 84 14.32 11.20 -13.02
CA GLU A 84 15.65 10.72 -12.65
C GLU A 84 15.87 11.13 -11.21
N PHE A 85 15.46 10.30 -10.27
CA PHE A 85 15.59 10.71 -8.89
C PHE A 85 16.84 10.08 -8.27
N GLU A 86 17.46 10.83 -7.38
CA GLU A 86 18.74 10.45 -6.79
C GLU A 86 18.58 10.32 -5.29
N VAL A 87 18.99 9.19 -4.74
CA VAL A 87 19.11 9.04 -3.29
C VAL A 87 20.52 8.57 -2.98
N LYS A 88 21.13 9.21 -1.98
CA LYS A 88 22.42 8.83 -1.38
C LYS A 88 23.56 8.81 -2.39
N GLY A 89 23.47 9.64 -3.43
CA GLY A 89 24.53 9.81 -4.39
C GLY A 89 24.27 9.17 -5.74
N GLU A 90 23.51 8.08 -5.78
CA GLU A 90 23.36 7.28 -6.99
C GLU A 90 22.08 7.67 -7.71
N ALA A 91 22.18 7.85 -9.01
CA ALA A 91 21.00 8.21 -9.78
C ALA A 91 20.15 6.97 -10.03
N TYR A 92 18.94 7.21 -10.51
CA TYR A 92 18.00 6.14 -10.86
C TYR A 92 17.19 6.60 -12.06
N ARG A 93 16.10 5.90 -12.32
CA ARG A 93 15.20 6.26 -13.39
C ARG A 93 13.86 5.65 -13.06
N ALA A 94 12.80 6.16 -13.68
CA ALA A 94 11.52 5.49 -13.70
C ALA A 94 10.91 5.76 -15.07
N PHE A 95 10.12 4.81 -15.57
CA PHE A 95 9.58 5.03 -16.94
C PHE A 95 8.19 4.41 -17.07
N TRP A 96 7.15 5.17 -16.71
CA TRP A 96 5.76 4.66 -16.86
C TRP A 96 5.23 5.14 -18.21
N SER A 97 5.07 4.21 -19.15
CA SER A 97 4.59 4.55 -20.51
C SER A 97 3.34 3.73 -20.83
N GLN A 98 2.42 4.29 -21.61
CA GLN A 98 1.20 3.58 -21.94
C GLN A 98 0.77 4.00 -23.33
N ASN A 99 0.55 3.01 -24.18
CA ASN A 99 0.14 3.25 -25.55
C ASN A 99 -1.33 2.98 -25.71
N ARG A 100 -1.84 3.31 -26.89
CA ARG A 100 -3.19 2.94 -27.26
C ARG A 100 -3.14 1.78 -28.25
N ALA A 101 -4.29 1.13 -28.42
CA ALA A 101 -4.38 -0.03 -29.28
C ALA A 101 -4.21 0.37 -30.74
N ARG A 102 -3.23 -0.25 -31.41
CA ARG A 102 -2.88 -0.04 -32.81
C ARG A 102 -2.49 1.40 -33.12
N ASN A 103 -2.01 2.13 -32.10
CA ASN A 103 -1.53 3.51 -32.21
C ASN A 103 -2.58 4.45 -32.77
N GLN A 104 -3.82 4.17 -32.48
CA GLN A 104 -4.89 5.01 -32.97
C GLN A 104 -5.45 5.86 -31.84
N PRO A 105 -5.78 7.12 -32.12
CA PRO A 105 -6.32 7.99 -31.05
C PRO A 105 -7.65 7.55 -30.50
N ASP A 106 -8.42 6.75 -31.24
CA ASP A 106 -9.66 6.17 -30.74
C ASP A 106 -9.49 4.66 -30.73
N GLY A 107 -8.91 4.14 -29.66
CA GLY A 107 -8.70 2.72 -29.56
C GLY A 107 -8.71 2.30 -28.11
N ASN A 108 -8.47 1.01 -27.89
CA ASN A 108 -8.38 0.53 -26.53
C ASN A 108 -7.05 0.92 -25.92
N LEU A 109 -6.95 0.70 -24.61
CA LEU A 109 -5.82 1.19 -23.82
C LEU A 109 -5.09 -0.02 -23.26
N GLN A 110 -3.86 -0.22 -23.72
CA GLN A 110 -3.13 -1.43 -23.42
C GLN A 110 -2.54 -1.38 -22.02
N VAL A 111 -1.85 -2.45 -21.64
CA VAL A 111 -1.23 -2.59 -20.29
C VAL A 111 -0.07 -1.61 -20.15
N PRO A 112 0.03 -0.86 -19.03
CA PRO A 112 1.12 0.10 -18.81
C PRO A 112 2.46 -0.61 -18.62
N ARG A 113 3.55 0.04 -19.06
CA ARG A 113 4.92 -0.52 -18.94
C ARG A 113 5.74 0.34 -17.99
N VAL A 114 6.49 -0.28 -17.07
CA VAL A 114 7.33 0.46 -16.08
C VAL A 114 8.77 -0.06 -16.14
N GLU A 115 9.73 0.71 -15.63
CA GLU A 115 11.14 0.31 -15.63
C GLU A 115 11.80 0.28 -14.25
N LEU A 116 11.89 1.41 -13.55
CA LEU A 116 12.80 1.61 -12.40
C LEU A 116 14.22 1.13 -12.71
N ALA A 117 14.86 1.81 -13.65
CA ALA A 117 16.21 1.47 -14.07
C ALA A 117 17.24 2.30 -13.30
N ARG A 118 18.44 1.75 -13.19
CA ARG A 118 19.57 2.50 -12.67
C ARG A 118 20.24 3.27 -13.80
N CYS A 119 20.78 4.44 -13.46
CA CYS A 119 21.29 5.35 -14.48
C CYS A 119 22.76 5.17 -14.74
N ALA A 120 23.52 4.68 -13.76
CA ALA A 120 24.95 4.49 -13.96
C ALA A 120 25.24 3.26 -14.81
N ASP A 121 24.86 2.09 -14.30
CA ASP A 121 25.14 0.85 -15.01
C ASP A 121 24.19 0.66 -16.19
N GLY A 122 23.06 1.33 -16.17
CA GLY A 122 22.04 1.12 -17.17
C GLY A 122 21.11 -0.02 -16.89
N LYS A 123 21.40 -0.86 -15.90
CA LYS A 123 20.57 -2.02 -15.65
C LYS A 123 19.27 -1.61 -14.99
N ILE A 124 18.26 -2.46 -15.13
CA ILE A 124 16.94 -2.18 -14.59
C ILE A 124 16.70 -3.14 -13.44
N LEU A 125 15.70 -2.82 -12.62
CA LEU A 125 15.49 -3.59 -11.41
C LEU A 125 14.13 -4.22 -11.29
N ALA A 126 13.07 -3.62 -11.84
CA ALA A 126 11.73 -4.16 -11.64
C ALA A 126 10.87 -3.79 -12.84
N ASP A 127 10.72 -4.76 -13.76
CA ASP A 127 9.95 -4.56 -15.04
C ASP A 127 8.44 -4.74 -14.82
N LYS A 128 8.00 -4.95 -13.57
CA LYS A 128 6.59 -5.13 -13.29
C LYS A 128 6.17 -4.17 -12.20
N VAL A 129 4.88 -3.82 -12.18
CA VAL A 129 4.40 -2.73 -11.35
C VAL A 129 4.46 -3.11 -9.87
N LYS A 130 3.97 -4.32 -9.54
CA LYS A 130 3.90 -4.76 -8.16
C LYS A 130 5.27 -4.97 -7.54
N ASP A 131 6.31 -5.08 -8.36
CA ASP A 131 7.67 -5.06 -7.82
C ASP A 131 8.26 -3.65 -7.82
N LYS A 132 7.87 -2.81 -8.78
CA LYS A 132 8.44 -1.48 -8.88
C LYS A 132 8.03 -0.61 -7.71
N LEU A 133 6.77 -0.71 -7.27
CA LEU A 133 6.34 0.09 -6.14
C LEU A 133 7.03 -0.34 -4.85
N GLU A 134 7.17 -1.64 -4.63
CA GLU A 134 7.82 -2.11 -3.41
C GLU A 134 9.34 -2.05 -3.48
N LEU A 135 9.90 -1.78 -4.65
CA LEU A 135 11.34 -1.53 -4.74
C LEU A 135 11.63 -0.04 -4.89
N THR A 136 10.60 0.79 -4.92
CA THR A 136 10.76 2.20 -4.62
C THR A 136 10.55 2.50 -3.14
N ALA A 137 9.75 1.68 -2.47
CA ALA A 137 9.59 1.83 -1.02
C ALA A 137 10.88 1.55 -0.29
N THR A 138 11.61 0.51 -0.71
CA THR A 138 12.94 0.25 -0.18
C THR A 138 13.90 1.37 -0.54
N LEU A 139 13.80 1.88 -1.77
CA LEU A 139 14.81 2.77 -2.30
C LEU A 139 14.71 4.17 -1.69
N THR A 140 13.58 4.84 -1.91
CA THR A 140 13.41 6.17 -1.33
C THR A 140 13.23 6.13 0.17
N GLY A 141 12.71 5.00 0.67
CA GLY A 141 12.42 4.86 2.11
C GLY A 141 11.08 5.48 2.46
N LEU A 142 10.49 6.17 1.48
CA LEU A 142 9.18 6.86 1.63
C LEU A 142 8.18 6.24 0.64
N ASP A 143 7.01 5.82 1.12
CA ASP A 143 5.95 5.22 0.27
C ASP A 143 5.16 6.33 -0.44
N TYR A 144 4.35 5.97 -1.43
CA TYR A 144 3.57 6.99 -2.21
C TYR A 144 2.66 7.77 -1.27
N GLY A 145 2.01 7.10 -0.31
CA GLY A 145 1.12 7.80 0.63
C GLY A 145 1.90 8.81 1.45
N ARG A 146 3.10 8.43 1.89
CA ARG A 146 3.99 9.33 2.67
C ARG A 146 4.42 10.50 1.78
N PHE A 147 4.68 10.23 0.50
CA PHE A 147 5.13 11.26 -0.48
C PHE A 147 4.06 12.34 -0.64
N THR A 148 2.79 11.95 -0.63
CA THR A 148 1.64 12.89 -0.79
C THR A 148 1.60 13.91 0.36
N ARG A 149 1.99 13.52 1.57
CA ARG A 149 1.93 14.51 2.70
C ARG A 149 3.31 14.90 3.24
N SER A 150 4.36 14.08 3.06
CA SER A 150 5.68 14.41 3.63
C SER A 150 6.70 14.94 2.60
N MET A 151 6.30 15.08 1.33
CA MET A 151 7.25 15.59 0.30
C MET A 151 6.54 16.65 -0.55
N LEU A 152 5.77 16.21 -1.55
CA LEU A 152 4.99 17.09 -2.39
C LEU A 152 3.78 17.56 -1.60
N LEU A 153 3.28 18.73 -1.97
CA LEU A 153 2.06 19.27 -1.36
C LEU A 153 1.20 19.82 -2.49
N SER A 154 0.12 19.10 -2.80
CA SER A 154 -0.79 19.49 -3.92
C SER A 154 -1.78 20.63 -3.65
N GLN A 155 -2.35 21.19 -4.73
CA GLN A 155 -3.38 22.27 -4.58
C GLN A 155 -4.61 21.87 -3.77
N GLY A 156 -5.05 22.70 -2.84
CA GLY A 156 -6.19 22.37 -1.95
C GLY A 156 -6.04 21.02 -1.25
N GLN A 157 -4.87 20.77 -0.66
CA GLN A 157 -4.59 19.50 0.06
C GLN A 157 -3.93 19.82 1.39
N PHE A 158 -3.38 21.04 1.51
CA PHE A 158 -2.73 21.48 2.74
C PHE A 158 -3.60 21.22 3.95
N ALA A 159 -4.82 20.74 3.74
CA ALA A 159 -5.64 20.16 4.79
C ALA A 159 -5.45 18.67 4.90
N ALA A 160 -4.35 18.13 4.37
CA ALA A 160 -4.16 16.69 4.32
C ALA A 160 -3.86 16.12 5.69
N PHE A 161 -2.77 16.58 6.30
CA PHE A 161 -2.37 16.02 7.59
C PHE A 161 -3.30 16.49 8.70
N LEU A 162 -3.56 17.79 8.79
CA LEU A 162 -4.20 18.32 9.97
C LEU A 162 -5.71 18.14 9.97
N ASN A 163 -6.31 17.77 8.84
CA ASN A 163 -7.74 17.47 8.81
C ASN A 163 -7.99 16.02 8.40
N ALA A 164 -7.14 15.10 8.85
CA ALA A 164 -7.31 13.71 8.50
C ALA A 164 -8.03 12.96 9.61
N LYS A 165 -8.55 11.79 9.26
CA LYS A 165 -9.04 10.87 10.27
C LYS A 165 -7.87 10.37 11.11
N PRO A 166 -8.07 10.17 12.41
CA PRO A 166 -6.96 9.77 13.27
C PRO A 166 -6.38 8.40 12.95
N LYS A 167 -7.15 7.50 12.34
CA LYS A 167 -6.58 6.26 11.81
C LYS A 167 -5.59 6.54 10.70
N GLU A 168 -5.96 7.46 9.80
CA GLU A 168 -5.12 7.83 8.64
C GLU A 168 -3.78 8.43 9.11
N ARG A 169 -3.85 9.49 9.92
CA ARG A 169 -2.62 10.17 10.41
C ARG A 169 -1.78 9.19 11.22
N ALA A 170 -2.42 8.39 12.08
CA ALA A 170 -1.69 7.42 12.92
C ALA A 170 -0.99 6.40 12.02
N GLU A 171 -1.68 5.94 10.97
CA GLU A 171 -1.09 4.94 10.03
C GLU A 171 0.11 5.57 9.33
N LEU A 172 -0.01 6.84 8.93
CA LEU A 172 1.10 7.55 8.24
C LEU A 172 2.30 7.64 9.20
N LEU A 173 2.04 7.94 10.47
CA LEU A 173 3.09 8.06 11.51
C LEU A 173 3.79 6.70 11.68
N GLU A 174 3.00 5.62 11.67
CA GLU A 174 3.55 4.24 11.88
C GLU A 174 4.29 3.77 10.62
N GLU A 175 4.07 4.43 9.48
CA GLU A 175 4.75 4.01 8.21
C GLU A 175 6.13 4.67 8.11
N LEU A 176 6.33 5.81 8.80
CA LEU A 176 7.61 6.55 8.73
C LEU A 176 8.66 5.89 9.64
N THR A 177 8.35 5.77 10.94
CA THR A 177 9.28 5.22 11.90
C THR A 177 8.53 4.32 12.87
N GLY A 178 9.29 3.60 13.66
CA GLY A 178 8.70 2.57 14.47
C GLY A 178 8.59 1.28 13.68
N THR A 179 7.71 0.41 14.16
CA THR A 179 7.54 -0.90 13.56
C THR A 179 6.06 -1.24 13.47
N GLU A 180 5.72 -2.00 12.42
CA GLU A 180 4.36 -2.41 12.14
C GLU A 180 3.81 -3.43 13.13
N ILE A 181 4.63 -3.92 14.06
CA ILE A 181 4.14 -4.84 15.08
C ILE A 181 3.19 -4.15 16.04
N TYR A 182 3.27 -2.84 16.18
CA TYR A 182 2.47 -2.12 17.16
C TYR A 182 1.01 -2.00 16.77
N GLY A 183 0.63 -2.47 15.59
CA GLY A 183 -0.77 -2.65 15.26
C GLY A 183 -1.03 -4.10 14.91
N GLN A 184 0.04 -4.81 14.53
CA GLN A 184 -0.08 -6.23 14.25
C GLN A 184 -0.46 -7.01 15.49
N ILE A 185 0.01 -6.55 16.65
CA ILE A 185 -0.42 -7.11 17.93
C ILE A 185 -1.92 -6.92 18.12
N SER A 186 -2.43 -5.74 17.72
CA SER A 186 -3.86 -5.49 17.83
C SER A 186 -4.67 -6.39 16.90
N ALA A 187 -4.17 -6.62 15.68
CA ALA A 187 -4.88 -7.48 14.75
C ALA A 187 -4.90 -8.92 15.22
N MET A 188 -3.76 -9.41 15.71
CA MET A 188 -3.67 -10.77 16.22
C MET A 188 -4.53 -10.93 17.47
N VAL A 189 -4.61 -9.90 18.31
CA VAL A 189 -5.42 -10.01 19.51
C VAL A 189 -6.91 -9.98 19.16
N PHE A 190 -7.28 -9.24 18.11
CA PHE A 190 -8.65 -9.30 17.64
C PHE A 190 -8.99 -10.68 17.08
N GLU A 191 -8.00 -11.35 16.46
CA GLU A 191 -8.23 -12.72 16.03
C GLU A 191 -8.36 -13.66 17.23
N GLN A 192 -7.57 -13.42 18.29
CA GLN A 192 -7.68 -14.25 19.50
C GLN A 192 -9.04 -14.10 20.14
N HIS A 193 -9.55 -12.88 20.23
CA HIS A 193 -10.85 -12.67 20.84
C HIS A 193 -11.96 -13.19 19.96
N LYS A 194 -11.82 -13.10 18.63
CA LYS A 194 -12.83 -13.65 17.74
C LYS A 194 -12.88 -15.17 17.85
N SER A 195 -11.72 -15.81 18.01
CA SER A 195 -11.69 -17.26 18.18
C SER A 195 -12.26 -17.67 19.53
N ALA A 196 -11.87 -16.98 20.61
CA ALA A 196 -12.39 -17.33 21.93
C ALA A 196 -13.83 -16.92 22.13
N ARG A 197 -14.40 -16.11 21.24
CA ARG A 197 -15.82 -15.87 21.29
C ARG A 197 -16.58 -16.87 20.45
N THR A 198 -16.03 -17.28 19.32
CA THR A 198 -16.68 -18.32 18.53
C THR A 198 -16.61 -19.68 19.22
N GLU A 199 -15.67 -19.87 20.14
CA GLU A 199 -15.72 -21.05 21.00
C GLU A 199 -16.92 -21.03 21.93
N LEU A 200 -17.12 -19.92 22.64
CA LEU A 200 -18.13 -19.83 23.68
C LEU A 200 -19.53 -19.55 23.13
N GLU A 201 -19.71 -19.59 21.80
CA GLU A 201 -21.07 -19.59 21.27
C GLU A 201 -21.78 -20.89 21.60
N GLN A 875 -13.65 -17.02 33.70
CA GLN A 875 -12.55 -16.17 33.25
C GLN A 875 -12.33 -16.29 31.76
N GLN A 876 -13.21 -17.03 31.09
CA GLN A 876 -13.11 -17.13 29.64
C GLN A 876 -13.48 -15.82 28.95
N VAL A 877 -14.41 -15.06 29.53
CA VAL A 877 -14.58 -13.66 29.14
C VAL A 877 -13.32 -12.88 29.41
N GLU A 878 -12.76 -13.05 30.61
CA GLU A 878 -11.60 -12.32 31.12
C GLU A 878 -10.32 -12.63 30.35
N ASP A 879 -10.32 -13.69 29.54
CA ASP A 879 -9.19 -14.03 28.70
C ASP A 879 -8.87 -12.90 27.73
N TRP A 880 -9.79 -12.60 26.81
CA TRP A 880 -9.60 -11.50 25.87
C TRP A 880 -10.71 -10.45 25.99
N GLY A 881 -11.31 -10.36 27.19
CA GLY A 881 -12.37 -9.38 27.46
C GLY A 881 -11.78 -8.02 27.78
N TYR A 882 -11.03 -7.96 28.88
CA TYR A 882 -10.38 -6.72 29.38
C TYR A 882 -9.27 -6.29 28.42
N LEU A 883 -8.40 -7.22 28.04
CA LEU A 883 -7.27 -6.90 27.12
C LEU A 883 -7.82 -6.40 25.78
N ASN A 884 -8.86 -7.05 25.26
CA ASN A 884 -9.47 -6.65 23.96
C ASN A 884 -10.03 -5.23 24.08
N SER A 885 -10.71 -4.94 25.20
CA SER A 885 -11.30 -3.60 25.42
C SER A 885 -10.18 -2.55 25.51
N LEU A 886 -9.09 -2.91 26.19
CA LEU A 886 -7.92 -2.01 26.40
C LEU A 886 -7.18 -1.81 25.08
N ILE A 887 -6.54 -2.86 24.55
CA ILE A 887 -5.78 -2.68 23.28
C ILE A 887 -6.11 -3.86 22.35
N GLY A 888 -6.83 -3.60 21.26
CA GLY A 888 -7.18 -4.68 20.31
C GLY A 888 -8.37 -4.33 19.43
N SER A 889 -8.13 -4.11 18.14
CA SER A 889 -9.18 -3.81 17.17
C SER A 889 -8.70 -4.29 15.80
N LYS A 890 -9.61 -4.22 14.84
CA LYS A 890 -9.31 -4.69 13.50
C LYS A 890 -8.31 -3.77 12.82
N GLU A 891 -7.34 -4.37 12.15
CA GLU A 891 -6.32 -3.70 11.35
C GLU A 891 -5.45 -2.76 12.17
N GLY A 892 -5.33 -3.01 13.47
CA GLY A 892 -4.45 -2.21 14.30
C GLY A 892 -4.93 -0.80 14.53
N ASP A 893 -6.01 -0.65 15.29
CA ASP A 893 -6.46 0.69 15.62
C ASP A 893 -5.89 1.16 16.95
N LYS A 894 -6.43 0.56 18.01
CA LYS A 894 -6.16 0.94 19.44
C LYS A 894 -4.67 1.08 19.76
N PHE A 895 -3.93 -0.02 19.70
CA PHE A 895 -2.55 -0.01 20.15
C PHE A 895 -1.66 0.76 19.19
N ARG A 896 -2.04 0.84 17.92
CA ARG A 896 -1.30 1.70 16.99
C ARG A 896 -1.47 3.16 17.36
N LYS A 897 -2.65 3.54 17.87
CA LYS A 897 -2.84 4.93 18.27
C LYS A 897 -2.13 5.23 19.57
N PHE A 898 -2.09 4.28 20.50
CA PHE A 898 -1.27 4.51 21.68
C PHE A 898 0.22 4.44 21.37
N ALA A 899 0.60 3.80 20.27
CA ALA A 899 1.98 3.86 19.84
C ALA A 899 2.32 5.22 19.26
N GLN A 900 1.54 5.68 18.28
CA GLN A 900 1.80 6.97 17.65
C GLN A 900 1.52 8.14 18.56
N GLY A 901 0.86 7.92 19.70
CA GLY A 901 0.77 8.94 20.73
C GLY A 901 2.10 9.32 21.38
N LEU A 902 3.19 8.69 21.00
CA LEU A 902 4.51 9.13 21.39
C LEU A 902 5.29 9.73 20.21
N THR A 903 5.10 9.18 19.03
CA THR A 903 5.79 9.69 17.85
C THR A 903 5.26 11.06 17.45
N LEU A 904 3.97 11.30 17.69
CA LEU A 904 3.44 12.65 17.48
C LEU A 904 4.05 13.64 18.47
N ASP A 905 4.25 13.20 19.71
CA ASP A 905 4.87 14.05 20.71
C ASP A 905 6.35 14.26 20.43
N ASN A 906 6.96 13.40 19.64
CA ASN A 906 8.31 13.70 19.16
C ASN A 906 8.27 14.63 17.94
N LEU A 907 7.27 14.46 17.09
CA LEU A 907 7.22 15.21 15.84
C LEU A 907 6.87 16.67 16.08
N VAL A 908 6.12 16.95 17.14
CA VAL A 908 5.67 18.32 17.41
C VAL A 908 6.85 19.23 17.74
N HIS A 909 7.95 18.67 18.24
CA HIS A 909 9.12 19.50 18.52
C HIS A 909 9.80 19.95 17.23
N LEU A 910 9.94 19.05 16.27
CA LEU A 910 10.44 19.44 14.96
C LEU A 910 9.50 20.42 14.28
N ALA A 911 8.20 20.27 14.51
CA ALA A 911 7.24 21.24 14.01
C ALA A 911 7.46 22.61 14.61
N ASN A 912 7.76 22.66 15.91
CA ASN A 912 8.04 23.93 16.57
C ASN A 912 9.30 24.57 16.00
N GLN A 913 10.35 23.77 15.79
CA GLN A 913 11.60 24.34 15.34
C GLN A 913 11.53 24.79 13.89
N GLN A 914 10.75 24.10 13.06
CA GLN A 914 10.50 24.64 11.73
C GLN A 914 9.52 25.80 11.75
N LEU A 915 8.76 25.97 12.83
CA LEU A 915 7.70 26.97 12.83
C LEU A 915 8.18 28.34 13.30
N THR A 916 9.04 28.39 14.32
CA THR A 916 9.39 29.68 14.92
C THR A 916 10.15 30.57 13.96
N ARG A 917 11.01 29.99 13.14
CA ARG A 917 11.63 30.79 12.11
C ARG A 917 10.68 31.10 10.98
N LEU A 918 9.61 30.31 10.82
CA LEU A 918 8.66 30.52 9.75
C LEU A 918 7.57 31.50 10.12
N HIS A 919 6.99 31.32 11.31
CA HIS A 919 5.84 32.14 11.71
C HIS A 919 5.84 32.13 13.24
N GLY A 920 6.33 33.21 13.83
CA GLY A 920 6.51 33.23 15.27
C GLY A 920 5.29 33.43 16.13
N ARG A 921 4.11 33.55 15.54
CA ARG A 921 2.93 33.84 16.40
C ARG A 921 2.42 32.59 17.11
N TYR A 922 2.72 31.39 16.59
CA TYR A 922 2.08 30.19 17.10
C TYR A 922 3.12 29.15 17.44
N LEU A 923 2.80 28.34 18.46
CA LEU A 923 3.52 27.11 18.75
C LEU A 923 2.53 25.97 18.69
N LEU A 924 3.04 24.76 18.50
CA LEU A 924 2.21 23.58 18.50
C LEU A 924 2.43 22.79 19.79
N GLN A 925 1.49 21.90 20.06
CA GLN A 925 1.53 21.07 21.26
C GLN A 925 0.64 19.87 20.99
N ARG A 926 1.09 18.68 21.38
CA ARG A 926 0.20 17.53 21.30
C ARG A 926 -0.87 17.66 22.37
N LYS A 927 -2.13 17.58 21.97
CA LYS A 927 -3.19 17.57 22.96
C LYS A 927 -3.26 16.21 23.63
N ALA A 928 -3.37 16.23 24.95
CA ALA A 928 -3.47 15.01 25.75
C ALA A 928 -4.85 14.41 25.53
N SER A 929 -4.97 13.59 24.48
CA SER A 929 -6.24 12.96 24.14
C SER A 929 -5.97 11.63 23.46
N GLU A 930 -7.02 10.83 23.32
CA GLU A 930 -6.89 9.49 22.77
C GLU A 930 -6.76 9.51 21.25
N ALA A 931 -7.29 10.53 20.60
CA ALA A 931 -7.12 10.71 19.16
C ALA A 931 -6.10 11.82 18.97
N LEU A 932 -4.98 11.47 18.34
CA LEU A 932 -3.81 12.33 18.31
C LEU A 932 -4.07 13.55 17.44
N GLU A 933 -4.17 14.71 18.09
CA GLU A 933 -4.54 15.94 17.41
C GLU A 933 -3.59 17.02 17.88
N VAL A 934 -2.94 17.69 16.94
CA VAL A 934 -2.01 18.75 17.26
C VAL A 934 -2.80 19.96 17.72
N GLU A 935 -2.17 20.86 18.47
CA GLU A 935 -2.90 21.92 19.13
C GLU A 935 -2.06 23.17 19.15
N VAL A 936 -2.65 24.28 18.76
CA VAL A 936 -1.93 25.54 18.64
C VAL A 936 -1.76 26.16 20.01
N VAL A 937 -0.57 26.69 20.29
CA VAL A 937 -0.28 27.43 21.50
C VAL A 937 -0.14 28.89 21.10
N ASP A 938 -0.99 29.73 21.68
CA ASP A 938 -1.12 31.12 21.24
C ASP A 938 -0.23 32.00 22.09
N THR A 939 0.90 32.44 21.51
CA THR A 939 1.81 33.29 22.28
C THR A 939 1.29 34.73 22.40
N TRP A 940 0.58 35.23 21.39
CA TRP A 940 0.10 36.59 21.48
C TRP A 940 -1.15 36.73 22.33
N GLN A 941 -1.69 35.64 22.86
CA GLN A 941 -2.78 35.70 23.81
C GLN A 941 -2.41 35.01 25.11
N ALA A 942 -1.11 35.01 25.42
CA ALA A 942 -0.54 34.55 26.68
C ALA A 942 -0.86 33.08 26.95
N ASP A 943 -0.33 32.24 26.07
CA ASP A 943 -0.43 30.77 26.15
C ASP A 943 -1.88 30.31 26.14
N ALA A 944 -2.66 30.85 25.21
CA ALA A 944 -4.01 30.36 25.00
C ALA A 944 -3.96 29.07 24.20
N VAL A 945 -4.79 28.12 24.59
CA VAL A 945 -4.88 26.84 23.91
C VAL A 945 -6.18 26.81 23.11
N ARG A 946 -6.11 26.31 21.89
CA ARG A 946 -7.23 26.33 20.97
C ARG A 946 -7.05 25.24 19.94
N ASP A 947 -8.15 24.72 19.43
CA ASP A 947 -8.07 23.57 18.55
C ASP A 947 -7.57 23.98 17.17
N THR A 948 -7.02 23.00 16.46
CA THR A 948 -6.28 23.25 15.24
C THR A 948 -7.16 23.53 14.03
N ARG A 949 -8.45 23.20 14.08
CA ARG A 949 -9.29 23.55 12.95
C ARG A 949 -9.63 25.03 12.97
N THR A 950 -9.56 25.66 14.15
CA THR A 950 -9.84 27.07 14.28
C THR A 950 -8.62 27.91 13.91
N LEU A 951 -8.19 27.76 12.68
CA LEU A 951 -7.06 28.51 12.17
C LEU A 951 -7.47 29.20 10.87
N SER A 952 -6.82 30.33 10.60
CA SER A 952 -7.07 31.02 9.36
C SER A 952 -6.48 30.24 8.19
N GLY A 953 -6.77 30.73 6.98
CA GLY A 953 -6.24 30.07 5.80
C GLY A 953 -4.72 30.16 5.71
N GLY A 954 -4.19 31.36 5.96
CA GLY A 954 -2.75 31.53 5.93
C GLY A 954 -2.06 30.78 7.05
N GLU A 955 -2.67 30.76 8.23
CA GLU A 955 -2.08 30.02 9.35
C GLU A 955 -2.13 28.52 9.10
N SER A 956 -3.21 28.03 8.50
CA SER A 956 -3.31 26.60 8.22
C SER A 956 -2.32 26.20 7.15
N PHE A 957 -2.11 27.05 6.15
CA PHE A 957 -1.12 26.75 5.13
C PHE A 957 0.29 26.75 5.71
N LEU A 958 0.60 27.72 6.58
CA LEU A 958 1.94 27.78 7.13
C LEU A 958 2.18 26.68 8.15
N VAL A 959 1.16 26.32 8.92
CA VAL A 959 1.34 25.25 9.89
C VAL A 959 1.41 23.90 9.20
N SER A 960 0.68 23.73 8.09
CA SER A 960 0.80 22.48 7.35
C SER A 960 2.14 22.38 6.64
N LEU A 961 2.66 23.50 6.15
CA LEU A 961 4.01 23.52 5.60
C LEU A 961 5.05 23.16 6.66
N ALA A 962 4.90 23.72 7.86
CA ALA A 962 5.81 23.40 8.94
C ALA A 962 5.70 21.95 9.35
N LEU A 963 4.48 21.42 9.38
CA LEU A 963 4.29 20.04 9.80
C LEU A 963 4.80 19.06 8.75
N ALA A 964 4.65 19.39 7.47
CA ALA A 964 5.19 18.52 6.43
C ALA A 964 6.71 18.59 6.37
N LEU A 965 7.27 19.78 6.59
CA LEU A 965 8.73 19.89 6.58
C LEU A 965 9.33 19.15 7.76
N ALA A 966 8.68 19.22 8.91
CA ALA A 966 9.11 18.42 10.06
C ALA A 966 8.90 16.95 9.79
N LEU A 967 7.85 16.59 9.06
CA LEU A 967 7.54 15.20 8.78
C LEU A 967 8.55 14.60 7.84
N SER A 968 9.08 15.40 6.92
CA SER A 968 10.18 14.94 6.09
C SER A 968 11.47 14.87 6.90
N ASP A 969 11.67 15.81 7.80
CA ASP A 969 12.89 15.78 8.59
C ASP A 969 12.82 14.83 9.78
N LEU A 970 11.76 14.03 9.90
CA LEU A 970 11.75 12.99 10.91
C LEU A 970 12.49 11.75 10.42
N VAL A 971 12.29 11.37 9.17
CA VAL A 971 13.00 10.23 8.59
C VAL A 971 14.23 10.70 7.82
N SER A 972 14.73 11.91 8.09
CA SER A 972 15.94 12.38 7.43
C SER A 972 17.16 11.61 7.91
N HIS A 973 17.11 11.04 9.11
CA HIS A 973 18.23 10.25 9.61
C HIS A 973 18.40 8.96 8.81
N LYS A 974 17.30 8.34 8.42
CA LYS A 974 17.40 7.16 7.57
C LYS A 974 17.71 7.56 6.15
N THR A 975 16.79 8.27 5.51
CA THR A 975 16.89 8.62 4.11
C THR A 975 16.87 10.13 3.99
N ARG A 976 17.83 10.68 3.26
CA ARG A 976 17.83 12.11 2.98
C ARG A 976 16.69 12.43 2.01
N ILE A 977 15.86 13.40 2.37
CA ILE A 977 14.74 13.83 1.53
C ILE A 977 15.00 15.28 1.17
N ASP A 978 15.52 15.51 -0.04
CA ASP A 978 16.12 16.79 -0.41
C ASP A 978 15.23 17.60 -1.34
N SER A 979 13.93 17.35 -1.38
CA SER A 979 13.09 18.11 -2.30
C SER A 979 11.73 18.36 -1.69
N LEU A 980 11.12 19.49 -2.08
CA LEU A 980 9.83 19.86 -1.52
C LEU A 980 9.11 20.74 -2.54
N PHE A 981 8.19 20.14 -3.29
CA PHE A 981 7.34 20.89 -4.20
C PHE A 981 6.03 21.22 -3.52
N LEU A 982 5.50 22.40 -3.79
CA LEU A 982 4.23 22.80 -3.20
C LEU A 982 3.53 23.81 -4.10
N ASP A 983 2.22 23.63 -4.25
CA ASP A 983 1.40 24.44 -5.13
C ASP A 983 0.75 25.58 -4.36
N GLU A 984 -0.27 26.20 -4.96
CA GLU A 984 -0.89 27.46 -4.52
C GLU A 984 -1.40 27.45 -3.09
N GLY A 985 -0.75 28.23 -2.24
CA GLY A 985 -1.28 28.58 -0.93
C GLY A 985 -0.85 29.99 -0.61
N PHE A 986 -0.28 30.66 -1.60
CA PHE A 986 0.32 31.96 -1.40
C PHE A 986 -0.59 33.12 -1.79
N GLY A 987 -1.60 32.87 -2.62
CA GLY A 987 -2.73 33.77 -2.64
C GLY A 987 -3.46 33.79 -1.31
N THR A 988 -3.44 32.66 -0.60
CA THR A 988 -4.07 32.57 0.70
C THR A 988 -3.29 33.37 1.75
N LEU A 989 -1.98 33.48 1.61
CA LEU A 989 -1.18 34.15 2.62
C LEU A 989 -1.27 35.67 2.51
N ASP A 990 -0.72 36.32 3.52
CA ASP A 990 -0.73 37.77 3.68
C ASP A 990 0.49 38.38 2.99
N SER A 991 0.29 39.53 2.35
CA SER A 991 1.32 40.13 1.51
C SER A 991 2.46 40.78 2.30
N GLU A 992 2.35 40.89 3.62
CA GLU A 992 3.46 41.38 4.43
C GLU A 992 4.26 40.25 5.07
N THR A 993 3.56 39.29 5.68
CA THR A 993 4.22 38.14 6.28
C THR A 993 4.63 37.08 5.27
N LEU A 994 4.21 37.24 4.01
CA LEU A 994 4.68 36.37 2.95
C LEU A 994 6.16 36.57 2.72
N ASP A 995 6.66 37.78 2.93
CA ASP A 995 8.09 38.02 2.82
C ASP A 995 8.85 37.33 3.94
N THR A 996 8.27 37.29 5.15
CA THR A 996 8.87 36.54 6.24
C THR A 996 8.86 35.05 5.95
N ALA A 997 7.75 34.56 5.40
CA ALA A 997 7.65 33.14 5.06
C ALA A 997 8.61 32.75 3.96
N LEU A 998 8.79 33.63 2.96
CA LEU A 998 9.72 33.34 1.88
C LEU A 998 11.16 33.43 2.32
N ASP A 999 11.48 34.36 3.23
CA ASP A 999 12.83 34.42 3.77
C ASP A 999 13.12 33.21 4.66
N ALA A 1000 12.12 32.71 5.37
CA ALA A 1000 12.31 31.49 6.13
C ALA A 1000 12.44 30.28 5.22
N LEU A 1001 11.75 30.31 4.09
CA LEU A 1001 11.86 29.24 3.11
C LEU A 1001 13.25 29.22 2.49
N ASP A 1002 13.78 30.40 2.16
CA ASP A 1002 15.15 30.50 1.67
C ASP A 1002 16.16 30.14 2.74
N ALA A 1003 15.82 30.36 4.01
CA ALA A 1003 16.66 29.86 5.08
C ALA A 1003 16.64 28.34 5.13
N LEU A 1004 15.52 27.73 4.75
CA LEU A 1004 15.52 26.28 4.57
C LEU A 1004 16.23 25.86 3.30
N ASN A 1005 16.49 26.80 2.39
CA ASN A 1005 17.31 26.50 1.23
C ASN A 1005 18.80 26.60 1.52
N ALA A 1006 19.18 26.88 2.77
CA ALA A 1006 20.57 26.74 3.18
C ALA A 1006 20.98 25.30 3.33
N SER A 1007 20.03 24.38 3.38
CA SER A 1007 20.31 22.97 3.15
C SER A 1007 20.19 22.70 1.65
N GLY A 1008 20.32 21.44 1.25
CA GLY A 1008 20.18 21.10 -0.14
C GLY A 1008 18.77 20.88 -0.63
N LYS A 1009 17.77 21.27 0.16
CA LYS A 1009 16.37 21.06 -0.20
C LYS A 1009 16.00 21.98 -1.36
N THR A 1010 15.92 21.40 -2.55
CA THR A 1010 15.47 22.13 -3.72
C THR A 1010 13.95 22.25 -3.63
N ILE A 1011 13.46 23.47 -3.50
CA ILE A 1011 12.08 23.72 -3.11
C ILE A 1011 11.35 24.31 -4.32
N GLY A 1012 10.53 23.51 -4.97
CA GLY A 1012 9.72 23.99 -6.07
C GLY A 1012 8.45 24.65 -5.54
N VAL A 1013 8.11 25.78 -6.14
CA VAL A 1013 6.96 26.56 -5.70
C VAL A 1013 6.16 26.95 -6.93
N ILE A 1014 4.86 26.69 -6.93
CA ILE A 1014 3.99 27.07 -8.03
C ILE A 1014 2.85 27.89 -7.45
N SER A 1015 2.79 29.16 -7.82
CA SER A 1015 1.71 30.04 -7.40
C SER A 1015 1.63 31.20 -8.37
N HIS A 1016 0.90 32.24 -7.97
CA HIS A 1016 0.54 33.33 -8.85
C HIS A 1016 0.84 34.69 -8.25
N VAL A 1017 1.46 34.75 -7.07
CA VAL A 1017 1.73 36.01 -6.42
C VAL A 1017 2.85 36.73 -7.16
N GLU A 1018 2.54 37.91 -7.69
CA GLU A 1018 3.46 38.61 -8.57
C GLU A 1018 4.67 39.15 -7.83
N ALA A 1019 4.50 39.52 -6.56
CA ALA A 1019 5.64 39.92 -5.77
C ALA A 1019 6.51 38.73 -5.42
N MET A 1020 5.90 37.55 -5.24
CA MET A 1020 6.66 36.35 -4.95
C MET A 1020 7.46 35.90 -6.16
N LYS A 1021 6.85 35.98 -7.35
CA LYS A 1021 7.58 35.61 -8.56
C LYS A 1021 8.59 36.66 -8.97
N GLU A 1022 8.54 37.86 -8.38
CA GLU A 1022 9.67 38.77 -8.49
C GLU A 1022 10.80 38.35 -7.56
N ARG A 1023 10.45 37.73 -6.42
CA ARG A 1023 11.48 37.27 -5.49
C ARG A 1023 12.16 36.01 -6.00
N ILE A 1024 11.40 35.13 -6.64
CA ILE A 1024 11.92 33.86 -7.13
C ILE A 1024 12.49 34.08 -8.53
N PRO A 1025 13.78 33.92 -8.74
CA PRO A 1025 14.36 34.19 -10.05
C PRO A 1025 14.08 33.12 -11.09
N VAL A 1026 14.18 31.86 -10.70
CA VAL A 1026 14.24 30.75 -11.64
C VAL A 1026 12.82 30.41 -12.06
N GLN A 1027 12.42 30.84 -13.25
CA GLN A 1027 11.04 30.72 -13.70
C GLN A 1027 10.98 29.76 -14.88
N ILE A 1028 10.18 28.70 -14.72
CA ILE A 1028 9.85 27.82 -15.83
C ILE A 1028 8.55 28.35 -16.41
N LYS A 1029 8.67 29.23 -17.40
CA LYS A 1029 7.50 29.87 -17.97
C LYS A 1029 6.73 28.90 -18.86
N VAL A 1030 5.40 28.90 -18.72
CA VAL A 1030 4.53 28.01 -19.46
C VAL A 1030 3.59 28.86 -20.28
N LYS A 1031 3.83 28.90 -21.59
CA LYS A 1031 3.01 29.69 -22.49
C LYS A 1031 1.80 28.87 -22.94
N LYS A 1032 0.61 29.44 -22.72
CA LYS A 1032 -0.64 28.79 -23.17
C LYS A 1032 -0.76 29.05 -24.68
N ILE A 1033 -1.27 28.09 -25.44
CA ILE A 1033 -1.42 28.22 -26.93
C ILE A 1033 -2.52 29.23 -27.26
N ASN A 1034 -2.44 29.85 -28.43
CA ASN A 1034 -3.41 30.90 -28.85
C ASN A 1034 -4.69 30.28 -29.46
N GLY A 1035 -5.54 29.69 -28.61
CA GLY A 1035 -6.82 29.11 -29.08
C GLY A 1035 -6.64 27.73 -29.68
N LEU A 1036 -5.40 27.24 -29.76
CA LEU A 1036 -5.13 25.88 -30.31
C LEU A 1036 -5.83 24.83 -29.43
N GLY A 1037 -5.78 25.03 -28.11
CA GLY A 1037 -6.41 24.10 -27.15
C GLY A 1037 -5.35 23.30 -26.39
N TYR A 1038 -4.08 23.68 -26.57
CA TYR A 1038 -2.98 22.98 -25.91
C TYR A 1038 -2.15 24.02 -25.16
N SER A 1039 -0.95 23.61 -24.75
CA SER A 1039 -0.01 24.52 -24.14
C SER A 1039 1.37 24.18 -24.67
N LYS A 1040 2.38 24.91 -24.22
CA LYS A 1040 3.72 24.75 -24.75
C LYS A 1040 4.70 24.87 -23.59
N LEU A 1041 5.98 25.00 -23.93
CA LEU A 1041 7.02 25.33 -22.98
C LEU A 1041 8.14 26.00 -23.78
N GLU A 1042 9.27 26.26 -23.14
CA GLU A 1042 10.37 26.93 -23.81
C GLU A 1042 11.11 25.98 -24.75
N SER A 1043 11.87 26.57 -25.66
CA SER A 1043 12.65 25.81 -26.63
C SER A 1043 13.83 25.09 -26.00
N THR A 1044 14.25 25.50 -24.80
CA THR A 1044 15.32 24.81 -24.12
C THR A 1044 14.87 23.45 -23.60
N PHE A 1045 13.62 23.34 -23.20
CA PHE A 1045 13.08 22.12 -22.63
C PHE A 1045 12.32 21.27 -23.64
N ALA A 1046 12.11 21.78 -24.85
CA ALA A 1046 11.42 21.02 -25.88
C ALA A 1046 12.33 19.92 -26.42
N VAL A 1047 11.70 18.89 -26.96
CA VAL A 1047 12.43 17.76 -27.52
C VAL A 1047 11.58 17.11 -28.60
N MET B 1 -33.95 36.16 1.60
CA MET B 1 -32.73 35.44 1.94
C MET B 1 -31.54 36.36 1.86
N LYS B 2 -31.73 37.51 1.21
CA LYS B 2 -30.74 38.56 1.28
C LYS B 2 -30.67 39.07 2.71
N ILE B 3 -29.46 39.03 3.28
CA ILE B 3 -29.26 39.53 4.63
C ILE B 3 -29.41 41.04 4.62
N LEU B 4 -30.12 41.58 5.62
CA LEU B 4 -30.19 43.02 5.75
C LEU B 4 -29.20 43.57 6.76
N SER B 5 -28.95 42.86 7.86
CA SER B 5 -28.05 43.36 8.88
C SER B 5 -27.52 42.19 9.70
N LEU B 6 -26.35 42.42 10.27
CA LEU B 6 -25.64 41.43 11.07
C LEU B 6 -25.06 42.14 12.27
N ARG B 7 -25.08 41.49 13.42
CA ARG B 7 -24.59 42.12 14.64
C ARG B 7 -23.97 41.02 15.50
N LEU B 8 -22.67 41.04 15.65
CA LEU B 8 -21.98 40.03 16.41
C LEU B 8 -21.19 40.67 17.54
N LYS B 9 -20.73 39.81 18.44
CA LYS B 9 -20.05 40.26 19.63
C LYS B 9 -19.16 39.13 20.12
N ASN B 10 -17.84 39.32 19.94
CA ASN B 10 -16.76 38.36 20.30
C ASN B 10 -16.80 37.11 19.40
N LEU B 11 -16.89 37.29 18.08
CA LEU B 11 -16.94 36.16 17.11
C LEU B 11 -15.63 35.35 17.06
N ASN B 12 -14.48 36.04 17.01
CA ASN B 12 -13.13 35.39 16.92
C ASN B 12 -12.07 36.45 17.23
N SER B 13 -11.99 37.49 16.40
CA SER B 13 -11.15 38.64 16.62
C SER B 13 -11.96 39.90 16.40
N LEU B 14 -13.27 39.79 16.28
CA LEU B 14 -14.13 40.96 16.18
C LEU B 14 -14.71 41.29 17.56
N LYS B 15 -13.82 41.62 18.48
CA LYS B 15 -14.23 41.88 19.85
C LYS B 15 -14.96 43.22 19.94
N GLY B 16 -16.08 43.23 20.65
CA GLY B 16 -16.73 44.48 20.98
C GLY B 16 -17.92 44.90 20.14
N GLU B 17 -18.86 43.97 19.91
CA GLU B 17 -20.21 44.27 19.42
C GLU B 17 -20.20 44.95 18.05
N TRP B 18 -19.52 44.33 17.11
CA TRP B 18 -19.42 44.88 15.77
C TRP B 18 -20.68 44.53 14.99
N LYS B 19 -21.28 45.54 14.39
CA LYS B 19 -22.45 45.28 13.57
C LYS B 19 -22.25 45.94 12.21
N ILE B 20 -22.89 45.34 11.21
CA ILE B 20 -23.01 45.93 9.88
C ILE B 20 -24.48 45.85 9.48
N ASP B 21 -24.83 46.65 8.50
CA ASP B 21 -26.15 46.50 7.92
C ASP B 21 -26.01 46.69 6.43
N PHE B 22 -26.86 46.03 5.68
CA PHE B 22 -26.86 46.18 4.24
C PHE B 22 -27.94 47.14 3.78
N THR B 23 -28.69 47.72 4.71
CA THR B 23 -29.55 48.85 4.44
C THR B 23 -28.78 50.17 4.44
N ARG B 24 -27.51 50.15 4.81
CA ARG B 24 -26.66 51.33 4.76
C ARG B 24 -26.45 51.79 3.32
N GLU B 25 -26.16 53.08 3.18
CA GLU B 25 -25.97 53.71 1.88
C GLU B 25 -24.91 53.06 0.98
N PRO B 26 -23.72 52.65 1.45
CA PRO B 26 -22.82 51.95 0.51
C PRO B 26 -23.33 50.60 0.06
N PHE B 27 -24.12 49.92 0.89
CA PHE B 27 -24.72 48.68 0.44
C PHE B 27 -26.06 48.90 -0.26
N ALA B 28 -26.72 50.04 -0.04
CA ALA B 28 -27.98 50.32 -0.70
C ALA B 28 -27.82 50.69 -2.16
N SER B 29 -26.59 50.91 -2.62
CA SER B 29 -26.35 51.33 -3.99
C SER B 29 -26.63 50.21 -4.98
N ASN B 30 -25.83 49.14 -4.92
CA ASN B 30 -26.00 48.02 -5.85
C ASN B 30 -26.27 46.71 -5.14
N GLY B 31 -25.42 46.31 -4.23
CA GLY B 31 -25.44 44.98 -3.67
C GLY B 31 -24.23 44.11 -3.98
N LEU B 32 -23.11 44.69 -4.40
CA LEU B 32 -21.88 43.95 -4.63
C LEU B 32 -20.79 44.56 -3.76
N PHE B 33 -20.25 43.76 -2.85
CA PHE B 33 -19.30 44.28 -1.88
C PHE B 33 -18.14 43.32 -1.74
N ALA B 34 -16.98 43.88 -1.45
CA ALA B 34 -15.78 43.09 -1.22
C ALA B 34 -15.32 43.27 0.22
N ILE B 35 -14.40 42.43 0.64
CA ILE B 35 -13.74 42.52 1.93
C ILE B 35 -12.26 42.25 1.70
N THR B 36 -11.40 43.08 2.28
CA THR B 36 -9.97 42.80 2.21
C THR B 36 -9.33 42.96 3.57
N GLY B 37 -8.01 42.92 3.63
CA GLY B 37 -7.29 43.05 4.87
C GLY B 37 -6.22 41.99 5.01
N PRO B 38 -5.43 42.07 6.07
CA PRO B 38 -4.47 41.00 6.34
C PRO B 38 -5.19 39.72 6.75
N THR B 39 -4.50 38.60 6.52
CA THR B 39 -5.09 37.30 6.74
C THR B 39 -5.22 37.03 8.23
N GLY B 40 -6.28 36.33 8.61
CA GLY B 40 -6.55 36.11 10.01
C GLY B 40 -7.16 37.29 10.72
N ALA B 41 -7.63 38.28 10.00
CA ALA B 41 -8.30 39.40 10.63
C ALA B 41 -9.78 39.17 10.82
N GLY B 42 -10.28 38.00 10.47
CA GLY B 42 -11.66 37.65 10.71
C GLY B 42 -12.60 37.80 9.54
N LYS B 43 -12.10 37.77 8.30
CA LYS B 43 -13.00 37.87 7.16
C LYS B 43 -13.87 36.63 7.04
N THR B 44 -13.28 35.46 7.22
CA THR B 44 -14.07 34.24 7.32
C THR B 44 -14.95 34.26 8.55
N THR B 45 -14.53 34.93 9.63
CA THR B 45 -15.39 35.08 10.79
C THR B 45 -16.58 35.97 10.48
N LEU B 46 -16.36 37.04 9.72
CA LEU B 46 -17.45 37.93 9.33
C LEU B 46 -18.43 37.23 8.42
N LEU B 47 -17.93 36.35 7.57
CA LEU B 47 -18.85 35.58 6.75
C LEU B 47 -19.36 34.35 7.49
N ASP B 48 -18.83 34.09 8.66
CA ASP B 48 -19.16 32.91 9.44
C ASP B 48 -20.25 33.18 10.48
N ALA B 49 -20.34 34.44 10.92
CA ALA B 49 -21.32 34.78 11.94
C ALA B 49 -22.73 34.58 11.44
N ILE B 50 -22.95 34.78 10.14
CA ILE B 50 -24.31 34.66 9.60
C ILE B 50 -24.74 33.20 9.57
N CYS B 51 -23.87 32.29 9.13
CA CYS B 51 -24.26 30.89 9.15
C CYS B 51 -24.29 30.31 10.54
N LEU B 52 -23.49 30.87 11.46
CA LEU B 52 -23.62 30.51 12.87
C LEU B 52 -24.99 30.90 13.40
N ALA B 53 -25.46 32.08 13.04
CA ALA B 53 -26.72 32.54 13.58
C ALA B 53 -27.89 31.81 12.95
N LEU B 54 -27.84 31.55 11.65
CA LEU B 54 -28.95 30.87 11.02
C LEU B 54 -28.97 29.36 11.27
N TYR B 55 -27.85 28.73 11.64
CA TYR B 55 -27.90 27.29 11.76
C TYR B 55 -27.16 26.66 12.92
N HIS B 56 -26.47 27.44 13.76
CA HIS B 56 -25.59 26.96 14.84
C HIS B 56 -24.56 25.96 14.31
N GLU B 57 -23.93 26.33 13.20
CA GLU B 57 -22.96 25.47 12.56
C GLU B 57 -22.13 26.32 11.62
N THR B 58 -20.84 26.06 11.58
CA THR B 58 -19.93 26.83 10.75
C THR B 58 -19.26 25.91 9.74
N PRO B 59 -18.71 26.44 8.66
CA PRO B 59 -17.85 25.61 7.81
C PRO B 59 -16.56 25.21 8.50
N ARG B 60 -15.98 26.08 9.31
CA ARG B 60 -14.73 25.74 9.96
C ARG B 60 -14.95 24.74 11.08
N LEU B 61 -15.77 25.08 12.06
CA LEU B 61 -16.00 24.20 13.18
C LEU B 61 -17.00 23.12 12.80
N SER B 62 -17.45 22.39 13.76
CA SER B 62 -18.41 21.31 13.56
C SER B 62 -19.73 21.58 14.24
N ASN B 63 -19.72 21.85 15.54
CA ASN B 63 -20.96 22.06 16.28
C ASN B 63 -20.67 22.92 17.49
N VAL B 64 -21.32 24.06 17.56
CA VAL B 64 -21.10 24.97 18.67
C VAL B 64 -22.26 24.83 19.62
N SER B 65 -22.16 23.88 20.53
CA SER B 65 -23.16 23.59 21.53
C SER B 65 -22.63 23.93 22.92
N GLN B 66 -23.35 23.45 23.94
CA GLN B 66 -22.98 23.65 25.34
C GLN B 66 -21.54 23.23 25.62
N SER B 67 -21.10 22.14 25.04
CA SER B 67 -19.68 21.84 25.13
C SER B 67 -18.97 22.30 23.86
N GLN B 68 -17.67 22.59 24.02
CA GLN B 68 -16.74 22.85 22.94
C GLN B 68 -17.15 24.04 22.08
N ASN B 69 -17.40 25.17 22.71
CA ASN B 69 -17.53 26.42 21.98
C ASN B 69 -16.11 26.86 21.67
N ASP B 70 -15.59 26.38 20.56
CA ASP B 70 -14.29 26.86 20.12
C ASP B 70 -14.37 28.23 19.46
N LEU B 71 -15.56 28.76 19.22
CA LEU B 71 -15.68 30.00 18.47
C LEU B 71 -15.17 31.17 19.29
N MET B 72 -15.82 31.43 20.43
CA MET B 72 -15.71 32.61 21.30
C MET B 72 -14.29 33.13 21.48
N THR B 73 -14.12 34.44 21.31
CA THR B 73 -12.83 35.10 21.44
C THR B 73 -12.23 34.82 22.81
N ARG B 74 -10.92 34.59 22.84
CA ARG B 74 -10.23 34.10 24.02
C ARG B 74 -10.34 35.08 25.18
N ASP B 75 -10.76 34.55 26.33
CA ASP B 75 -10.96 35.28 27.58
C ASP B 75 -11.98 36.41 27.40
N THR B 76 -13.21 35.99 27.11
CA THR B 76 -14.37 36.84 27.28
C THR B 76 -15.52 35.97 27.74
N ALA B 77 -16.61 36.62 28.13
CA ALA B 77 -17.65 35.90 28.84
C ALA B 77 -18.80 35.47 27.95
N GLU B 78 -19.18 36.30 26.98
CA GLU B 78 -20.32 35.98 26.14
C GLU B 78 -19.97 36.26 24.70
N CYS B 79 -20.53 35.45 23.83
CA CYS B 79 -20.42 35.64 22.39
C CYS B 79 -21.82 35.55 21.81
N LEU B 80 -22.14 36.43 20.88
CA LEU B 80 -23.48 36.36 20.30
C LEU B 80 -23.48 36.87 18.88
N ALA B 81 -24.22 36.18 18.03
CA ALA B 81 -24.39 36.57 16.65
C ALA B 81 -25.88 36.68 16.34
N GLU B 82 -26.25 37.74 15.66
CA GLU B 82 -27.65 38.09 15.48
C GLU B 82 -27.81 38.64 14.08
N VAL B 83 -28.87 38.26 13.39
CA VAL B 83 -29.06 38.66 12.00
C VAL B 83 -30.49 39.07 11.77
N GLU B 84 -30.68 40.10 10.96
CA GLU B 84 -31.99 40.45 10.44
C GLU B 84 -31.94 40.34 8.93
N PHE B 85 -32.83 39.52 8.39
CA PHE B 85 -32.82 39.17 6.98
C PHE B 85 -34.26 39.19 6.49
N GLU B 86 -34.44 38.81 5.23
CA GLU B 86 -35.77 38.84 4.61
C GLU B 86 -36.06 37.51 3.95
N VAL B 87 -37.35 37.19 3.87
CA VAL B 87 -37.88 36.20 2.94
C VAL B 87 -39.21 36.73 2.45
N LYS B 88 -39.45 36.59 1.14
CA LYS B 88 -40.72 36.91 0.47
C LYS B 88 -41.17 38.36 0.68
N GLY B 89 -40.24 39.26 0.97
CA GLY B 89 -40.56 40.64 1.22
C GLY B 89 -40.55 41.03 2.69
N GLU B 90 -40.77 40.09 3.60
CA GLU B 90 -40.88 40.44 5.01
C GLU B 90 -39.67 39.93 5.79
N ALA B 91 -39.40 40.60 6.91
CA ALA B 91 -38.14 40.46 7.62
C ALA B 91 -38.29 39.52 8.81
N TYR B 92 -37.16 38.91 9.17
CA TYR B 92 -37.06 38.05 10.34
C TYR B 92 -35.72 38.29 10.99
N ARG B 93 -35.54 37.69 12.16
CA ARG B 93 -34.33 37.93 12.94
C ARG B 93 -34.00 36.67 13.71
N ALA B 94 -32.78 36.20 13.56
CA ALA B 94 -32.26 35.08 14.33
C ALA B 94 -31.22 35.59 15.31
N PHE B 95 -31.15 34.96 16.48
CA PHE B 95 -30.30 35.50 17.54
C PHE B 95 -29.75 34.34 18.35
N TRP B 96 -28.44 34.11 18.24
CA TRP B 96 -27.74 33.04 18.94
C TRP B 96 -26.77 33.67 19.92
N SER B 97 -26.68 33.11 21.12
CA SER B 97 -25.91 33.75 22.16
C SER B 97 -25.44 32.71 23.16
N GLN B 98 -24.32 32.98 23.81
CA GLN B 98 -23.69 32.00 24.67
C GLN B 98 -22.92 32.74 25.73
N ASN B 99 -23.05 32.30 26.97
CA ASN B 99 -22.34 32.87 28.10
C ASN B 99 -21.27 31.90 28.58
N ARG B 100 -20.37 32.41 29.40
CA ARG B 100 -19.53 31.57 30.24
C ARG B 100 -20.28 31.29 31.54
N ALA B 101 -19.59 30.80 32.56
CA ALA B 101 -20.23 30.46 33.84
C ALA B 101 -20.83 31.67 34.56
N ARG B 102 -19.99 32.57 35.04
CA ARG B 102 -20.41 33.62 35.96
C ARG B 102 -19.86 34.96 35.52
N ASN B 103 -20.02 35.25 34.22
CA ASN B 103 -19.52 36.43 33.52
C ASN B 103 -18.00 36.52 33.52
N GLN B 104 -17.31 35.46 33.93
CA GLN B 104 -15.86 35.44 34.00
C GLN B 104 -15.31 34.97 32.68
N PRO B 105 -14.03 35.24 32.39
CA PRO B 105 -13.43 34.72 31.16
C PRO B 105 -13.30 33.21 31.10
N ASP B 106 -13.53 32.48 32.20
CA ASP B 106 -13.50 31.03 32.14
C ASP B 106 -14.58 30.46 33.05
N GLY B 107 -15.02 29.26 32.72
CA GLY B 107 -15.98 28.55 33.56
C GLY B 107 -16.76 27.56 32.72
N ASN B 108 -17.88 27.12 33.29
CA ASN B 108 -18.78 26.21 32.59
C ASN B 108 -19.50 26.94 31.47
N LEU B 109 -19.38 26.42 30.26
CA LEU B 109 -20.15 26.97 29.16
C LEU B 109 -21.59 26.51 29.26
N GLN B 110 -22.52 27.46 29.22
CA GLN B 110 -23.93 27.21 29.45
C GLN B 110 -24.62 26.82 28.15
N VAL B 111 -25.90 26.49 28.27
CA VAL B 111 -26.71 26.18 27.09
C VAL B 111 -26.93 27.46 26.28
N PRO B 112 -26.79 27.42 24.96
CA PRO B 112 -26.97 28.64 24.17
C PRO B 112 -28.43 29.04 24.09
N ARG B 113 -28.77 30.17 24.70
CA ARG B 113 -30.09 30.73 24.49
C ARG B 113 -30.17 31.30 23.07
N VAL B 114 -31.19 30.89 22.33
CA VAL B 114 -31.42 31.35 20.99
C VAL B 114 -32.82 31.92 20.90
N GLU B 115 -33.11 32.55 19.75
CA GLU B 115 -34.48 32.88 19.38
C GLU B 115 -34.54 33.12 17.89
N LEU B 116 -35.74 32.99 17.35
CA LEU B 116 -36.05 33.38 15.98
C LEU B 116 -37.39 34.09 15.99
N ALA B 117 -37.39 35.34 15.57
CA ALA B 117 -38.56 36.19 15.74
C ALA B 117 -38.80 37.01 14.49
N ARG B 118 -40.08 37.21 14.16
CA ARG B 118 -40.43 38.09 13.07
C ARG B 118 -40.19 39.54 13.49
N CYS B 119 -39.31 40.23 12.79
CA CYS B 119 -39.06 41.63 13.05
C CYS B 119 -40.29 42.45 12.67
N ALA B 120 -40.44 43.59 13.35
CA ALA B 120 -41.59 44.51 13.27
C ALA B 120 -42.92 43.83 13.60
N ASP B 121 -42.88 42.76 14.39
CA ASP B 121 -44.09 42.12 14.89
C ASP B 121 -43.94 41.85 16.37
N GLY B 122 -42.69 41.70 16.82
CA GLY B 122 -42.43 41.34 18.20
C GLY B 122 -42.84 39.94 18.58
N LYS B 123 -42.95 39.05 17.60
CA LYS B 123 -43.48 37.71 17.82
C LYS B 123 -42.34 36.71 17.87
N ILE B 124 -42.12 36.12 19.05
CA ILE B 124 -41.11 35.09 19.21
C ILE B 124 -41.61 33.83 18.52
N LEU B 125 -41.17 33.61 17.28
CA LEU B 125 -41.68 32.48 16.53
C LEU B 125 -41.05 31.17 16.94
N ALA B 126 -39.82 31.20 17.45
CA ALA B 126 -39.18 29.97 17.89
C ALA B 126 -38.20 30.28 19.02
N ASP B 127 -38.17 29.39 20.00
CA ASP B 127 -37.42 29.62 21.23
C ASP B 127 -36.31 28.61 21.46
N LYS B 128 -36.58 27.33 21.31
CA LYS B 128 -35.57 26.30 21.51
C LYS B 128 -34.83 26.05 20.20
N VAL B 129 -33.96 25.05 20.19
CA VAL B 129 -33.03 24.90 19.07
C VAL B 129 -33.70 24.21 17.89
N LYS B 130 -34.27 23.02 18.12
CA LYS B 130 -34.77 22.18 17.04
C LYS B 130 -35.94 22.84 16.32
N ASP B 131 -36.82 23.49 17.09
CA ASP B 131 -37.91 24.24 16.49
C ASP B 131 -37.40 25.41 15.67
N LYS B 132 -36.33 26.06 16.13
CA LYS B 132 -35.75 27.15 15.37
C LYS B 132 -35.16 26.65 14.06
N LEU B 133 -34.50 25.49 14.10
CA LEU B 133 -33.91 24.91 12.91
C LEU B 133 -34.96 24.56 11.88
N GLU B 134 -36.01 23.84 12.30
CA GLU B 134 -37.02 23.43 11.34
C GLU B 134 -37.87 24.60 10.85
N LEU B 135 -38.10 25.60 11.71
CA LEU B 135 -38.91 26.72 11.28
C LEU B 135 -38.15 27.64 10.34
N THR B 136 -36.85 27.84 10.55
CA THR B 136 -36.12 28.59 9.54
C THR B 136 -35.85 27.75 8.30
N ALA B 137 -35.93 26.43 8.40
CA ALA B 137 -35.87 25.61 7.20
C ALA B 137 -37.10 25.84 6.32
N THR B 138 -38.29 25.74 6.92
CA THR B 138 -39.50 25.93 6.14
C THR B 138 -39.71 27.39 5.79
N LEU B 139 -39.09 28.30 6.54
CA LEU B 139 -39.33 29.71 6.33
C LEU B 139 -38.32 30.35 5.41
N THR B 140 -37.15 29.75 5.26
CA THR B 140 -36.18 30.21 4.26
C THR B 140 -36.18 29.34 3.02
N GLY B 141 -36.65 28.11 3.12
CA GLY B 141 -36.60 27.19 2.00
C GLY B 141 -35.27 26.55 1.77
N LEU B 142 -34.27 26.81 2.62
CA LEU B 142 -32.95 26.23 2.47
C LEU B 142 -32.60 25.45 3.72
N ASP B 143 -31.89 24.35 3.52
CA ASP B 143 -31.41 23.54 4.64
C ASP B 143 -30.08 24.12 5.12
N TYR B 144 -29.37 23.36 5.95
CA TYR B 144 -28.02 23.80 6.32
C TYR B 144 -27.07 23.65 5.14
N GLY B 145 -26.97 22.44 4.60
CA GLY B 145 -26.01 22.19 3.55
C GLY B 145 -26.32 22.93 2.27
N ARG B 146 -27.59 23.20 2.02
CA ARG B 146 -27.97 23.96 0.83
C ARG B 146 -27.53 25.41 0.96
N PHE B 147 -27.41 25.92 2.19
CA PHE B 147 -26.80 27.22 2.36
C PHE B 147 -25.30 27.16 2.09
N THR B 148 -24.62 26.15 2.62
CA THR B 148 -23.18 26.11 2.56
C THR B 148 -22.64 25.44 1.32
N ARG B 149 -23.49 25.16 0.33
CA ARG B 149 -22.94 24.80 -0.98
C ARG B 149 -23.75 25.38 -2.13
N SER B 150 -24.70 26.28 -1.89
CA SER B 150 -25.38 26.93 -3.00
C SER B 150 -25.49 28.43 -2.81
N MET B 151 -25.39 28.91 -1.57
CA MET B 151 -25.46 30.34 -1.32
C MET B 151 -24.19 30.87 -0.68
N LEU B 152 -23.73 30.27 0.41
CA LEU B 152 -22.41 30.54 0.94
C LEU B 152 -21.45 29.49 0.42
N LEU B 153 -20.33 29.91 -0.14
CA LEU B 153 -19.29 28.99 -0.59
C LEU B 153 -18.03 29.29 0.21
N SER B 154 -17.69 28.40 1.14
CA SER B 154 -16.55 28.66 2.00
C SER B 154 -15.23 28.41 1.25
N GLN B 155 -14.13 28.85 1.86
CA GLN B 155 -12.86 28.83 1.16
C GLN B 155 -12.28 27.43 1.16
N GLY B 156 -11.86 26.97 -0.02
CA GLY B 156 -11.32 25.64 -0.19
C GLY B 156 -12.34 24.53 -0.13
N GLN B 157 -13.62 24.84 0.02
CA GLN B 157 -14.67 23.83 0.00
C GLN B 157 -15.60 24.03 -1.18
N PHE B 158 -15.17 24.76 -2.20
CA PHE B 158 -16.01 24.90 -3.37
C PHE B 158 -16.07 23.63 -4.19
N ALA B 159 -15.09 22.74 -4.02
CA ALA B 159 -15.14 21.43 -4.64
C ALA B 159 -15.98 20.41 -3.87
N ALA B 160 -16.88 20.87 -3.00
CA ALA B 160 -17.76 19.95 -2.30
C ALA B 160 -18.85 19.41 -3.21
N PHE B 161 -19.55 20.28 -3.93
CA PHE B 161 -20.66 19.82 -4.76
C PHE B 161 -20.17 19.09 -5.99
N LEU B 162 -19.03 19.50 -6.54
CA LEU B 162 -18.50 18.77 -7.68
C LEU B 162 -17.94 17.42 -7.28
N ASN B 163 -17.26 17.34 -6.13
CA ASN B 163 -16.57 16.13 -5.74
C ASN B 163 -17.02 15.57 -4.40
N ALA B 164 -18.32 15.48 -4.16
CA ALA B 164 -18.81 14.68 -3.06
C ALA B 164 -19.12 13.28 -3.55
N LYS B 165 -19.21 12.35 -2.60
CA LYS B 165 -19.74 11.03 -2.93
C LYS B 165 -21.21 11.18 -3.30
N PRO B 166 -21.71 10.34 -4.22
CA PRO B 166 -23.03 10.60 -4.81
C PRO B 166 -24.19 10.51 -3.84
N LYS B 167 -24.00 9.92 -2.67
CA LYS B 167 -25.06 9.91 -1.65
C LYS B 167 -25.33 11.32 -1.15
N GLU B 168 -24.30 12.04 -0.71
CA GLU B 168 -24.49 13.39 -0.21
C GLU B 168 -24.52 14.44 -1.31
N ARG B 169 -24.68 14.03 -2.56
CA ARG B 169 -25.11 14.88 -3.66
C ARG B 169 -26.56 14.62 -4.02
N ALA B 170 -26.96 13.36 -3.98
CA ALA B 170 -28.37 13.01 -4.13
C ALA B 170 -29.20 13.56 -2.99
N GLU B 171 -28.60 13.68 -1.80
CA GLU B 171 -29.28 14.30 -0.66
C GLU B 171 -29.66 15.74 -0.96
N LEU B 172 -28.70 16.52 -1.44
CA LEU B 172 -28.94 17.92 -1.77
C LEU B 172 -29.93 18.05 -2.91
N LEU B 173 -29.78 17.22 -3.95
CA LEU B 173 -30.70 17.33 -5.07
C LEU B 173 -32.10 16.87 -4.70
N GLU B 174 -32.22 15.92 -3.78
CA GLU B 174 -33.57 15.46 -3.35
C GLU B 174 -34.25 16.59 -2.60
N GLU B 175 -33.56 17.13 -1.59
CA GLU B 175 -34.06 18.23 -0.70
C GLU B 175 -34.36 19.49 -1.52
N LEU B 176 -33.56 19.77 -2.56
CA LEU B 176 -33.74 21.00 -3.37
C LEU B 176 -35.14 21.01 -4.00
N THR B 177 -35.63 19.87 -4.48
CA THR B 177 -36.99 19.83 -5.09
C THR B 177 -38.02 19.41 -4.03
N GLY B 178 -39.31 19.47 -4.34
CA GLY B 178 -40.25 19.02 -3.33
C GLY B 178 -40.60 17.56 -3.49
N THR B 179 -39.57 16.74 -3.72
CA THR B 179 -39.73 15.32 -3.98
C THR B 179 -38.98 14.48 -2.95
N GLU B 180 -39.16 14.78 -1.66
CA GLU B 180 -38.48 14.04 -0.62
C GLU B 180 -39.15 12.72 -0.27
N ILE B 181 -40.17 12.31 -1.00
CA ILE B 181 -40.91 11.10 -0.66
C ILE B 181 -40.16 9.83 -1.05
N TYR B 182 -39.24 9.91 -2.01
CA TYR B 182 -38.49 8.75 -2.44
C TYR B 182 -37.60 8.22 -1.34
N GLY B 183 -37.07 9.10 -0.50
CA GLY B 183 -36.33 8.75 0.68
C GLY B 183 -37.16 8.14 1.79
N GLN B 184 -38.46 8.00 1.59
CA GLN B 184 -39.34 7.22 2.43
C GLN B 184 -39.80 5.94 1.76
N ILE B 185 -40.08 6.01 0.44
CA ILE B 185 -40.48 4.84 -0.33
C ILE B 185 -39.38 3.79 -0.34
N SER B 186 -38.17 4.22 -0.68
CA SER B 186 -37.07 3.27 -0.80
C SER B 186 -36.62 2.77 0.56
N ALA B 187 -36.83 3.55 1.62
CA ALA B 187 -36.56 3.03 2.96
C ALA B 187 -37.61 2.00 3.35
N MET B 188 -38.87 2.25 3.00
CA MET B 188 -39.91 1.32 3.39
C MET B 188 -39.88 0.05 2.58
N VAL B 189 -39.28 0.07 1.39
CA VAL B 189 -39.06 -1.17 0.65
C VAL B 189 -38.14 -2.08 1.44
N PHE B 190 -37.08 -1.52 2.01
CA PHE B 190 -36.23 -2.31 2.89
C PHE B 190 -36.94 -2.70 4.18
N GLU B 191 -37.83 -1.84 4.66
CA GLU B 191 -38.59 -2.15 5.87
C GLU B 191 -39.50 -3.36 5.66
N GLN B 192 -40.12 -3.46 4.49
CA GLN B 192 -40.94 -4.62 4.20
C GLN B 192 -40.07 -5.84 3.93
N HIS B 193 -38.96 -5.65 3.22
CA HIS B 193 -38.19 -6.79 2.75
C HIS B 193 -37.41 -7.46 3.86
N LYS B 194 -36.81 -6.67 4.75
CA LYS B 194 -36.07 -7.28 5.86
C LYS B 194 -37.01 -7.99 6.82
N SER B 195 -38.22 -7.46 7.01
CA SER B 195 -39.21 -8.13 7.83
C SER B 195 -39.65 -9.44 7.19
N ALA B 196 -39.89 -9.43 5.87
CA ALA B 196 -40.31 -10.65 5.19
C ALA B 196 -39.20 -11.69 5.16
N ARG B 197 -37.94 -11.26 5.08
CA ARG B 197 -36.85 -12.22 5.04
C ARG B 197 -36.45 -12.68 6.43
N THR B 198 -36.74 -11.90 7.47
CA THR B 198 -36.55 -12.46 8.79
C THR B 198 -37.78 -13.23 9.28
N GLU B 199 -38.88 -13.18 8.51
CA GLU B 199 -39.99 -14.09 8.76
C GLU B 199 -39.69 -15.52 8.32
N LEU B 200 -38.58 -15.75 7.62
CA LEU B 200 -38.18 -17.10 7.25
C LEU B 200 -37.20 -17.71 8.23
N GLU B 201 -37.29 -17.33 9.51
CA GLU B 201 -36.60 -18.02 10.58
C GLU B 201 -37.53 -18.23 11.76
N THR B 874 -41.50 -19.50 0.43
CA THR B 874 -42.14 -18.20 0.22
C THR B 874 -41.63 -17.54 -1.05
N GLN B 875 -42.48 -17.49 -2.08
CA GLN B 875 -42.16 -16.73 -3.27
C GLN B 875 -42.43 -15.24 -3.08
N GLN B 876 -43.19 -14.87 -2.05
CA GLN B 876 -43.50 -13.46 -1.82
C GLN B 876 -42.27 -12.67 -1.42
N VAL B 877 -41.40 -13.27 -0.61
CA VAL B 877 -40.16 -12.60 -0.23
C VAL B 877 -39.22 -12.52 -1.42
N GLU B 878 -39.36 -13.42 -2.39
CA GLU B 878 -38.56 -13.32 -3.60
C GLU B 878 -39.03 -12.17 -4.47
N ASP B 879 -40.33 -11.89 -4.46
CA ASP B 879 -40.81 -10.74 -5.20
C ASP B 879 -40.44 -9.44 -4.50
N TRP B 880 -40.46 -9.45 -3.16
CA TRP B 880 -39.96 -8.30 -2.43
C TRP B 880 -38.48 -8.06 -2.69
N GLY B 881 -37.71 -9.14 -2.80
CA GLY B 881 -36.29 -8.99 -3.06
C GLY B 881 -36.00 -8.54 -4.48
N TYR B 882 -36.79 -9.02 -5.44
CA TYR B 882 -36.63 -8.55 -6.80
C TYR B 882 -37.05 -7.10 -6.95
N LEU B 883 -37.94 -6.64 -6.09
CA LEU B 883 -38.09 -5.19 -5.97
C LEU B 883 -36.85 -4.59 -5.32
N ASN B 884 -36.26 -5.29 -4.35
CA ASN B 884 -35.29 -4.68 -3.44
C ASN B 884 -33.93 -4.46 -4.10
N SER B 885 -33.65 -5.11 -5.22
CA SER B 885 -32.51 -4.72 -6.01
C SER B 885 -32.91 -3.95 -7.26
N LEU B 886 -34.21 -3.63 -7.34
CA LEU B 886 -34.75 -2.80 -8.45
C LEU B 886 -34.87 -1.35 -7.94
N ILE B 887 -34.88 -1.17 -6.62
CA ILE B 887 -35.01 0.19 -6.01
C ILE B 887 -34.13 0.27 -4.76
N GLY B 888 -34.01 1.46 -4.18
CA GLY B 888 -33.19 1.68 -2.97
C GLY B 888 -33.69 0.89 -1.78
N SER B 889 -32.76 0.41 -0.95
CA SER B 889 -33.09 -0.36 0.28
C SER B 889 -33.02 0.11 1.74
N LYS B 890 -31.96 0.86 2.08
CA LYS B 890 -31.80 1.41 3.45
C LYS B 890 -31.50 2.82 2.91
N GLU B 891 -31.97 3.85 3.64
CA GLU B 891 -31.79 5.28 3.23
C GLU B 891 -32.45 5.48 1.85
N GLY B 892 -31.76 6.12 0.90
CA GLY B 892 -32.36 6.34 -0.42
C GLY B 892 -31.63 5.64 -1.56
N ASP B 893 -30.36 5.99 -1.78
CA ASP B 893 -29.46 5.46 -2.86
C ASP B 893 -30.16 5.18 -4.20
N LYS B 894 -30.11 3.91 -4.65
CA LYS B 894 -30.70 3.30 -5.88
C LYS B 894 -31.90 4.05 -6.49
N PHE B 895 -33.09 3.91 -5.91
CA PHE B 895 -34.28 4.59 -6.48
C PHE B 895 -34.05 6.10 -6.37
N ARG B 896 -33.45 6.56 -5.27
CA ARG B 896 -33.23 8.02 -5.10
C ARG B 896 -32.28 8.52 -6.20
N LYS B 897 -31.20 7.80 -6.48
CA LYS B 897 -30.24 8.22 -7.54
C LYS B 897 -30.96 8.19 -8.89
N PHE B 898 -31.80 7.18 -9.11
CA PHE B 898 -32.55 7.07 -10.39
C PHE B 898 -33.49 8.26 -10.57
N ALA B 899 -34.12 8.70 -9.48
CA ALA B 899 -35.10 9.80 -9.49
C ALA B 899 -34.45 11.18 -9.67
N GLN B 900 -33.34 11.47 -8.97
CA GLN B 900 -32.76 12.79 -9.08
C GLN B 900 -31.95 12.98 -10.35
N GLY B 901 -31.85 11.96 -11.20
CA GLY B 901 -31.14 12.12 -12.46
C GLY B 901 -31.80 13.14 -13.37
N LEU B 902 -33.12 13.21 -13.33
CA LEU B 902 -33.81 14.19 -14.16
C LEU B 902 -33.63 15.61 -13.62
N THR B 903 -33.64 15.76 -12.30
CA THR B 903 -33.35 17.07 -11.72
C THR B 903 -31.92 17.48 -11.98
N LEU B 904 -31.01 16.52 -12.00
CA LEU B 904 -29.62 16.83 -12.35
C LEU B 904 -29.52 17.23 -13.81
N ASP B 905 -30.32 16.62 -14.68
CA ASP B 905 -30.34 17.04 -16.07
C ASP B 905 -30.88 18.46 -16.22
N ASN B 906 -31.93 18.77 -15.45
CA ASN B 906 -32.48 20.12 -15.48
C ASN B 906 -31.46 21.12 -14.93
N LEU B 907 -30.73 20.71 -13.91
CA LEU B 907 -29.74 21.59 -13.29
C LEU B 907 -28.55 21.82 -14.21
N VAL B 908 -28.10 20.78 -14.92
CA VAL B 908 -27.00 21.02 -15.83
C VAL B 908 -27.47 21.70 -17.10
N HIS B 909 -28.75 21.60 -17.45
CA HIS B 909 -29.25 22.41 -18.54
C HIS B 909 -29.27 23.87 -18.15
N LEU B 910 -29.59 24.16 -16.89
CA LEU B 910 -29.53 25.54 -16.42
C LEU B 910 -28.08 26.02 -16.32
N ALA B 911 -27.22 25.19 -15.74
CA ALA B 911 -25.84 25.56 -15.51
C ALA B 911 -25.04 25.63 -16.80
N ASN B 912 -25.48 24.95 -17.85
CA ASN B 912 -24.80 25.07 -19.13
C ASN B 912 -24.95 26.48 -19.67
N GLN B 913 -26.18 27.00 -19.62
CA GLN B 913 -26.42 28.38 -20.03
C GLN B 913 -25.75 29.35 -19.08
N GLN B 914 -25.74 29.02 -17.78
CA GLN B 914 -25.08 29.86 -16.79
C GLN B 914 -23.58 29.95 -17.06
N LEU B 915 -22.97 28.83 -17.41
CA LEU B 915 -21.53 28.81 -17.61
C LEU B 915 -21.14 29.43 -18.94
N THR B 916 -21.93 29.24 -19.99
CA THR B 916 -21.57 29.94 -21.23
C THR B 916 -21.90 31.42 -21.16
N ARG B 917 -22.79 31.83 -20.25
CA ARG B 917 -22.85 33.24 -19.89
C ARG B 917 -21.56 33.66 -19.21
N LEU B 918 -21.04 32.80 -18.33
CA LEU B 918 -19.79 33.07 -17.55
C LEU B 918 -18.56 33.04 -18.48
N HIS B 919 -18.00 31.85 -18.72
CA HIS B 919 -16.80 31.74 -19.61
C HIS B 919 -17.07 30.70 -20.70
N GLY B 920 -16.79 31.06 -21.96
CA GLY B 920 -17.03 30.14 -23.09
C GLY B 920 -15.88 29.16 -23.22
N ARG B 921 -15.81 28.18 -22.32
CA ARG B 921 -14.72 27.17 -22.31
C ARG B 921 -15.32 25.76 -22.34
N TYR B 922 -16.02 25.35 -21.27
CA TYR B 922 -16.55 24.01 -21.22
C TYR B 922 -18.05 24.04 -21.01
N LEU B 923 -18.76 23.25 -21.81
CA LEU B 923 -20.13 22.94 -21.48
C LEU B 923 -20.15 21.80 -20.47
N LEU B 924 -21.32 21.53 -19.93
CA LEU B 924 -21.50 20.41 -19.02
C LEU B 924 -22.59 19.50 -19.55
N GLN B 925 -22.54 18.25 -19.15
CA GLN B 925 -23.65 17.35 -19.41
C GLN B 925 -23.64 16.27 -18.35
N ARG B 926 -24.77 15.61 -18.19
CA ARG B 926 -24.83 14.48 -17.29
C ARG B 926 -24.19 13.28 -17.97
N LYS B 927 -24.05 12.19 -17.23
CA LYS B 927 -23.37 11.02 -17.77
C LYS B 927 -24.19 9.77 -17.51
N ALA B 928 -23.90 8.75 -18.32
CA ALA B 928 -24.64 7.49 -18.27
C ALA B 928 -23.97 6.57 -17.26
N SER B 929 -24.19 6.88 -15.97
CA SER B 929 -23.80 5.96 -14.92
C SER B 929 -24.79 6.10 -13.78
N GLU B 930 -24.78 5.09 -12.91
CA GLU B 930 -25.68 5.05 -11.72
C GLU B 930 -25.32 6.21 -10.78
N ALA B 931 -24.03 6.55 -10.68
CA ALA B 931 -23.62 7.64 -9.82
C ALA B 931 -23.97 8.97 -10.50
N LEU B 932 -24.57 9.89 -9.75
CA LEU B 932 -25.06 11.14 -10.30
C LEU B 932 -23.89 12.06 -10.60
N GLU B 933 -23.32 11.89 -11.77
CA GLU B 933 -22.10 12.59 -12.13
C GLU B 933 -22.32 13.51 -13.32
N VAL B 934 -21.45 14.50 -13.43
CA VAL B 934 -21.46 15.47 -14.51
C VAL B 934 -20.12 15.40 -15.20
N GLU B 935 -20.14 15.15 -16.50
CA GLU B 935 -18.94 15.26 -17.31
C GLU B 935 -18.91 16.60 -18.01
N VAL B 936 -17.72 17.00 -18.44
CA VAL B 936 -17.54 18.26 -19.11
C VAL B 936 -17.41 18.00 -20.60
N VAL B 937 -17.50 19.09 -21.37
CA VAL B 937 -17.37 19.07 -22.85
C VAL B 937 -16.47 20.25 -23.25
N ASP B 938 -15.55 20.03 -24.19
CA ASP B 938 -14.61 21.09 -24.65
C ASP B 938 -15.10 21.65 -25.99
N THR B 939 -15.46 22.94 -26.00
CA THR B 939 -15.96 23.60 -27.24
C THR B 939 -14.87 23.60 -28.31
N TRP B 940 -13.61 23.89 -27.94
CA TRP B 940 -12.52 23.94 -28.95
C TRP B 940 -12.30 22.54 -29.55
N GLN B 941 -12.25 21.50 -28.71
CA GLN B 941 -12.06 20.11 -29.19
C GLN B 941 -13.31 19.67 -29.98
N ALA B 942 -14.49 20.02 -29.42
CA ALA B 942 -15.86 19.76 -29.89
C ALA B 942 -16.33 18.33 -29.59
N ASP B 943 -15.48 17.52 -28.96
CA ASP B 943 -15.83 16.11 -28.58
C ASP B 943 -15.04 15.72 -27.34
N ALA B 944 -15.38 16.26 -26.17
CA ALA B 944 -14.66 15.93 -24.92
C ALA B 944 -15.62 15.27 -23.91
N VAL B 945 -15.21 14.12 -23.36
CA VAL B 945 -16.05 13.38 -22.37
C VAL B 945 -15.15 12.88 -21.23
N ARG B 946 -14.65 13.80 -20.40
CA ARG B 946 -13.80 13.43 -19.28
C ARG B 946 -14.54 13.70 -17.98
N ASP B 947 -14.10 13.05 -16.91
CA ASP B 947 -14.70 13.27 -15.63
C ASP B 947 -14.24 14.62 -15.07
N THR B 948 -14.94 15.09 -14.03
CA THR B 948 -14.61 16.37 -13.46
C THR B 948 -13.40 16.33 -12.56
N ARG B 949 -12.92 15.15 -12.18
CA ARG B 949 -11.77 15.08 -11.30
C ARG B 949 -10.48 15.46 -11.99
N THR B 950 -10.47 15.54 -13.32
CA THR B 950 -9.31 16.04 -14.04
C THR B 950 -9.53 17.43 -14.60
N LEU B 951 -10.43 18.20 -14.03
CA LEU B 951 -10.49 19.61 -14.41
C LEU B 951 -9.31 20.37 -13.82
N SER B 952 -9.07 21.55 -14.37
CA SER B 952 -8.05 22.41 -13.80
C SER B 952 -8.58 23.09 -12.55
N GLY B 953 -7.68 23.79 -11.85
CA GLY B 953 -8.08 24.46 -10.62
C GLY B 953 -9.01 25.63 -10.88
N GLY B 954 -8.64 26.49 -11.82
CA GLY B 954 -9.48 27.64 -12.14
C GLY B 954 -10.80 27.24 -12.77
N GLU B 955 -10.78 26.22 -13.63
CA GLU B 955 -12.03 25.77 -14.21
C GLU B 955 -12.88 25.03 -13.20
N SER B 956 -12.27 24.39 -12.21
CA SER B 956 -13.05 23.76 -11.16
C SER B 956 -13.72 24.81 -10.28
N PHE B 957 -13.03 25.93 -10.05
CA PHE B 957 -13.65 27.02 -9.32
C PHE B 957 -14.78 27.65 -10.12
N LEU B 958 -14.59 27.81 -11.43
CA LEU B 958 -15.66 28.38 -12.24
C LEU B 958 -16.83 27.42 -12.38
N VAL B 959 -16.56 26.11 -12.38
CA VAL B 959 -17.63 25.14 -12.46
C VAL B 959 -18.42 25.12 -11.16
N SER B 960 -17.75 25.19 -10.02
CA SER B 960 -18.46 25.27 -8.75
C SER B 960 -19.24 26.56 -8.61
N LEU B 961 -18.68 27.66 -9.13
CA LEU B 961 -19.39 28.98 -9.04
C LEU B 961 -20.67 28.93 -9.89
N ALA B 962 -20.52 28.63 -11.19
CA ALA B 962 -21.67 28.58 -12.12
C ALA B 962 -22.64 27.49 -11.68
N LEU B 963 -22.13 26.34 -11.23
CA LEU B 963 -23.02 25.22 -10.78
C LEU B 963 -23.84 25.69 -9.58
N ALA B 964 -23.21 26.39 -8.63
CA ALA B 964 -23.93 26.89 -7.44
C ALA B 964 -24.99 27.89 -7.89
N LEU B 965 -24.64 28.76 -8.85
CA LEU B 965 -25.62 29.76 -9.34
C LEU B 965 -26.83 29.03 -9.96
N ALA B 966 -26.56 27.98 -10.73
CA ALA B 966 -27.64 27.20 -11.38
C ALA B 966 -28.52 26.55 -10.31
N LEU B 967 -27.90 26.00 -9.26
CA LEU B 967 -28.67 25.34 -8.16
C LEU B 967 -29.57 26.39 -7.49
N SER B 968 -29.02 27.59 -7.27
CA SER B 968 -29.78 28.71 -6.64
C SER B 968 -30.96 29.12 -7.53
N ASP B 969 -30.74 29.14 -8.85
CA ASP B 969 -31.79 29.59 -9.81
C ASP B 969 -32.82 28.48 -10.06
N LEU B 970 -32.50 27.22 -9.72
CA LEU B 970 -33.46 26.16 -9.98
C LEU B 970 -34.72 26.32 -9.13
N VAL B 971 -34.52 26.71 -7.86
CA VAL B 971 -35.65 26.91 -6.92
C VAL B 971 -36.09 28.38 -7.00
N SER B 972 -36.11 28.94 -8.21
CA SER B 972 -36.54 30.34 -8.44
C SER B 972 -38.02 30.53 -8.10
N HIS B 973 -38.86 29.54 -8.44
CA HIS B 973 -40.33 29.62 -8.24
C HIS B 973 -40.73 29.77 -6.77
N LYS B 974 -40.11 29.03 -5.86
CA LYS B 974 -40.51 29.11 -4.42
C LYS B 974 -39.35 29.55 -3.53
N THR B 975 -39.57 30.57 -2.70
CA THR B 975 -38.55 31.08 -1.75
C THR B 975 -37.27 31.47 -2.50
N ARG B 976 -37.40 32.14 -3.65
CA ARG B 976 -36.24 32.57 -4.46
C ARG B 976 -35.22 33.28 -3.55
N ILE B 977 -33.94 32.86 -3.61
CA ILE B 977 -32.90 33.44 -2.79
C ILE B 977 -32.03 34.33 -3.64
N ASP B 978 -31.50 35.40 -3.04
CA ASP B 978 -30.63 36.34 -3.74
C ASP B 978 -29.50 36.76 -2.80
N SER B 979 -28.43 35.98 -2.80
CA SER B 979 -27.17 36.29 -2.12
C SER B 979 -26.13 35.26 -2.52
N LEU B 980 -24.87 35.68 -2.47
CA LEU B 980 -23.77 34.78 -2.73
C LEU B 980 -22.57 35.27 -1.96
N PHE B 981 -21.88 34.36 -1.29
CA PHE B 981 -20.75 34.70 -0.43
C PHE B 981 -19.58 33.81 -0.78
N LEU B 982 -18.84 34.18 -1.83
CA LEU B 982 -17.67 33.43 -2.22
C LEU B 982 -16.54 33.76 -1.27
N ASP B 983 -15.97 32.76 -0.62
CA ASP B 983 -14.90 33.09 0.33
C ASP B 983 -13.58 33.26 -0.40
N GLU B 984 -13.11 32.23 -1.09
CA GLU B 984 -11.84 32.35 -1.78
C GLU B 984 -11.82 31.46 -3.00
N GLY B 985 -10.88 31.76 -3.90
CA GLY B 985 -10.72 30.98 -5.10
C GLY B 985 -10.44 31.90 -6.28
N PHE B 986 -10.64 33.20 -6.07
CA PHE B 986 -10.36 34.15 -7.12
C PHE B 986 -8.87 34.31 -7.37
N GLY B 987 -8.04 34.02 -6.35
CA GLY B 987 -6.61 33.97 -6.56
C GLY B 987 -6.19 32.88 -7.51
N THR B 988 -6.99 31.82 -7.63
CA THR B 988 -6.68 30.76 -8.58
C THR B 988 -6.89 31.20 -10.03
N LEU B 989 -7.53 32.34 -10.26
CA LEU B 989 -7.54 32.90 -11.59
C LEU B 989 -6.44 33.95 -11.72
N ASP B 990 -6.40 34.58 -12.89
CA ASP B 990 -5.39 35.58 -13.22
C ASP B 990 -6.08 36.84 -13.70
N SER B 991 -5.30 37.75 -14.27
CA SER B 991 -5.85 38.95 -14.91
C SER B 991 -6.40 38.68 -16.30
N GLU B 992 -6.53 37.42 -16.71
CA GLU B 992 -7.07 37.05 -18.00
C GLU B 992 -8.34 36.21 -17.90
N THR B 993 -8.62 35.64 -16.74
CA THR B 993 -9.86 34.93 -16.48
C THR B 993 -10.65 35.55 -15.33
N LEU B 994 -9.94 36.07 -14.33
CA LEU B 994 -10.57 36.74 -13.20
C LEU B 994 -11.38 37.95 -13.64
N ASP B 995 -10.83 38.72 -14.58
CA ASP B 995 -11.53 39.90 -15.08
C ASP B 995 -12.81 39.52 -15.82
N THR B 996 -12.75 38.45 -16.62
CA THR B 996 -13.93 37.98 -17.34
C THR B 996 -14.99 37.44 -16.38
N ALA B 997 -14.55 36.73 -15.34
CA ALA B 997 -15.49 36.19 -14.37
C ALA B 997 -16.16 37.30 -13.58
N LEU B 998 -15.41 38.33 -13.21
CA LEU B 998 -16.03 39.44 -12.50
C LEU B 998 -16.92 40.26 -13.40
N ASP B 999 -16.56 40.39 -14.68
CA ASP B 999 -17.42 41.08 -15.64
C ASP B 999 -18.73 40.33 -15.85
N ALA B 1000 -18.69 39.00 -15.76
CA ALA B 1000 -19.93 38.25 -15.83
C ALA B 1000 -20.71 38.33 -14.52
N LEU B 1001 -20.02 38.45 -13.39
CA LEU B 1001 -20.70 38.65 -12.12
C LEU B 1001 -21.41 40.00 -12.06
N ASP B 1002 -20.88 40.99 -12.79
CA ASP B 1002 -21.54 42.29 -12.90
C ASP B 1002 -22.92 42.17 -13.51
N ALA B 1003 -23.11 41.22 -14.43
CA ALA B 1003 -24.44 40.98 -14.97
C ALA B 1003 -25.35 40.34 -13.94
N LEU B 1004 -24.78 39.65 -12.96
CA LEU B 1004 -25.60 39.04 -11.91
C LEU B 1004 -26.01 40.06 -10.87
N ASN B 1005 -25.10 40.96 -10.48
CA ASN B 1005 -25.52 42.01 -9.57
C ASN B 1005 -26.36 43.07 -10.26
N ALA B 1006 -26.28 43.15 -11.60
CA ALA B 1006 -27.26 43.94 -12.34
C ALA B 1006 -28.64 43.30 -12.25
N SER B 1007 -28.71 41.98 -12.11
CA SER B 1007 -29.94 41.33 -11.72
C SER B 1007 -30.10 41.43 -10.21
N GLY B 1008 -31.22 40.93 -9.71
CA GLY B 1008 -31.60 41.11 -8.31
C GLY B 1008 -30.72 40.38 -7.31
N LYS B 1009 -29.90 39.44 -7.76
CA LYS B 1009 -29.00 38.74 -6.85
C LYS B 1009 -27.91 39.69 -6.37
N THR B 1010 -27.72 39.75 -5.06
CA THR B 1010 -26.76 40.64 -4.43
C THR B 1010 -25.65 39.79 -3.82
N ILE B 1011 -24.54 39.68 -4.53
CA ILE B 1011 -23.46 38.77 -4.15
C ILE B 1011 -22.46 39.49 -3.25
N GLY B 1012 -21.65 38.70 -2.56
CA GLY B 1012 -20.54 39.23 -1.80
C GLY B 1012 -19.34 38.33 -1.97
N VAL B 1013 -18.18 38.91 -1.77
CA VAL B 1013 -16.94 38.18 -2.04
C VAL B 1013 -15.81 38.63 -1.14
N ILE B 1014 -15.21 37.69 -0.43
CA ILE B 1014 -13.93 37.93 0.21
C ILE B 1014 -12.85 37.77 -0.83
N SER B 1015 -11.92 38.70 -0.89
CA SER B 1015 -10.86 38.57 -1.87
C SER B 1015 -9.59 39.22 -1.33
N HIS B 1016 -8.48 38.53 -1.53
CA HIS B 1016 -7.16 39.10 -1.32
C HIS B 1016 -6.63 39.77 -2.57
N VAL B 1017 -7.28 39.58 -3.71
CA VAL B 1017 -6.78 40.10 -4.97
C VAL B 1017 -6.93 41.61 -4.99
N GLU B 1018 -5.81 42.31 -5.13
CA GLU B 1018 -5.85 43.76 -5.22
C GLU B 1018 -6.41 44.23 -6.56
N ALA B 1019 -6.46 43.36 -7.57
CA ALA B 1019 -7.02 43.71 -8.86
C ALA B 1019 -8.53 43.88 -8.82
N MET B 1020 -9.18 43.45 -7.75
CA MET B 1020 -10.60 43.64 -7.58
C MET B 1020 -10.93 44.92 -6.84
N LYS B 1021 -9.92 45.76 -6.58
CA LYS B 1021 -10.17 47.07 -5.99
C LYS B 1021 -10.93 47.96 -6.97
N GLU B 1022 -10.47 48.01 -8.22
CA GLU B 1022 -11.15 48.78 -9.26
C GLU B 1022 -12.50 48.18 -9.60
N ARG B 1023 -12.66 46.88 -9.41
CA ARG B 1023 -13.95 46.25 -9.64
C ARG B 1023 -14.93 46.61 -8.54
N ILE B 1024 -14.55 46.38 -7.29
CA ILE B 1024 -15.46 46.62 -6.18
C ILE B 1024 -14.86 47.64 -5.23
N PRO B 1025 -15.47 48.81 -5.08
CA PRO B 1025 -15.02 49.75 -4.05
C PRO B 1025 -15.76 49.62 -2.73
N VAL B 1026 -16.86 48.87 -2.68
CA VAL B 1026 -17.69 48.79 -1.50
C VAL B 1026 -17.07 47.81 -0.52
N GLN B 1027 -16.22 48.31 0.37
CA GLN B 1027 -15.39 47.43 1.17
C GLN B 1027 -15.78 47.49 2.63
N ILE B 1028 -15.47 46.42 3.34
CA ILE B 1028 -15.69 46.28 4.77
C ILE B 1028 -14.29 46.12 5.35
N LYS B 1029 -13.36 46.92 4.81
CA LYS B 1029 -11.94 46.95 5.16
C LYS B 1029 -11.68 46.83 6.65
N VAL B 1030 -10.91 45.81 7.03
CA VAL B 1030 -10.63 45.48 8.43
C VAL B 1030 -9.19 45.81 8.74
N LYS B 1031 -8.85 45.83 10.02
CA LYS B 1031 -7.50 46.12 10.49
C LYS B 1031 -7.14 45.24 11.67
N LYS B 1032 -5.83 45.13 11.92
CA LYS B 1032 -5.31 44.42 13.07
C LYS B 1032 -4.62 45.40 14.00
N ILE B 1033 -4.68 45.13 15.30
CA ILE B 1033 -4.05 46.01 16.29
C ILE B 1033 -2.64 45.47 16.52
N ASN B 1034 -1.74 45.82 15.59
CA ASN B 1034 -0.28 45.76 15.74
C ASN B 1034 0.25 44.39 16.17
N GLY B 1035 -0.43 43.32 15.78
CA GLY B 1035 -0.02 42.00 16.20
C GLY B 1035 -0.33 41.68 17.65
N LEU B 1036 -1.47 42.14 18.17
CA LEU B 1036 -1.86 41.80 19.52
C LEU B 1036 -2.71 40.54 19.58
N GLY B 1037 -3.53 40.31 18.57
CA GLY B 1037 -4.40 39.15 18.58
C GLY B 1037 -5.86 39.52 18.65
N TYR B 1038 -6.21 40.67 18.11
CA TYR B 1038 -7.60 41.03 17.90
C TYR B 1038 -7.68 41.70 16.55
N SER B 1039 -8.86 42.23 16.22
CA SER B 1039 -9.03 42.96 14.99
C SER B 1039 -10.07 44.03 15.18
N LYS B 1040 -10.30 44.78 14.11
CA LYS B 1040 -11.25 45.88 14.07
C LYS B 1040 -11.45 46.24 12.62
N LEU B 1041 -12.46 47.06 12.36
CA LEU B 1041 -12.70 47.57 11.01
C LEU B 1041 -13.11 49.03 11.15
N GLU B 1042 -13.73 49.56 10.10
CA GLU B 1042 -14.21 50.95 10.07
C GLU B 1042 -15.18 51.22 11.22
N SER B 1043 -14.85 52.22 12.03
CA SER B 1043 -15.65 52.51 13.23
C SER B 1043 -17.01 53.12 12.92
N THR B 1044 -17.31 53.42 11.65
CA THR B 1044 -18.65 53.81 11.27
C THR B 1044 -19.63 52.65 11.32
N PHE B 1045 -19.15 51.41 11.37
CA PHE B 1045 -20.01 50.26 11.50
C PHE B 1045 -20.23 49.86 12.95
N ALA B 1046 -19.19 50.01 13.78
CA ALA B 1046 -19.25 49.60 15.17
C ALA B 1046 -20.27 50.42 15.95
N VAL B 1047 -20.78 49.84 17.03
CA VAL B 1047 -21.88 50.45 17.78
C VAL B 1047 -21.38 51.66 18.56
N MET C 1 17.30 -40.72 -29.75
CA MET C 1 17.35 -40.19 -28.39
C MET C 1 16.00 -39.68 -27.95
N ARG C 2 15.48 -40.27 -26.88
CA ARG C 2 14.19 -39.91 -26.35
C ARG C 2 14.31 -38.81 -25.32
N ILE C 3 13.35 -37.88 -25.33
CA ILE C 3 13.21 -36.87 -24.29
C ILE C 3 11.73 -36.73 -23.96
N LEU C 4 11.46 -36.45 -22.69
CA LEU C 4 10.11 -36.12 -22.23
C LEU C 4 10.04 -34.62 -22.00
N HIS C 5 9.25 -33.92 -22.80
CA HIS C 5 9.11 -32.48 -22.67
C HIS C 5 7.79 -32.15 -22.00
N THR C 6 7.86 -31.72 -20.75
CA THR C 6 6.76 -31.12 -20.04
C THR C 6 7.18 -29.71 -19.64
N SER C 7 6.28 -28.99 -18.97
CA SER C 7 6.55 -27.67 -18.41
C SER C 7 5.37 -27.33 -17.52
N ASP C 8 5.36 -26.08 -17.03
CA ASP C 8 4.18 -25.42 -16.46
C ASP C 8 3.61 -26.19 -15.29
N TRP C 9 4.48 -26.66 -14.41
CA TRP C 9 4.01 -27.47 -13.31
C TRP C 9 3.24 -26.64 -12.31
N HIS C 10 3.68 -25.40 -12.08
CA HIS C 10 3.03 -24.42 -11.22
C HIS C 10 2.84 -24.97 -9.81
N LEU C 11 3.95 -25.42 -9.24
CA LEU C 11 3.89 -26.14 -7.98
C LEU C 11 3.51 -25.21 -6.84
N GLY C 12 2.81 -25.78 -5.86
CA GLY C 12 2.37 -25.02 -4.71
C GLY C 12 1.29 -24.01 -5.01
N GLN C 13 0.61 -24.14 -6.13
CA GLN C 13 -0.43 -23.18 -6.50
C GLN C 13 -1.67 -23.42 -5.66
N ASN C 14 -2.12 -22.40 -4.94
CA ASN C 14 -3.41 -22.45 -4.27
C ASN C 14 -4.49 -22.23 -5.33
N PHE C 15 -5.59 -22.92 -5.21
CA PHE C 15 -6.63 -22.89 -6.23
C PHE C 15 -7.97 -22.65 -5.53
N TYR C 16 -8.29 -21.38 -5.31
CA TYR C 16 -9.44 -20.92 -4.52
C TYR C 16 -9.47 -21.63 -3.17
N SER C 17 -8.40 -21.46 -2.42
CA SER C 17 -8.07 -22.06 -1.13
C SER C 17 -7.86 -23.57 -1.19
N LYS C 18 -7.98 -24.20 -2.35
CA LYS C 18 -7.64 -25.61 -2.50
C LYS C 18 -6.24 -25.73 -3.05
N SER C 19 -5.71 -26.95 -3.01
CA SER C 19 -4.35 -27.21 -3.42
C SER C 19 -4.30 -28.15 -4.61
N ARG C 20 -3.13 -28.23 -5.22
CA ARG C 20 -2.82 -29.23 -6.22
C ARG C 20 -1.69 -30.12 -5.71
N GLU C 21 -1.74 -30.45 -4.42
CA GLU C 21 -0.65 -31.21 -3.81
C GLU C 21 -0.65 -32.65 -4.28
N ALA C 22 -1.71 -33.39 -3.97
CA ALA C 22 -1.83 -34.75 -4.47
C ALA C 22 -2.11 -34.78 -5.96
N GLU C 23 -2.57 -33.66 -6.51
CA GLU C 23 -2.85 -33.59 -7.94
C GLU C 23 -1.57 -33.56 -8.73
N HIS C 24 -0.52 -32.98 -8.17
CA HIS C 24 0.79 -33.06 -8.79
C HIS C 24 1.45 -34.39 -8.49
N GLN C 25 1.30 -34.86 -7.25
CA GLN C 25 2.02 -36.03 -6.78
C GLN C 25 1.59 -37.28 -7.53
N ALA C 26 0.30 -37.38 -7.81
CA ALA C 26 -0.19 -38.48 -8.63
C ALA C 26 0.17 -38.32 -10.10
N PHE C 27 0.60 -37.13 -10.51
CA PHE C 27 1.20 -37.02 -11.83
C PHE C 27 2.66 -37.38 -11.79
N LEU C 28 3.37 -36.95 -10.74
CA LEU C 28 4.83 -37.04 -10.74
C LEU C 28 5.31 -38.47 -10.64
N ASP C 29 4.54 -39.35 -10.00
CA ASP C 29 4.88 -40.77 -10.06
C ASP C 29 4.65 -41.30 -11.47
N TRP C 30 3.58 -40.84 -12.12
CA TRP C 30 3.28 -41.29 -13.47
C TRP C 30 4.34 -40.81 -14.45
N LEU C 31 4.85 -39.60 -14.26
CA LEU C 31 5.96 -39.13 -15.07
C LEU C 31 7.20 -39.97 -14.80
N LEU C 32 7.40 -40.35 -13.55
CA LEU C 32 8.49 -41.25 -13.22
C LEU C 32 8.23 -42.64 -13.77
N GLU C 33 6.95 -43.04 -13.85
CA GLU C 33 6.61 -44.38 -14.30
C GLU C 33 6.87 -44.54 -15.79
N THR C 34 6.45 -43.57 -16.60
CA THR C 34 6.61 -43.67 -18.04
C THR C 34 8.05 -43.48 -18.50
N ALA C 35 8.96 -43.14 -17.59
CA ALA C 35 10.35 -43.01 -17.96
C ALA C 35 10.96 -44.37 -18.28
N GLN C 36 10.91 -45.28 -17.31
CA GLN C 36 11.53 -46.58 -17.51
C GLN C 36 10.75 -47.44 -18.49
N THR C 37 9.46 -47.17 -18.65
CA THR C 37 8.67 -47.90 -19.63
C THR C 37 9.11 -47.55 -21.05
N HIS C 38 9.25 -46.27 -21.33
CA HIS C 38 9.69 -45.86 -22.65
C HIS C 38 11.20 -45.73 -22.77
N GLN C 39 11.94 -46.08 -21.71
CA GLN C 39 13.42 -46.13 -21.69
C GLN C 39 14.04 -44.79 -22.05
N VAL C 40 13.41 -43.70 -21.62
CA VAL C 40 13.92 -42.36 -21.90
C VAL C 40 15.19 -42.12 -21.08
N ASP C 41 16.03 -41.20 -21.57
CA ASP C 41 17.29 -40.90 -20.93
C ASP C 41 17.37 -39.54 -20.27
N ALA C 42 16.58 -38.56 -20.73
CA ALA C 42 16.69 -37.21 -20.21
C ALA C 42 15.36 -36.49 -20.36
N ILE C 43 14.73 -36.20 -19.25
CA ILE C 43 13.49 -35.44 -19.22
C ILE C 43 13.85 -33.97 -19.31
N ILE C 44 13.01 -33.19 -19.98
CA ILE C 44 13.12 -31.74 -19.99
C ILE C 44 11.84 -31.17 -19.44
N VAL C 45 11.94 -30.34 -18.41
CA VAL C 45 10.82 -29.54 -17.98
C VAL C 45 11.18 -28.07 -18.24
N ALA C 46 10.51 -27.50 -19.24
CA ALA C 46 10.89 -26.18 -19.75
C ALA C 46 9.95 -25.09 -19.23
N GLY C 47 10.01 -24.83 -17.94
CA GLY C 47 9.52 -23.57 -17.45
C GLY C 47 8.37 -23.72 -16.47
N ASP C 48 8.22 -22.68 -15.64
CA ASP C 48 7.17 -22.52 -14.63
C ASP C 48 7.13 -23.72 -13.68
N VAL C 49 8.28 -24.00 -13.08
CA VAL C 49 8.38 -25.14 -12.20
C VAL C 49 7.98 -24.78 -10.78
N PHE C 50 7.67 -23.52 -10.53
CA PHE C 50 7.09 -23.08 -9.28
C PHE C 50 6.03 -22.04 -9.57
N ASP C 51 5.08 -21.90 -8.66
CA ASP C 51 4.12 -20.80 -8.80
C ASP C 51 4.78 -19.49 -8.41
N THR C 52 5.23 -19.37 -7.17
CA THR C 52 5.83 -18.15 -6.66
C THR C 52 7.21 -18.44 -6.11
N GLY C 53 8.04 -17.39 -6.08
CA GLY C 53 9.42 -17.52 -5.66
C GLY C 53 9.61 -17.93 -4.22
N SER C 54 8.61 -17.72 -3.39
CA SER C 54 8.59 -18.33 -2.07
C SER C 54 7.44 -19.34 -2.03
N PRO C 55 7.67 -20.56 -2.49
CA PRO C 55 6.61 -21.56 -2.48
C PRO C 55 6.37 -22.05 -1.07
N PRO C 56 5.23 -22.70 -0.83
CA PRO C 56 5.04 -23.37 0.46
C PRO C 56 6.02 -24.51 0.62
N SER C 57 6.24 -24.88 1.89
CA SER C 57 7.36 -25.77 2.20
C SER C 57 7.15 -27.18 1.67
N TYR C 58 5.89 -27.61 1.53
CA TYR C 58 5.67 -28.91 0.91
C TYR C 58 5.91 -28.86 -0.59
N ALA C 59 5.78 -27.69 -1.21
CA ALA C 59 5.94 -27.58 -2.66
C ALA C 59 7.38 -27.79 -3.10
N ARG C 60 8.35 -27.77 -2.18
CA ARG C 60 9.66 -28.30 -2.50
C ARG C 60 9.71 -29.81 -2.32
N THR C 61 8.96 -30.33 -1.36
CA THR C 61 9.01 -31.76 -1.09
C THR C 61 8.35 -32.55 -2.19
N LEU C 62 7.40 -31.96 -2.90
CA LEU C 62 6.95 -32.58 -4.13
C LEU C 62 8.05 -32.56 -5.19
N TYR C 63 8.89 -31.52 -5.16
CA TYR C 63 9.93 -31.39 -6.15
C TYR C 63 11.20 -32.13 -5.74
N ASN C 64 11.52 -32.12 -4.45
CA ASN C 64 12.71 -32.81 -3.99
C ASN C 64 12.55 -34.32 -4.01
N ARG C 65 11.36 -34.83 -3.70
CA ARG C 65 11.12 -36.26 -3.85
C ARG C 65 11.19 -36.67 -5.30
N PHE C 66 10.89 -35.76 -6.21
CA PHE C 66 10.96 -36.09 -7.62
C PHE C 66 12.39 -36.29 -8.08
N VAL C 67 13.30 -35.45 -7.60
CA VAL C 67 14.66 -35.53 -8.14
C VAL C 67 15.44 -36.67 -7.48
N VAL C 68 15.09 -37.06 -6.26
CA VAL C 68 15.75 -38.21 -5.67
C VAL C 68 15.23 -39.49 -6.29
N ASN C 69 13.92 -39.59 -6.47
CA ASN C 69 13.35 -40.80 -7.06
C ASN C 69 13.64 -40.92 -8.55
N LEU C 70 14.17 -39.88 -9.18
CA LEU C 70 14.71 -40.04 -10.51
C LEU C 70 16.01 -40.84 -10.50
N GLN C 71 16.77 -40.77 -9.41
CA GLN C 71 18.06 -41.43 -9.35
C GLN C 71 17.96 -42.94 -9.23
N GLN C 72 16.77 -43.48 -8.98
CA GLN C 72 16.56 -44.90 -9.21
C GLN C 72 16.72 -45.22 -10.70
N THR C 73 16.24 -44.35 -11.57
CA THR C 73 16.40 -44.55 -13.00
C THR C 73 17.77 -44.11 -13.48
N GLY C 74 18.37 -43.11 -12.83
CA GLY C 74 19.62 -42.59 -13.31
C GLY C 74 19.53 -41.80 -14.60
N CYS C 75 18.34 -41.33 -14.96
CA CYS C 75 18.15 -40.58 -16.18
C CYS C 75 18.34 -39.10 -15.90
N HIS C 76 18.80 -38.37 -16.92
CA HIS C 76 19.09 -36.96 -16.73
C HIS C 76 17.81 -36.14 -16.66
N LEU C 77 17.96 -34.87 -16.27
CA LEU C 77 16.84 -33.96 -16.19
C LEU C 77 17.36 -32.55 -16.36
N VAL C 78 16.68 -31.75 -17.18
CA VAL C 78 16.95 -30.33 -17.27
C VAL C 78 15.73 -29.59 -16.75
N VAL C 79 15.97 -28.62 -15.89
CA VAL C 79 14.91 -27.78 -15.34
C VAL C 79 15.21 -26.35 -15.76
N LEU C 80 14.23 -25.72 -16.39
CA LEU C 80 14.37 -24.33 -16.79
C LEU C 80 13.46 -23.48 -15.93
N ALA C 81 13.97 -22.35 -15.47
CA ALA C 81 13.13 -21.42 -14.74
C ALA C 81 12.18 -20.73 -15.71
N GLY C 82 10.96 -20.52 -15.25
CA GLY C 82 9.96 -19.82 -16.01
C GLY C 82 9.81 -18.38 -15.56
N ASN C 83 8.78 -17.73 -16.09
CA ASN C 83 8.51 -16.36 -15.72
C ASN C 83 8.03 -16.24 -14.29
N SER C 84 7.43 -17.30 -13.77
CA SER C 84 6.75 -17.21 -12.50
C SER C 84 7.74 -17.18 -11.35
N ASP C 85 8.76 -18.02 -11.40
CA ASP C 85 9.64 -18.21 -10.26
C ASP C 85 10.68 -17.11 -10.19
N SER C 86 10.98 -16.69 -8.97
CA SER C 86 12.18 -15.90 -8.73
C SER C 86 13.41 -16.73 -9.05
N VAL C 87 14.33 -16.14 -9.81
CA VAL C 87 15.54 -16.81 -10.26
C VAL C 87 16.39 -17.22 -9.09
N ALA C 88 16.39 -16.42 -8.02
CA ALA C 88 17.15 -16.74 -6.82
C ALA C 88 16.59 -17.94 -6.06
N THR C 89 15.38 -18.41 -6.39
CA THR C 89 14.87 -19.61 -5.74
C THR C 89 15.43 -20.86 -6.41
N LEU C 90 15.60 -20.84 -7.72
CA LEU C 90 16.12 -22.02 -8.37
C LEU C 90 17.63 -22.13 -8.26
N ASN C 91 18.33 -21.01 -8.12
CA ASN C 91 19.77 -21.08 -7.91
C ASN C 91 20.14 -21.41 -6.48
N GLU C 92 19.14 -21.64 -5.62
CA GLU C 92 19.38 -22.27 -4.33
C GLU C 92 19.95 -23.67 -4.49
N SER C 93 19.56 -24.36 -5.55
CA SER C 93 19.97 -25.74 -5.78
C SER C 93 20.41 -25.92 -7.22
N ARG C 94 21.29 -25.05 -7.71
CA ARG C 94 21.94 -25.35 -8.98
C ARG C 94 23.20 -26.17 -8.76
N ASP C 95 24.00 -25.76 -7.78
CA ASP C 95 25.31 -26.34 -7.53
C ASP C 95 25.24 -27.76 -6.99
N ILE C 96 24.30 -28.03 -6.09
CA ILE C 96 24.23 -29.36 -5.48
C ILE C 96 23.66 -30.36 -6.47
N MET C 97 22.70 -29.94 -7.28
CA MET C 97 21.98 -30.88 -8.11
C MET C 97 22.75 -31.31 -9.35
N ALA C 98 23.97 -30.82 -9.55
CA ALA C 98 24.84 -31.40 -10.56
C ALA C 98 25.30 -32.80 -10.16
N PHE C 99 25.29 -33.11 -8.86
CA PHE C 99 25.56 -34.45 -8.37
C PHE C 99 24.48 -35.45 -8.73
N LEU C 100 23.32 -34.99 -9.20
CA LEU C 100 22.17 -35.85 -9.39
C LEU C 100 21.57 -35.68 -10.77
N ASN C 101 22.42 -35.33 -11.75
CA ASN C 101 22.10 -35.29 -13.17
C ASN C 101 20.97 -34.31 -13.48
N THR C 102 20.95 -33.18 -12.77
CA THR C 102 19.82 -32.27 -12.80
C THR C 102 20.34 -30.85 -12.97
N THR C 103 20.52 -30.44 -14.22
CA THR C 103 21.13 -29.16 -14.54
C THR C 103 20.07 -28.07 -14.52
N VAL C 104 19.67 -27.69 -13.31
CA VAL C 104 18.71 -26.62 -13.12
C VAL C 104 19.41 -25.31 -13.43
N VAL C 105 19.23 -24.82 -14.64
CA VAL C 105 19.88 -23.58 -15.08
C VAL C 105 18.85 -22.47 -15.02
N ALA C 106 19.02 -21.57 -14.06
CA ALA C 106 18.04 -20.53 -13.79
C ALA C 106 18.34 -19.23 -14.49
N SER C 107 19.61 -18.87 -14.60
CA SER C 107 19.99 -17.54 -15.06
C SER C 107 20.36 -17.58 -16.54
N ALA C 108 20.38 -16.40 -17.14
CA ALA C 108 20.79 -16.27 -18.52
C ALA C 108 22.31 -16.33 -18.63
N GLY C 109 22.77 -16.53 -19.86
CA GLY C 109 24.19 -16.59 -20.11
C GLY C 109 24.87 -17.87 -19.68
N HIS C 110 24.13 -18.96 -19.50
CA HIS C 110 24.76 -20.21 -19.13
C HIS C 110 25.41 -20.84 -20.35
N ALA C 111 26.39 -21.70 -20.09
CA ALA C 111 27.15 -22.35 -21.14
C ALA C 111 26.39 -23.55 -21.72
N PRO C 112 26.52 -23.79 -23.03
CA PRO C 112 25.83 -24.94 -23.63
C PRO C 112 26.49 -26.25 -23.22
N GLN C 113 25.65 -27.23 -22.91
CA GLN C 113 26.13 -28.49 -22.38
C GLN C 113 25.65 -29.62 -23.27
N ILE C 114 26.27 -30.79 -23.09
CA ILE C 114 26.04 -31.96 -23.92
C ILE C 114 25.28 -32.99 -23.09
N LEU C 115 24.15 -33.42 -23.60
CA LEU C 115 23.35 -34.40 -22.89
C LEU C 115 23.97 -35.78 -23.05
N PRO C 116 24.09 -36.55 -21.97
CA PRO C 116 24.52 -37.94 -22.09
C PRO C 116 23.34 -38.88 -22.33
N ARG C 117 23.68 -40.11 -22.72
CA ARG C 117 22.68 -41.15 -22.85
C ARG C 117 22.81 -42.13 -21.68
N ARG C 118 21.99 -43.18 -21.71
CA ARG C 118 21.93 -44.13 -20.60
C ARG C 118 23.21 -44.95 -20.50
N ASP C 119 23.79 -45.32 -21.63
CA ASP C 119 25.02 -46.10 -21.66
C ASP C 119 26.25 -45.27 -21.31
N GLY C 120 26.13 -43.93 -21.30
CA GLY C 120 27.26 -43.06 -21.09
C GLY C 120 27.71 -42.31 -22.32
N THR C 121 27.19 -42.66 -23.49
CA THR C 121 27.52 -41.92 -24.69
C THR C 121 26.81 -40.55 -24.68
N PRO C 122 27.41 -39.54 -25.31
CA PRO C 122 26.74 -38.24 -25.44
C PRO C 122 25.50 -38.36 -26.32
N GLY C 123 24.36 -37.96 -25.78
CA GLY C 123 23.10 -38.18 -26.45
C GLY C 123 22.56 -37.01 -27.26
N ALA C 124 22.69 -35.80 -26.74
CA ALA C 124 22.10 -34.66 -27.41
C ALA C 124 22.87 -33.39 -27.08
N VAL C 125 22.82 -32.44 -28.01
CA VAL C 125 23.38 -31.11 -27.79
C VAL C 125 22.27 -30.24 -27.24
N LEU C 126 22.48 -29.71 -26.05
CA LEU C 126 21.47 -28.89 -25.39
C LEU C 126 21.85 -27.43 -25.49
N CYS C 127 20.88 -26.60 -25.86
CA CYS C 127 21.01 -25.16 -25.68
C CYS C 127 20.01 -24.70 -24.63
N PRO C 128 20.32 -24.84 -23.36
CA PRO C 128 19.37 -24.43 -22.33
C PRO C 128 19.36 -22.92 -22.20
N ILE C 129 18.20 -22.33 -22.44
CA ILE C 129 18.01 -20.91 -22.16
C ILE C 129 16.76 -20.80 -21.32
N PRO C 130 16.86 -20.35 -20.09
CA PRO C 130 15.66 -20.14 -19.28
C PRO C 130 14.91 -18.90 -19.70
N PHE C 131 13.88 -18.53 -18.94
CA PHE C 131 13.11 -17.33 -19.28
C PHE C 131 14.01 -16.12 -19.14
N LEU C 132 14.20 -15.42 -20.25
CA LEU C 132 15.01 -14.22 -20.22
C LEU C 132 14.28 -13.13 -19.48
N ARG C 133 14.70 -12.86 -18.26
CA ARG C 133 14.37 -11.59 -17.64
C ARG C 133 14.99 -10.48 -18.48
N PRO C 134 14.29 -9.36 -18.66
CA PRO C 134 14.82 -8.32 -19.53
C PRO C 134 16.02 -7.62 -18.95
N ARG C 135 16.20 -7.67 -17.63
CA ARG C 135 17.36 -7.02 -17.03
C ARG C 135 18.65 -7.75 -17.35
N ASP C 136 18.58 -9.05 -17.58
CA ASP C 136 19.79 -9.84 -17.71
C ASP C 136 20.45 -9.72 -19.07
N ILE C 137 19.80 -9.12 -20.06
CA ILE C 137 20.43 -9.02 -21.37
C ILE C 137 20.53 -7.58 -21.84
N ILE C 138 19.64 -6.71 -21.40
CA ILE C 138 19.60 -5.36 -21.94
C ILE C 138 19.67 -4.34 -20.81
N THR C 139 20.25 -3.18 -21.13
CA THR C 139 20.34 -2.03 -20.26
C THR C 139 19.44 -0.93 -20.80
N SER C 140 18.78 -0.21 -19.91
CA SER C 140 17.95 0.88 -20.39
C SER C 140 18.78 2.13 -20.59
N GLN C 141 18.35 2.96 -21.55
CA GLN C 141 19.00 4.22 -21.85
C GLN C 141 17.95 5.32 -21.88
N ALA C 142 18.42 6.57 -21.79
CA ALA C 142 17.52 7.70 -21.84
C ALA C 142 17.07 7.95 -23.28
N GLY C 143 16.14 8.88 -23.44
CA GLY C 143 15.69 9.28 -24.76
C GLY C 143 14.88 8.25 -25.50
N LEU C 144 14.35 7.24 -24.81
CA LEU C 144 13.65 6.14 -25.45
C LEU C 144 12.22 6.53 -25.83
N ASN C 145 11.41 5.55 -26.17
CA ASN C 145 9.99 5.75 -26.48
C ASN C 145 9.19 4.70 -25.74
N GLY C 146 7.88 4.73 -25.92
CA GLY C 146 7.02 3.72 -25.32
C GLY C 146 7.07 2.41 -26.05
N ILE C 147 6.75 2.43 -27.35
CA ILE C 147 6.73 1.22 -28.16
C ILE C 147 8.14 0.68 -28.33
N GLU C 148 9.12 1.58 -28.45
CA GLU C 148 10.47 1.21 -28.82
C GLU C 148 11.15 0.36 -27.75
N LYS C 149 10.71 0.47 -26.50
CA LYS C 149 11.31 -0.32 -25.43
C LYS C 149 10.98 -1.79 -25.57
N GLN C 150 9.79 -2.09 -26.14
CA GLN C 150 9.36 -3.48 -26.38
C GLN C 150 10.12 -4.04 -27.58
N GLN C 151 10.31 -3.23 -28.62
CA GLN C 151 11.03 -3.65 -29.81
C GLN C 151 12.53 -3.78 -29.56
N HIS C 152 13.07 -2.98 -28.66
CA HIS C 152 14.48 -3.10 -28.34
C HIS C 152 14.77 -4.35 -27.53
N LEU C 153 13.80 -4.80 -26.72
CA LEU C 153 13.93 -6.09 -26.06
C LEU C 153 13.88 -7.22 -27.07
N LEU C 154 12.95 -7.13 -28.03
CA LEU C 154 12.70 -8.22 -28.96
C LEU C 154 13.89 -8.47 -29.87
N ALA C 155 14.63 -7.42 -30.23
CA ALA C 155 15.85 -7.62 -31.01
C ALA C 155 16.95 -8.21 -30.15
N ALA C 156 16.94 -7.93 -28.85
CA ALA C 156 18.01 -8.38 -27.99
C ALA C 156 17.92 -9.87 -27.70
N ILE C 157 16.71 -10.37 -27.45
CA ILE C 157 16.53 -11.81 -27.22
C ILE C 157 16.75 -12.58 -28.52
N THR C 158 16.42 -11.95 -29.66
CA THR C 158 16.59 -12.58 -30.96
C THR C 158 18.05 -12.86 -31.26
N ASP C 159 18.88 -11.85 -31.10
CA ASP C 159 20.31 -12.04 -31.32
C ASP C 159 20.98 -12.76 -30.17
N TYR C 160 20.29 -12.95 -29.05
CA TYR C 160 20.79 -13.83 -28.00
C TYR C 160 20.60 -15.29 -28.40
N TYR C 161 19.51 -15.60 -29.01
CA TYR C 161 19.31 -16.94 -29.53
C TYR C 161 20.23 -17.23 -30.71
N GLN C 162 20.45 -16.25 -31.55
CA GLN C 162 21.41 -16.45 -32.63
C GLN C 162 22.81 -16.64 -32.10
N GLN C 163 23.14 -15.99 -30.98
CA GLN C 163 24.46 -16.18 -30.39
C GLN C 163 24.56 -17.52 -29.67
N HIS C 164 23.52 -17.90 -28.94
CA HIS C 164 23.57 -19.16 -28.21
C HIS C 164 23.47 -20.37 -29.11
N TYR C 165 22.87 -20.23 -30.29
CA TYR C 165 22.88 -21.33 -31.24
C TYR C 165 24.26 -21.51 -31.84
N ALA C 166 24.96 -20.40 -32.10
CA ALA C 166 26.25 -20.45 -32.76
C ALA C 166 27.31 -21.13 -31.90
N ASP C 167 27.14 -21.08 -30.57
CA ASP C 167 28.02 -21.85 -29.70
C ASP C 167 27.81 -23.35 -29.87
N ALA C 168 26.58 -23.76 -30.14
CA ALA C 168 26.33 -25.18 -30.32
C ALA C 168 26.91 -25.69 -31.64
N CYS C 169 27.04 -24.81 -32.64
CA CYS C 169 27.65 -25.21 -33.90
C CYS C 169 29.12 -25.54 -33.73
N LYS C 170 29.81 -24.84 -32.81
CA LYS C 170 31.18 -25.24 -32.50
C LYS C 170 31.20 -26.50 -31.64
N LEU C 171 30.20 -26.65 -30.77
CA LEU C 171 30.23 -27.78 -29.84
C LEU C 171 29.77 -29.07 -30.50
N ARG C 172 28.85 -28.99 -31.45
CA ARG C 172 28.47 -30.19 -32.20
C ARG C 172 29.57 -30.57 -33.18
N GLY C 173 30.12 -29.59 -33.89
CA GLY C 173 31.24 -29.83 -34.78
C GLY C 173 30.86 -30.58 -36.04
N ASP C 174 31.24 -31.85 -36.10
CA ASP C 174 30.90 -32.72 -37.22
C ASP C 174 30.13 -33.96 -36.79
N GLN C 175 29.94 -34.16 -35.48
CA GLN C 175 29.18 -35.31 -35.02
C GLN C 175 27.71 -35.14 -35.32
N PRO C 176 27.02 -36.22 -35.67
CA PRO C 176 25.57 -36.13 -35.88
C PRO C 176 24.80 -36.17 -34.55
N LEU C 177 24.68 -35.00 -33.93
CA LEU C 177 23.96 -34.86 -32.69
C LEU C 177 22.85 -33.82 -32.84
N PRO C 178 21.69 -34.06 -32.25
CA PRO C 178 20.58 -33.11 -32.40
C PRO C 178 20.69 -31.96 -31.41
N ILE C 179 20.20 -30.80 -31.85
CA ILE C 179 20.21 -29.60 -31.03
C ILE C 179 18.85 -29.45 -30.37
N ILE C 180 18.84 -29.38 -29.05
CA ILE C 180 17.63 -29.13 -28.29
C ILE C 180 17.81 -27.81 -27.56
N ALA C 181 16.94 -26.86 -27.85
CA ALA C 181 16.95 -25.56 -27.19
C ALA C 181 15.62 -25.34 -26.51
N THR C 182 15.66 -24.69 -25.36
CA THR C 182 14.46 -24.43 -24.58
C THR C 182 14.21 -22.94 -24.51
N GLY C 183 13.21 -22.57 -23.73
CA GLY C 183 12.81 -21.20 -23.59
C GLY C 183 11.43 -21.14 -22.99
N HIS C 184 11.13 -19.99 -22.41
CA HIS C 184 9.85 -19.80 -21.73
C HIS C 184 9.30 -18.47 -22.19
N LEU C 185 8.52 -18.50 -23.28
CA LEU C 185 8.05 -17.28 -23.90
C LEU C 185 6.85 -17.61 -24.79
N THR C 186 6.35 -16.60 -25.47
CA THR C 186 5.21 -16.72 -26.34
C THR C 186 5.64 -16.46 -27.77
N THR C 187 4.90 -17.01 -28.73
CA THR C 187 5.09 -16.73 -30.14
C THR C 187 3.74 -16.47 -30.81
N VAL C 188 3.75 -16.44 -32.13
CA VAL C 188 2.54 -16.18 -32.91
C VAL C 188 1.53 -17.31 -32.78
N THR C 203 -0.92 -5.37 -29.03
CA THR C 203 -0.87 -6.79 -28.72
C THR C 203 0.33 -7.46 -29.38
N LEU C 204 1.28 -6.65 -29.83
CA LEU C 204 2.51 -7.13 -30.45
C LEU C 204 3.58 -7.44 -29.40
N ASP C 205 3.21 -8.33 -28.47
CA ASP C 205 4.09 -8.82 -27.42
C ASP C 205 4.16 -10.33 -27.61
N ALA C 206 5.05 -10.75 -28.49
CA ALA C 206 5.19 -12.16 -28.86
C ALA C 206 6.58 -12.34 -29.43
N PHE C 207 6.80 -13.48 -30.09
CA PHE C 207 8.06 -13.68 -30.77
C PHE C 207 7.81 -14.24 -32.17
N PRO C 208 8.57 -13.79 -33.17
CA PRO C 208 8.46 -14.36 -34.51
C PRO C 208 9.28 -15.65 -34.61
N ALA C 209 8.61 -16.75 -34.92
CA ALA C 209 9.26 -18.05 -34.92
C ALA C 209 10.27 -18.21 -36.04
N GLN C 210 10.20 -17.37 -37.08
CA GLN C 210 11.24 -17.40 -38.10
C GLN C 210 12.54 -16.79 -37.60
N ASN C 211 12.49 -16.02 -36.50
CA ASN C 211 13.71 -15.56 -35.87
C ASN C 211 14.29 -16.56 -34.90
N PHE C 212 13.57 -17.64 -34.59
CA PHE C 212 14.13 -18.73 -33.82
C PHE C 212 15.26 -19.40 -34.59
N PRO C 213 16.26 -19.97 -33.92
CA PRO C 213 17.44 -20.48 -34.60
C PRO C 213 17.12 -21.70 -35.45
N PRO C 214 17.96 -22.02 -36.44
CA PRO C 214 17.77 -23.28 -37.19
C PRO C 214 18.18 -24.49 -36.37
N ALA C 215 17.39 -24.79 -35.35
CA ALA C 215 17.70 -25.89 -34.48
C ALA C 215 16.93 -27.13 -34.89
N ASP C 216 17.36 -28.26 -34.36
CA ASP C 216 16.75 -29.52 -34.78
C ASP C 216 15.43 -29.76 -34.07
N TYR C 217 15.31 -29.31 -32.82
CA TYR C 217 14.06 -29.33 -32.10
C TYR C 217 14.12 -28.30 -31.00
N ILE C 218 13.08 -27.50 -30.87
CA ILE C 218 13.03 -26.46 -29.85
C ILE C 218 11.81 -26.69 -28.99
N ALA C 219 12.01 -27.24 -27.80
CA ALA C 219 10.98 -27.28 -26.79
C ALA C 219 10.77 -25.88 -26.25
N LEU C 220 9.58 -25.62 -25.73
CA LEU C 220 9.24 -24.28 -25.28
C LEU C 220 8.32 -24.39 -24.06
N GLY C 221 7.72 -23.26 -23.68
CA GLY C 221 6.83 -23.21 -22.52
C GLY C 221 5.86 -22.05 -22.55
N HIS C 222 5.31 -21.68 -21.38
CA HIS C 222 4.49 -20.50 -21.11
C HIS C 222 3.10 -20.53 -21.76
N ILE C 223 2.78 -21.54 -22.56
CA ILE C 223 1.45 -21.67 -23.15
C ILE C 223 0.87 -23.00 -22.70
N HIS C 224 -0.35 -22.98 -22.21
CA HIS C 224 -0.89 -24.17 -21.55
C HIS C 224 -1.64 -25.08 -22.51
N ARG C 225 -2.13 -24.57 -23.63
CA ARG C 225 -2.72 -25.40 -24.68
C ARG C 225 -1.60 -26.04 -25.47
N ALA C 226 -1.52 -27.37 -25.42
CA ALA C 226 -0.46 -28.08 -26.12
C ALA C 226 -0.65 -27.97 -27.63
N GLN C 227 0.25 -27.25 -28.29
CA GLN C 227 0.03 -26.98 -29.70
C GLN C 227 1.34 -26.85 -30.44
N ILE C 228 1.31 -27.24 -31.71
CA ILE C 228 2.36 -26.87 -32.64
C ILE C 228 2.20 -25.38 -32.94
N ILE C 229 3.29 -24.74 -33.34
CA ILE C 229 3.26 -23.33 -33.71
C ILE C 229 3.91 -23.16 -35.07
N GLY C 230 3.20 -22.50 -35.99
CA GLY C 230 3.76 -22.09 -37.25
C GLY C 230 3.96 -23.20 -38.25
N GLY C 231 3.41 -24.38 -38.01
CA GLY C 231 3.58 -25.47 -38.93
C GLY C 231 4.93 -26.16 -38.84
N MET C 232 5.82 -25.73 -37.96
CA MET C 232 7.07 -26.42 -37.73
C MET C 232 6.89 -27.34 -36.55
N GLU C 233 6.97 -28.64 -36.82
CA GLU C 233 6.68 -29.66 -35.83
C GLU C 233 7.74 -29.77 -34.75
N HIS C 234 8.90 -29.17 -34.96
CA HIS C 234 9.98 -29.22 -33.98
C HIS C 234 9.96 -28.02 -33.04
N VAL C 235 8.83 -27.31 -32.96
CA VAL C 235 8.59 -26.27 -31.97
C VAL C 235 7.24 -26.58 -31.35
N ARG C 236 7.25 -27.06 -30.11
CA ARG C 236 6.05 -27.58 -29.49
C ARG C 236 5.87 -26.96 -28.11
N TYR C 237 4.83 -26.15 -27.95
CA TYR C 237 4.35 -25.84 -26.62
C TYR C 237 3.77 -27.12 -26.04
N CYS C 238 4.43 -27.68 -25.04
CA CYS C 238 3.96 -28.94 -24.48
C CYS C 238 2.74 -28.80 -23.61
N GLY C 239 2.47 -27.60 -23.11
CA GLY C 239 1.32 -27.38 -22.27
C GLY C 239 1.50 -27.94 -20.88
N SER C 240 0.52 -27.64 -20.04
CA SER C 240 0.54 -28.10 -18.67
C SER C 240 0.33 -29.61 -18.63
N PRO C 241 0.83 -30.29 -17.59
CA PRO C 241 0.50 -31.71 -17.44
C PRO C 241 -0.86 -31.94 -16.79
N ILE C 242 -1.45 -30.91 -16.18
CA ILE C 242 -2.75 -31.04 -15.53
C ILE C 242 -3.51 -29.74 -15.70
N PRO C 243 -4.84 -29.82 -15.72
CA PRO C 243 -5.65 -28.59 -15.88
C PRO C 243 -5.54 -27.66 -14.69
N LEU C 244 -5.22 -26.40 -14.97
CA LEU C 244 -5.10 -25.35 -13.98
C LEU C 244 -6.16 -24.27 -14.15
N SER C 245 -7.17 -24.52 -14.97
CA SER C 245 -8.19 -23.51 -15.24
C SER C 245 -9.45 -24.19 -15.74
N PHE C 246 -10.49 -23.39 -15.91
CA PHE C 246 -11.79 -23.90 -16.29
C PHE C 246 -12.14 -23.61 -17.74
N ASP C 247 -11.18 -23.11 -18.53
CA ASP C 247 -11.40 -23.04 -19.97
C ASP C 247 -10.85 -24.27 -20.67
N GLU C 248 -9.74 -24.81 -20.17
CA GLU C 248 -9.11 -26.00 -20.70
C GLU C 248 -9.21 -27.17 -19.72
N CYS C 249 -10.23 -27.16 -18.86
CA CYS C 249 -10.41 -28.25 -17.90
C CYS C 249 -10.76 -29.55 -18.60
N GLY C 250 -11.73 -29.50 -19.52
CA GLY C 250 -12.15 -30.68 -20.26
C GLY C 250 -11.18 -31.13 -21.33
N LYS C 251 -10.10 -30.37 -21.56
CA LYS C 251 -9.12 -30.75 -22.55
C LYS C 251 -8.18 -31.82 -22.00
N SER C 252 -7.21 -32.20 -22.82
CA SER C 252 -6.25 -33.23 -22.47
C SER C 252 -4.85 -32.64 -22.37
N LYS C 253 -3.98 -33.35 -21.68
CA LYS C 253 -2.61 -32.93 -21.44
C LYS C 253 -1.65 -33.94 -22.02
N TYR C 254 -0.55 -33.46 -22.61
CA TYR C 254 0.37 -34.33 -23.31
C TYR C 254 1.80 -33.95 -22.97
N VAL C 255 2.48 -34.80 -22.22
CA VAL C 255 3.93 -34.68 -22.12
C VAL C 255 4.54 -35.15 -23.42
N HIS C 256 5.30 -34.29 -24.07
CA HIS C 256 5.81 -34.57 -25.40
C HIS C 256 6.95 -35.56 -25.32
N LEU C 257 6.84 -36.65 -26.08
CA LEU C 257 7.91 -37.63 -26.19
C LEU C 257 8.53 -37.49 -27.57
N VAL C 258 9.81 -37.14 -27.60
CA VAL C 258 10.53 -36.91 -28.85
C VAL C 258 11.71 -37.86 -28.88
N THR C 259 11.60 -38.92 -29.67
CA THR C 259 12.72 -39.80 -29.93
C THR C 259 13.49 -39.29 -31.13
N PHE C 260 14.81 -39.34 -31.05
CA PHE C 260 15.67 -38.88 -32.12
C PHE C 260 16.31 -40.06 -32.85
N SER C 261 16.61 -39.84 -34.13
CA SER C 261 17.17 -40.88 -34.98
C SER C 261 18.32 -40.29 -35.78
N ASN C 262 19.52 -40.86 -35.60
CA ASN C 262 20.72 -40.52 -36.37
C ASN C 262 21.08 -39.05 -36.26
N GLY C 263 20.89 -38.48 -35.07
CA GLY C 263 21.11 -37.07 -34.86
C GLY C 263 20.02 -36.16 -35.36
N LYS C 264 18.95 -36.70 -35.93
CA LYS C 264 17.82 -35.95 -36.42
C LYS C 264 16.55 -36.41 -35.72
N LEU C 265 15.43 -35.80 -36.09
CA LEU C 265 14.16 -36.05 -35.44
C LEU C 265 13.47 -37.28 -36.02
N GLU C 266 12.93 -38.11 -35.13
CA GLU C 266 12.14 -39.27 -35.54
C GLU C 266 10.65 -39.07 -35.32
N SER C 267 10.22 -38.80 -34.09
CA SER C 267 8.80 -38.91 -33.80
C SER C 267 8.42 -37.95 -32.67
N VAL C 268 7.17 -37.51 -32.70
CA VAL C 268 6.60 -36.65 -31.68
C VAL C 268 5.39 -37.40 -31.12
N GLU C 269 5.59 -38.16 -30.05
CA GLU C 269 4.52 -38.93 -29.43
C GLU C 269 3.97 -38.14 -28.26
N ASN C 270 2.66 -38.24 -28.04
CA ASN C 270 1.95 -37.43 -27.06
C ASN C 270 1.19 -38.36 -26.13
N LEU C 271 1.82 -38.75 -25.03
CA LEU C 271 1.16 -39.57 -24.05
C LEU C 271 0.16 -38.74 -23.26
N ASN C 272 -1.06 -39.23 -23.13
CA ASN C 272 -2.04 -38.53 -22.33
C ASN C 272 -1.75 -38.74 -20.85
N VAL C 273 -2.37 -37.92 -20.02
CA VAL C 273 -2.17 -37.95 -18.57
C VAL C 273 -3.45 -38.48 -17.93
N PRO C 274 -3.36 -39.46 -17.03
CA PRO C 274 -4.55 -39.91 -16.31
C PRO C 274 -4.97 -38.85 -15.30
N VAL C 275 -6.12 -38.23 -15.54
CA VAL C 275 -6.58 -37.12 -14.70
C VAL C 275 -7.14 -37.70 -13.41
N THR C 276 -6.59 -37.26 -12.29
CA THR C 276 -7.06 -37.72 -10.99
C THR C 276 -8.09 -36.82 -10.36
N GLN C 277 -8.11 -35.54 -10.70
CA GLN C 277 -9.03 -34.58 -10.12
C GLN C 277 -9.99 -34.10 -11.19
N PRO C 278 -11.25 -34.47 -11.14
CA PRO C 278 -12.17 -34.13 -12.23
C PRO C 278 -12.78 -32.75 -12.04
N MET C 279 -12.89 -32.02 -13.15
CA MET C 279 -13.44 -30.67 -13.16
C MET C 279 -14.29 -30.49 -14.40
N ALA C 280 -15.31 -29.64 -14.30
CA ALA C 280 -16.17 -29.35 -15.43
C ALA C 280 -16.75 -27.95 -15.29
N VAL C 281 -17.22 -27.42 -16.41
CA VAL C 281 -17.78 -26.07 -16.46
C VAL C 281 -19.23 -26.17 -16.93
N LEU C 282 -20.07 -25.28 -16.40
CA LEU C 282 -21.49 -25.23 -16.74
C LEU C 282 -21.88 -23.81 -17.13
N LYS C 283 -22.57 -23.68 -18.24
CA LYS C 283 -23.15 -22.41 -18.66
C LYS C 283 -24.64 -22.40 -18.38
N GLY C 284 -25.26 -21.27 -18.65
CA GLY C 284 -26.70 -21.18 -18.64
C GLY C 284 -27.27 -20.62 -17.36
N ASP C 285 -28.53 -20.97 -17.12
CA ASP C 285 -29.30 -20.48 -15.99
C ASP C 285 -29.61 -21.64 -15.03
N LEU C 286 -30.32 -21.32 -13.95
CA LEU C 286 -30.41 -22.18 -12.78
C LEU C 286 -31.06 -23.53 -13.09
N ALA C 287 -32.11 -23.51 -13.92
CA ALA C 287 -32.73 -24.77 -14.32
C ALA C 287 -31.83 -25.58 -15.21
N SER C 288 -30.99 -24.92 -16.01
CA SER C 288 -29.99 -25.65 -16.79
C SER C 288 -28.88 -26.19 -15.91
N ILE C 289 -28.50 -25.44 -14.86
CA ILE C 289 -27.57 -25.97 -13.87
C ILE C 289 -28.20 -27.11 -13.09
N THR C 290 -29.52 -27.07 -12.90
CA THR C 290 -30.20 -28.15 -12.21
C THR C 290 -30.16 -29.45 -12.99
N ALA C 291 -30.22 -29.36 -14.32
CA ALA C 291 -30.15 -30.57 -15.15
C ALA C 291 -28.73 -31.11 -15.21
N GLN C 292 -27.73 -30.21 -15.27
CA GLN C 292 -26.35 -30.66 -15.39
C GLN C 292 -25.82 -31.20 -14.06
N LEU C 293 -26.49 -30.85 -12.97
CA LEU C 293 -26.13 -31.42 -11.68
C LEU C 293 -26.75 -32.78 -11.49
N GLU C 294 -27.70 -33.14 -12.36
CA GLU C 294 -28.41 -34.42 -12.21
C GLU C 294 -27.59 -35.59 -12.75
N GLN C 295 -26.52 -35.30 -13.50
CA GLN C 295 -25.71 -36.37 -14.06
C GLN C 295 -24.76 -36.96 -13.04
N TRP C 296 -24.66 -36.34 -11.87
CA TRP C 296 -23.80 -36.83 -10.80
C TRP C 296 -24.61 -37.46 -9.67
N ARG C 297 -25.88 -37.78 -9.94
CA ARG C 297 -26.76 -38.25 -8.87
C ARG C 297 -26.48 -39.70 -8.51
N ASP C 298 -26.65 -40.60 -9.47
CA ASP C 298 -26.48 -42.03 -9.19
C ASP C 298 -25.01 -42.40 -9.12
N VAL C 299 -24.19 -41.82 -9.99
CA VAL C 299 -22.78 -42.18 -10.04
C VAL C 299 -22.05 -41.55 -8.85
N SER C 300 -20.98 -42.21 -8.42
CA SER C 300 -20.22 -41.78 -7.27
C SER C 300 -18.82 -41.34 -7.71
N GLN C 301 -18.19 -40.54 -6.85
CA GLN C 301 -16.87 -39.99 -7.14
C GLN C 301 -16.01 -40.11 -5.88
N GLU C 302 -14.89 -40.79 -6.00
CA GLU C 302 -13.93 -40.90 -4.92
C GLU C 302 -13.05 -39.64 -4.83
N PRO C 303 -12.62 -39.00 -5.93
CA PRO C 303 -12.24 -37.59 -5.82
C PRO C 303 -13.45 -36.69 -6.01
N PRO C 304 -13.67 -35.73 -5.11
CA PRO C 304 -14.84 -34.85 -5.25
C PRO C 304 -14.67 -33.91 -6.44
N VAL C 305 -15.62 -33.98 -7.37
CA VAL C 305 -15.49 -33.25 -8.63
C VAL C 305 -15.73 -31.76 -8.38
N TRP C 306 -14.94 -30.92 -9.04
CA TRP C 306 -15.09 -29.48 -8.91
C TRP C 306 -15.83 -28.94 -10.12
N LEU C 307 -16.30 -27.70 -9.98
CA LEU C 307 -17.26 -27.15 -10.91
C LEU C 307 -17.04 -25.67 -11.07
N ASP C 308 -17.35 -25.17 -12.27
CA ASP C 308 -17.56 -23.75 -12.51
C ASP C 308 -19.00 -23.60 -12.96
N ILE C 309 -19.70 -22.62 -12.39
CA ILE C 309 -21.11 -22.38 -12.68
C ILE C 309 -21.20 -20.93 -13.17
N GLU C 310 -21.12 -20.74 -14.48
CA GLU C 310 -21.25 -19.41 -15.07
C GLU C 310 -22.73 -19.13 -15.27
N ILE C 311 -23.36 -18.57 -14.24
CA ILE C 311 -24.79 -18.30 -14.31
C ILE C 311 -25.02 -17.08 -15.19
N THR C 312 -25.85 -17.24 -16.21
CA THR C 312 -26.23 -16.16 -17.11
C THR C 312 -27.66 -15.70 -16.83
N THR C 313 -28.03 -15.66 -15.56
CA THR C 313 -29.42 -15.45 -15.19
C THR C 313 -29.86 -14.01 -15.38
N ASP C 314 -31.17 -13.81 -15.22
CA ASP C 314 -31.80 -12.50 -15.20
C ASP C 314 -32.54 -12.24 -13.90
N GLU C 315 -32.96 -13.29 -13.21
CA GLU C 315 -33.82 -13.13 -12.05
C GLU C 315 -33.01 -12.70 -10.83
N TYR C 316 -33.74 -12.30 -9.79
CA TYR C 316 -33.13 -11.80 -8.57
C TYR C 316 -32.35 -12.88 -7.83
N LEU C 317 -33.01 -14.01 -7.55
CA LEU C 317 -32.41 -15.22 -7.01
C LEU C 317 -31.73 -14.96 -5.67
N HIS C 318 -32.57 -14.73 -4.67
CA HIS C 318 -32.19 -14.52 -3.28
C HIS C 318 -31.21 -15.58 -2.80
N ASP C 319 -30.00 -15.12 -2.47
CA ASP C 319 -28.89 -15.94 -1.99
C ASP C 319 -28.58 -17.09 -2.95
N ILE C 320 -28.08 -16.67 -4.12
CA ILE C 320 -27.76 -17.61 -5.20
C ILE C 320 -26.70 -18.62 -4.78
N GLN C 321 -25.81 -18.24 -3.85
CA GLN C 321 -24.89 -19.21 -3.29
C GLN C 321 -25.58 -20.19 -2.36
N ARG C 322 -26.73 -19.81 -1.79
CA ARG C 322 -27.46 -20.76 -0.96
C ARG C 322 -28.30 -21.72 -1.78
N LYS C 323 -28.75 -21.29 -2.95
CA LYS C 323 -29.44 -22.21 -3.85
C LYS C 323 -28.49 -23.27 -4.38
N ILE C 324 -27.23 -22.90 -4.61
CA ILE C 324 -26.23 -23.89 -4.95
C ILE C 324 -25.93 -24.77 -3.74
N GLN C 325 -25.85 -24.17 -2.56
CA GLN C 325 -25.60 -24.91 -1.34
C GLN C 325 -26.75 -25.83 -0.98
N ALA C 326 -27.97 -25.47 -1.40
CA ALA C 326 -29.11 -26.35 -1.14
C ALA C 326 -29.07 -27.59 -2.02
N LEU C 327 -28.38 -27.51 -3.15
CA LEU C 327 -28.38 -28.63 -4.08
C LEU C 327 -27.41 -29.71 -3.67
N THR C 328 -26.16 -29.34 -3.41
CA THR C 328 -25.06 -30.30 -3.34
C THR C 328 -24.75 -30.74 -1.91
N GLU C 329 -25.74 -30.81 -1.04
CA GLU C 329 -25.50 -31.29 0.32
C GLU C 329 -25.25 -32.79 0.33
N SER C 330 -26.19 -33.57 -0.19
CA SER C 330 -26.09 -35.03 -0.20
C SER C 330 -25.42 -35.57 -1.46
N LEU C 331 -24.52 -34.81 -2.07
CA LEU C 331 -23.91 -35.19 -3.33
C LEU C 331 -22.39 -35.14 -3.22
N PRO C 332 -21.67 -35.95 -4.04
CA PRO C 332 -20.20 -35.86 -4.09
C PRO C 332 -19.70 -34.84 -5.11
N VAL C 333 -20.23 -33.63 -5.04
CA VAL C 333 -19.86 -32.54 -5.93
C VAL C 333 -19.44 -31.37 -5.05
N GLU C 334 -18.35 -30.71 -5.41
CA GLU C 334 -17.85 -29.56 -4.65
C GLU C 334 -17.91 -28.32 -5.52
N VAL C 335 -18.63 -27.30 -5.05
CA VAL C 335 -18.56 -25.99 -5.67
C VAL C 335 -17.19 -25.40 -5.35
N LEU C 336 -16.71 -24.53 -6.22
CA LEU C 336 -15.48 -23.82 -5.91
C LEU C 336 -15.60 -22.34 -6.29
N LEU C 337 -16.43 -22.06 -7.29
CA LEU C 337 -16.68 -20.68 -7.68
C LEU C 337 -18.05 -20.58 -8.33
N VAL C 338 -18.58 -19.37 -8.35
CA VAL C 338 -19.90 -19.09 -8.90
C VAL C 338 -19.92 -17.66 -9.40
N ARG C 339 -20.33 -17.48 -10.64
CA ARG C 339 -20.23 -16.18 -11.28
C ARG C 339 -21.54 -15.82 -11.96
N ARG C 340 -21.83 -14.52 -12.01
CA ARG C 340 -23.08 -14.01 -12.64
C ARG C 340 -22.74 -12.79 -13.51
N SER C 341 -23.60 -12.46 -14.47
CA SER C 341 -23.37 -11.28 -15.35
C SER C 341 -23.99 -10.04 -14.70
N ARG C 342 -23.57 -9.73 -13.47
CA ARG C 342 -24.09 -8.58 -12.68
C ARG C 342 -23.61 -7.26 -13.28
N GLU C 343 -22.96 -7.29 -14.45
CA GLU C 343 -22.48 -6.04 -15.08
C GLU C 343 -23.55 -5.52 -16.03
N GLN C 344 -24.24 -4.44 -15.64
CA GLN C 344 -25.33 -3.82 -16.44
C GLN C 344 -25.46 -2.35 -16.02
N ARG C 345 -26.13 -1.54 -16.84
CA ARG C 345 -26.34 -0.10 -16.52
C ARG C 345 -27.82 0.12 -16.17
N GLU C 346 -28.12 1.20 -15.44
CA GLU C 346 -29.52 1.52 -15.05
C GLU C 346 -29.60 2.98 -14.60
N ARG C 347 -30.27 3.83 -15.39
CA ARG C 347 -30.43 5.27 -15.08
C ARG C 347 -31.52 5.87 -15.97
N VAL C 348 -32.20 6.92 -15.50
CA VAL C 348 -33.25 7.57 -16.27
C VAL C 348 -32.63 8.19 -17.53
N LEU C 349 -33.36 8.08 -18.63
CA LEU C 349 -32.95 8.71 -19.88
C LEU C 349 -33.29 10.20 -19.85
N ALA C 350 -33.21 10.85 -21.01
CA ALA C 350 -33.47 12.29 -21.09
C ALA C 350 -34.93 12.64 -20.89
N SER C 351 -35.84 11.68 -21.07
CA SER C 351 -37.30 11.88 -21.03
C SER C 351 -37.73 12.96 -22.02
N GLN C 352 -37.12 12.93 -23.21
CA GLN C 352 -37.25 13.94 -24.26
C GLN C 352 -36.88 15.34 -23.77
N GLN C 353 -35.94 15.41 -22.82
CA GLN C 353 -35.23 16.61 -22.37
C GLN C 353 -36.14 17.71 -21.84
N ARG C 354 -37.33 17.38 -21.35
CA ARG C 354 -38.29 18.42 -21.02
C ARG C 354 -38.97 18.24 -19.66
N GLU C 355 -39.02 17.02 -19.14
CA GLU C 355 -39.87 16.74 -17.99
C GLU C 355 -39.30 17.34 -16.71
N THR C 356 -40.17 17.59 -15.74
CA THR C 356 -39.77 18.00 -14.40
C THR C 356 -40.18 16.89 -13.45
N LEU C 357 -39.45 16.76 -12.34
CA LEU C 357 -39.72 15.64 -11.45
C LEU C 357 -40.98 15.88 -10.64
N SER C 358 -41.33 17.15 -10.40
CA SER C 358 -42.54 17.45 -9.66
C SER C 358 -43.79 17.14 -10.49
N GLU C 359 -43.71 17.22 -11.81
CA GLU C 359 -44.91 16.97 -12.60
C GLU C 359 -45.09 15.48 -12.87
N LEU C 360 -44.01 14.72 -12.90
CA LEU C 360 -44.14 13.28 -13.09
C LEU C 360 -44.49 12.63 -11.76
N SER C 361 -45.53 11.81 -11.77
CA SER C 361 -45.90 11.12 -10.55
C SER C 361 -44.98 9.94 -10.31
N VAL C 362 -45.12 9.36 -9.11
CA VAL C 362 -44.32 8.20 -8.73
C VAL C 362 -44.69 7.00 -9.58
N GLU C 363 -45.93 6.96 -10.07
CA GLU C 363 -46.36 5.91 -10.98
C GLU C 363 -45.61 5.98 -12.30
N GLU C 364 -45.19 7.16 -12.71
CA GLU C 364 -44.48 7.29 -13.98
C GLU C 364 -43.04 6.82 -13.85
N VAL C 365 -42.31 7.36 -12.87
CA VAL C 365 -40.90 7.05 -12.74
C VAL C 365 -40.65 5.63 -12.26
N PHE C 366 -41.64 5.01 -11.63
CA PHE C 366 -41.51 3.60 -11.34
C PHE C 366 -41.72 2.78 -12.60
N ASN C 367 -42.70 3.16 -13.40
CA ASN C 367 -42.87 2.54 -14.71
C ASN C 367 -41.71 2.87 -15.63
N ARG C 368 -41.11 4.05 -15.47
CA ARG C 368 -39.92 4.38 -16.23
C ARG C 368 -38.74 3.52 -15.81
N ARG C 369 -38.78 3.00 -14.59
CA ARG C 369 -37.65 2.17 -14.05
C ARG C 369 -37.78 0.69 -14.45
N LEU C 370 -39.00 0.19 -14.68
CA LEU C 370 -39.21 -1.20 -15.03
C LEU C 370 -39.10 -1.48 -16.51
N ALA C 371 -39.24 -0.46 -17.36
CA ALA C 371 -39.08 -0.67 -18.79
C ALA C 371 -37.63 -0.90 -19.21
N LEU C 372 -36.70 -0.70 -18.27
CA LEU C 372 -35.25 -0.87 -18.54
C LEU C 372 -34.85 -2.35 -18.39
N GLU C 373 -35.69 -3.17 -17.76
CA GLU C 373 -35.36 -4.58 -17.57
C GLU C 373 -35.97 -5.46 -18.65
N GLU C 374 -35.96 -6.77 -18.42
CA GLU C 374 -36.41 -7.76 -19.39
C GLU C 374 -37.85 -8.20 -19.21
N LEU C 375 -38.38 -8.05 -17.99
CA LEU C 375 -39.61 -8.72 -17.56
C LEU C 375 -40.83 -8.25 -18.35
N ASP C 376 -41.72 -9.20 -18.68
CA ASP C 376 -42.85 -8.84 -19.52
C ASP C 376 -44.19 -8.75 -18.79
N GLU C 377 -44.72 -9.87 -18.29
CA GLU C 377 -46.14 -9.85 -17.93
C GLU C 377 -46.44 -10.25 -16.50
N SER C 378 -46.03 -11.45 -16.08
CA SER C 378 -46.65 -12.07 -14.93
C SER C 378 -46.14 -11.48 -13.62
N GLN C 379 -44.82 -11.44 -13.47
CA GLN C 379 -44.20 -10.82 -12.32
C GLN C 379 -44.47 -9.32 -12.28
N GLN C 380 -44.64 -8.69 -13.45
CA GLN C 380 -44.85 -7.24 -13.52
C GLN C 380 -46.18 -6.85 -12.89
N GLN C 381 -47.22 -7.60 -13.20
CA GLN C 381 -48.51 -7.38 -12.59
C GLN C 381 -48.57 -7.89 -11.16
N ARG C 382 -47.58 -8.66 -10.73
CA ARG C 382 -47.41 -8.96 -9.33
C ARG C 382 -46.62 -7.86 -8.62
N LEU C 383 -45.55 -7.36 -9.25
CA LEU C 383 -44.68 -6.38 -8.61
C LEU C 383 -45.35 -5.02 -8.50
N GLN C 384 -46.13 -4.62 -9.50
CA GLN C 384 -46.78 -3.33 -9.45
C GLN C 384 -47.85 -3.29 -8.37
N HIS C 385 -48.49 -4.42 -8.09
CA HIS C 385 -49.34 -4.49 -6.91
C HIS C 385 -48.50 -4.38 -5.64
N LEU C 386 -47.34 -5.02 -5.63
CA LEU C 386 -46.44 -4.95 -4.48
C LEU C 386 -45.88 -3.55 -4.30
N PHE C 387 -45.70 -2.83 -5.41
CA PHE C 387 -45.20 -1.47 -5.32
C PHE C 387 -46.28 -0.52 -4.82
N THR C 388 -47.50 -0.66 -5.32
CA THR C 388 -48.55 0.27 -4.98
C THR C 388 -49.08 0.07 -3.57
N THR C 389 -48.78 -1.07 -2.95
CA THR C 389 -49.07 -1.24 -1.54
C THR C 389 -48.25 -0.28 -0.68
N THR C 390 -47.04 0.03 -1.11
CA THR C 390 -46.18 0.92 -0.36
C THR C 390 -46.62 2.37 -0.48
N LEU C 391 -47.10 2.77 -1.65
CA LEU C 391 -47.60 4.14 -1.80
C LEU C 391 -48.84 4.38 -0.95
N HIS C 392 -49.69 3.37 -0.82
CA HIS C 392 -50.93 3.56 -0.09
C HIS C 392 -50.71 3.50 1.41
N THR C 393 -49.76 2.69 1.87
CA THR C 393 -49.57 2.50 3.30
C THR C 393 -48.88 3.69 3.98
N LEU C 394 -48.42 4.67 3.20
CA LEU C 394 -48.11 5.97 3.76
C LEU C 394 -49.29 6.93 3.67
N ALA C 395 -50.17 6.73 2.68
CA ALA C 395 -51.33 7.57 2.51
C ALA C 395 -52.42 7.19 3.51
N MET D 1 39.76 -39.48 17.45
CA MET D 1 38.70 -39.27 16.47
C MET D 1 38.25 -37.81 16.46
N ARG D 2 38.48 -37.15 15.35
CA ARG D 2 38.27 -35.71 15.22
C ARG D 2 36.84 -35.44 14.79
N ILE D 3 36.12 -34.63 15.56
CA ILE D 3 34.77 -34.19 15.21
C ILE D 3 34.65 -32.71 15.51
N LEU D 4 34.31 -31.92 14.51
CA LEU D 4 34.09 -30.50 14.74
C LEU D 4 32.74 -30.27 15.39
N HIS D 5 32.63 -29.19 16.16
CA HIS D 5 31.47 -28.90 16.98
C HIS D 5 31.12 -27.43 16.80
N THR D 6 30.11 -27.16 15.96
CA THR D 6 29.61 -25.81 15.77
C THR D 6 28.16 -25.73 16.23
N SER D 7 27.68 -24.50 16.40
CA SER D 7 26.36 -24.27 16.92
C SER D 7 25.94 -22.84 16.62
N ASP D 8 24.64 -22.66 16.41
CA ASP D 8 23.98 -21.34 16.34
C ASP D 8 24.53 -20.50 15.20
N TRP D 9 24.31 -20.97 13.98
CA TRP D 9 24.78 -20.24 12.82
C TRP D 9 23.90 -19.05 12.51
N HIS D 10 22.58 -19.22 12.61
CA HIS D 10 21.57 -18.17 12.39
C HIS D 10 21.73 -17.52 11.02
N LEU D 11 21.67 -18.34 9.97
CA LEU D 11 21.98 -17.85 8.63
C LEU D 11 20.90 -16.91 8.12
N GLY D 12 21.34 -15.92 7.36
CA GLY D 12 20.44 -14.92 6.82
C GLY D 12 19.89 -13.97 7.87
N GLN D 13 20.68 -13.65 8.88
CA GLN D 13 20.16 -12.88 10.00
C GLN D 13 19.98 -11.42 9.62
N ASN D 14 18.75 -10.95 9.74
CA ASN D 14 18.47 -9.52 9.74
C ASN D 14 19.23 -8.87 10.88
N PHE D 15 20.06 -7.88 10.57
CA PHE D 15 20.85 -7.19 11.59
C PHE D 15 20.72 -5.70 11.37
N TYR D 16 19.61 -5.13 11.88
CA TYR D 16 19.22 -3.73 11.68
C TYR D 16 19.25 -3.36 10.20
N SER D 17 18.68 -4.24 9.38
CA SER D 17 18.65 -4.26 7.92
C SER D 17 20.02 -4.44 7.28
N LYS D 18 21.08 -4.61 8.04
CA LYS D 18 22.35 -5.04 7.48
C LYS D 18 22.42 -6.56 7.51
N SER D 19 23.30 -7.10 6.68
CA SER D 19 23.34 -8.54 6.43
C SER D 19 24.50 -9.22 7.14
N ARG D 20 24.38 -10.53 7.25
CA ARG D 20 25.45 -11.40 7.71
C ARG D 20 25.90 -12.29 6.57
N GLU D 21 25.99 -11.72 5.38
CA GLU D 21 26.41 -12.46 4.20
C GLU D 21 27.91 -12.74 4.23
N ALA D 22 28.72 -11.69 4.22
CA ALA D 22 30.15 -11.86 4.14
C ALA D 22 30.78 -12.31 5.45
N GLU D 23 30.06 -12.20 6.56
CA GLU D 23 30.55 -12.79 7.80
C GLU D 23 30.60 -14.30 7.69
N HIS D 24 29.52 -14.90 7.19
CA HIS D 24 29.48 -16.35 7.09
C HIS D 24 30.34 -16.84 5.94
N GLN D 25 30.37 -16.08 4.84
CA GLN D 25 31.10 -16.54 3.67
C GLN D 25 32.60 -16.50 3.88
N ALA D 26 33.06 -15.64 4.79
CA ALA D 26 34.45 -15.70 5.21
C ALA D 26 34.65 -16.65 6.38
N PHE D 27 33.58 -17.26 6.87
CA PHE D 27 33.70 -18.28 7.90
C PHE D 27 33.59 -19.68 7.33
N LEU D 28 32.68 -19.88 6.37
CA LEU D 28 32.37 -21.22 5.89
C LEU D 28 33.52 -21.84 5.12
N ASP D 29 34.25 -21.04 4.35
CA ASP D 29 35.46 -21.53 3.71
C ASP D 29 36.51 -21.87 4.75
N TRP D 30 36.59 -21.06 5.81
CA TRP D 30 37.52 -21.35 6.89
C TRP D 30 37.12 -22.60 7.65
N LEU D 31 35.82 -22.87 7.72
CA LEU D 31 35.33 -24.00 8.49
C LEU D 31 35.75 -25.31 7.84
N LEU D 32 35.57 -25.44 6.53
CA LEU D 32 35.96 -26.67 5.85
C LEU D 32 37.47 -26.76 5.72
N GLU D 33 38.16 -25.62 5.73
CA GLU D 33 39.61 -25.61 5.58
C GLU D 33 40.30 -26.25 6.77
N THR D 34 39.87 -25.88 7.98
CA THR D 34 40.39 -26.53 9.17
C THR D 34 39.99 -27.99 9.21
N ALA D 35 38.80 -28.31 8.70
CA ALA D 35 38.44 -29.70 8.49
C ALA D 35 39.33 -30.34 7.44
N GLN D 36 39.68 -29.58 6.40
CA GLN D 36 40.63 -30.08 5.42
C GLN D 36 42.03 -30.16 6.00
N THR D 37 42.34 -29.33 7.00
CA THR D 37 43.66 -29.40 7.62
C THR D 37 43.80 -30.64 8.47
N HIS D 38 42.83 -30.88 9.35
CA HIS D 38 42.98 -31.91 10.37
C HIS D 38 42.36 -33.24 10.00
N GLN D 39 41.74 -33.33 8.81
CA GLN D 39 41.11 -34.55 8.29
C GLN D 39 40.05 -35.09 9.26
N VAL D 40 39.00 -34.29 9.43
CA VAL D 40 37.98 -34.57 10.44
C VAL D 40 37.17 -35.81 10.05
N ASP D 41 36.61 -36.48 11.06
CA ASP D 41 35.65 -37.52 10.76
C ASP D 41 34.32 -36.91 10.31
N ALA D 42 33.72 -36.07 11.15
CA ALA D 42 32.41 -35.52 10.82
C ALA D 42 32.22 -34.19 11.53
N ILE D 43 31.28 -33.41 11.00
CA ILE D 43 30.89 -32.13 11.58
C ILE D 43 29.44 -32.24 12.04
N ILE D 44 29.14 -31.61 13.17
CA ILE D 44 27.79 -31.53 13.67
C ILE D 44 27.48 -30.07 13.99
N VAL D 45 26.30 -29.63 13.60
CA VAL D 45 25.81 -28.30 13.94
C VAL D 45 24.69 -28.44 14.96
N ALA D 46 24.82 -27.76 16.09
CA ALA D 46 23.91 -27.96 17.21
C ALA D 46 22.73 -26.99 17.17
N GLY D 47 22.06 -26.92 16.04
CA GLY D 47 20.83 -26.17 15.95
C GLY D 47 21.03 -24.68 15.80
N ASP D 48 19.89 -23.98 15.77
CA ASP D 48 19.78 -22.56 15.41
C ASP D 48 20.45 -22.29 14.07
N VAL D 49 20.20 -23.17 13.11
CA VAL D 49 20.96 -23.18 11.86
C VAL D 49 20.55 -22.04 10.96
N PHE D 50 19.30 -22.07 10.51
CA PHE D 50 18.75 -20.93 9.81
C PHE D 50 18.23 -19.93 10.82
N ASP D 51 17.88 -18.73 10.36
CA ASP D 51 17.33 -17.76 11.30
C ASP D 51 15.90 -18.12 11.67
N THR D 52 15.01 -18.12 10.70
CA THR D 52 13.60 -18.37 10.94
C THR D 52 13.14 -19.54 10.07
N GLY D 53 11.87 -19.86 10.19
CA GLY D 53 11.29 -20.92 9.38
C GLY D 53 11.16 -20.58 7.91
N SER D 54 11.23 -19.30 7.57
CA SER D 54 11.15 -18.83 6.19
C SER D 54 12.43 -18.05 5.91
N PRO D 55 13.53 -18.73 5.62
CA PRO D 55 14.79 -18.03 5.43
C PRO D 55 14.80 -17.27 4.12
N PRO D 56 15.61 -16.23 4.00
CA PRO D 56 15.73 -15.52 2.72
C PRO D 56 16.38 -16.40 1.68
N SER D 57 16.16 -16.03 0.42
CA SER D 57 16.50 -16.91 -0.68
C SER D 57 18.00 -16.98 -0.90
N TYR D 58 18.75 -15.99 -0.44
CA TYR D 58 20.19 -16.11 -0.52
C TYR D 58 20.74 -16.99 0.59
N ALA D 59 20.01 -17.14 1.70
CA ALA D 59 20.56 -17.82 2.87
C ALA D 59 20.72 -19.31 2.64
N ARG D 60 19.98 -19.87 1.70
CA ARG D 60 20.25 -21.26 1.33
C ARG D 60 21.53 -21.38 0.53
N THR D 61 21.86 -20.35 -0.27
CA THR D 61 22.95 -20.50 -1.22
C THR D 61 24.30 -20.51 -0.53
N LEU D 62 24.40 -19.94 0.66
CA LEU D 62 25.60 -20.20 1.45
C LEU D 62 25.56 -21.62 2.00
N TYR D 63 24.38 -22.08 2.40
CA TYR D 63 24.28 -23.38 3.05
C TYR D 63 24.50 -24.52 2.06
N ASN D 64 24.01 -24.36 0.83
CA ASN D 64 24.25 -25.40 -0.16
C ASN D 64 25.67 -25.37 -0.69
N ARG D 65 26.24 -24.17 -0.86
CA ARG D 65 27.63 -24.08 -1.31
C ARG D 65 28.61 -24.60 -0.26
N PHE D 66 28.18 -24.64 1.00
CA PHE D 66 28.94 -25.37 1.99
C PHE D 66 28.91 -26.87 1.70
N VAL D 67 27.74 -27.39 1.35
CA VAL D 67 27.57 -28.83 1.29
C VAL D 67 28.20 -29.41 0.03
N VAL D 68 28.16 -28.66 -1.08
CA VAL D 68 28.83 -29.15 -2.28
C VAL D 68 30.34 -29.08 -2.11
N ASN D 69 30.83 -28.13 -1.32
CA ASN D 69 32.25 -28.11 -1.00
C ASN D 69 32.61 -29.18 0.00
N LEU D 70 31.64 -29.65 0.78
CA LEU D 70 31.91 -30.74 1.71
C LEU D 70 32.12 -32.06 0.99
N GLN D 71 31.61 -32.19 -0.24
CA GLN D 71 31.77 -33.44 -0.98
C GLN D 71 33.21 -33.65 -1.42
N GLN D 72 33.96 -32.58 -1.61
CA GLN D 72 35.40 -32.68 -1.88
C GLN D 72 36.20 -32.97 -0.62
N THR D 73 35.55 -33.09 0.53
CA THR D 73 36.18 -33.56 1.75
C THR D 73 35.82 -34.99 2.08
N GLY D 74 34.67 -35.47 1.61
CA GLY D 74 34.25 -36.83 1.90
C GLY D 74 33.82 -37.07 3.33
N CYS D 75 33.62 -36.01 4.10
CA CYS D 75 33.30 -36.15 5.52
C CYS D 75 31.80 -36.22 5.74
N HIS D 76 31.40 -36.94 6.77
CA HIS D 76 29.99 -37.06 7.11
C HIS D 76 29.49 -35.75 7.71
N LEU D 77 28.22 -35.43 7.48
CA LEU D 77 27.60 -34.25 8.05
C LEU D 77 26.31 -34.63 8.75
N VAL D 78 26.16 -34.18 9.99
CA VAL D 78 24.95 -34.39 10.77
C VAL D 78 24.41 -33.03 11.18
N VAL D 79 23.17 -32.74 10.81
CA VAL D 79 22.55 -31.46 11.05
C VAL D 79 21.41 -31.64 12.03
N LEU D 80 21.49 -30.93 13.15
CA LEU D 80 20.46 -30.99 14.19
C LEU D 80 19.52 -29.82 14.05
N ALA D 81 18.26 -30.02 14.43
CA ALA D 81 17.30 -28.95 14.41
C ALA D 81 17.52 -28.00 15.58
N GLY D 82 16.80 -26.88 15.56
CA GLY D 82 16.93 -25.90 16.61
C GLY D 82 15.62 -25.52 17.24
N ASN D 83 15.61 -24.38 17.93
CA ASN D 83 14.39 -23.87 18.54
C ASN D 83 13.61 -22.97 17.59
N SER D 84 14.31 -22.21 16.74
CA SER D 84 13.66 -21.31 15.80
C SER D 84 13.40 -21.96 14.46
N ASP D 85 13.99 -23.11 14.21
CA ASP D 85 13.88 -23.78 12.92
C ASP D 85 12.76 -24.80 12.94
N SER D 86 11.86 -24.71 11.97
CA SER D 86 10.73 -25.62 11.90
C SER D 86 11.16 -26.97 11.36
N VAL D 87 10.23 -27.93 11.42
CA VAL D 87 10.43 -29.18 10.71
C VAL D 87 10.33 -28.96 9.21
N ALA D 88 9.43 -28.07 8.79
CA ALA D 88 9.16 -27.86 7.37
C ALA D 88 10.29 -27.14 6.67
N THR D 89 11.11 -26.42 7.43
CA THR D 89 12.29 -25.79 6.85
C THR D 89 13.43 -26.79 6.72
N LEU D 90 13.37 -27.92 7.41
CA LEU D 90 14.38 -28.94 7.27
C LEU D 90 13.81 -30.26 6.80
N ASN D 91 12.52 -30.32 6.51
CA ASN D 91 11.98 -31.36 5.64
C ASN D 91 12.02 -30.95 4.18
N GLU D 92 12.72 -29.86 3.85
CA GLU D 92 12.84 -29.42 2.47
C GLU D 92 13.63 -30.42 1.65
N SER D 93 14.82 -30.77 2.12
CA SER D 93 15.70 -31.68 1.43
C SER D 93 16.17 -32.78 2.37
N ARG D 94 15.21 -33.38 3.07
CA ARG D 94 15.52 -34.41 4.06
C ARG D 94 16.11 -35.66 3.41
N ASP D 95 15.80 -35.91 2.15
CA ASP D 95 16.35 -37.06 1.45
C ASP D 95 17.09 -36.71 0.17
N ILE D 96 17.19 -35.43 -0.18
CA ILE D 96 18.23 -35.05 -1.14
C ILE D 96 19.60 -35.28 -0.54
N MET D 97 19.77 -34.88 0.71
CA MET D 97 21.05 -34.92 1.37
C MET D 97 21.48 -36.33 1.76
N ALA D 98 20.60 -37.32 1.59
CA ALA D 98 20.97 -38.70 1.85
C ALA D 98 22.00 -39.21 0.84
N PHE D 99 21.99 -38.66 -0.37
CA PHE D 99 22.93 -39.08 -1.39
C PHE D 99 24.27 -38.37 -1.30
N LEU D 100 24.44 -37.46 -0.34
CA LEU D 100 25.67 -36.69 -0.24
C LEU D 100 26.27 -36.79 1.15
N ASN D 101 26.08 -37.94 1.80
CA ASN D 101 26.65 -38.26 3.12
C ASN D 101 26.25 -37.23 4.17
N THR D 102 24.97 -36.84 4.16
CA THR D 102 24.51 -35.72 4.96
C THR D 102 23.18 -36.09 5.60
N THR D 103 23.24 -36.58 6.84
CA THR D 103 22.04 -37.01 7.55
C THR D 103 21.50 -35.82 8.35
N VAL D 104 20.23 -35.52 8.16
CA VAL D 104 19.60 -34.36 8.78
C VAL D 104 18.46 -34.81 9.67
N VAL D 105 18.29 -34.13 10.79
CA VAL D 105 17.17 -34.35 11.69
C VAL D 105 16.60 -32.99 12.08
N GLY D 109 12.83 -38.16 18.01
CA GLY D 109 11.97 -39.02 17.23
C GLY D 109 12.70 -39.74 16.11
N HIS D 110 13.97 -40.05 16.36
CA HIS D 110 14.80 -40.76 15.38
C HIS D 110 15.70 -41.74 16.10
N ALA D 111 15.86 -42.92 15.51
CA ALA D 111 16.77 -43.91 16.04
C ALA D 111 18.22 -43.44 15.87
N PRO D 112 19.10 -43.79 16.82
CA PRO D 112 20.49 -43.37 16.71
C PRO D 112 21.23 -44.11 15.60
N GLN D 113 22.39 -43.58 15.24
CA GLN D 113 23.12 -44.06 14.08
C GLN D 113 24.61 -44.12 14.36
N ILE D 114 25.35 -44.66 13.39
CA ILE D 114 26.79 -44.82 13.47
C ILE D 114 27.42 -43.86 12.47
N LEU D 115 28.57 -43.29 12.84
CA LEU D 115 29.30 -42.40 11.94
C LEU D 115 30.43 -43.19 11.30
N PRO D 116 30.34 -43.58 10.04
CA PRO D 116 31.45 -44.28 9.41
C PRO D 116 32.61 -43.34 9.15
N ARG D 117 33.82 -43.89 9.17
CA ARG D 117 35.00 -43.05 9.01
C ARG D 117 35.25 -42.76 7.54
N ARG D 118 36.34 -42.04 7.29
CA ARG D 118 36.74 -41.72 5.92
C ARG D 118 37.14 -42.97 5.15
N ASP D 119 37.71 -43.96 5.85
CA ASP D 119 38.12 -45.22 5.27
C ASP D 119 37.11 -46.34 5.49
N GLY D 120 35.84 -45.99 5.73
CA GLY D 120 34.77 -46.95 5.76
C GLY D 120 34.50 -47.61 7.10
N THR D 121 35.40 -47.50 8.05
CA THR D 121 35.21 -48.12 9.34
C THR D 121 34.18 -47.35 10.16
N PRO D 122 33.36 -48.04 10.95
CA PRO D 122 32.45 -47.33 11.87
C PRO D 122 33.26 -46.63 12.96
N GLY D 123 33.04 -45.32 13.09
CA GLY D 123 33.86 -44.52 13.96
C GLY D 123 33.31 -44.27 15.35
N ALA D 124 32.08 -43.78 15.44
CA ALA D 124 31.53 -43.38 16.73
C ALA D 124 30.03 -43.58 16.71
N VAL D 125 29.39 -43.27 17.84
CA VAL D 125 27.96 -43.46 18.03
C VAL D 125 27.35 -42.10 18.31
N LEU D 126 26.30 -41.75 17.57
CA LEU D 126 25.66 -40.46 17.71
C LEU D 126 24.22 -40.63 18.20
N CYS D 127 23.78 -39.72 19.05
CA CYS D 127 22.41 -39.66 19.55
C CYS D 127 21.76 -38.40 18.98
N PRO D 128 21.11 -38.47 17.83
CA PRO D 128 20.49 -37.28 17.23
C PRO D 128 19.26 -36.82 18.00
N ILE D 129 19.39 -35.70 18.68
CA ILE D 129 18.36 -35.18 19.58
C ILE D 129 17.96 -33.79 19.06
N PRO D 130 16.87 -33.70 18.30
CA PRO D 130 16.35 -32.38 17.93
C PRO D 130 15.61 -31.72 19.08
N PHE D 131 15.00 -30.58 18.84
CA PHE D 131 14.33 -29.87 19.91
C PHE D 131 13.04 -30.58 20.29
N LEU D 132 12.99 -31.08 21.53
CA LEU D 132 11.82 -31.77 22.02
C LEU D 132 10.70 -30.77 22.27
N ARG D 133 9.87 -30.56 21.28
CA ARG D 133 8.75 -29.64 21.44
C ARG D 133 7.71 -30.26 22.36
N PRO D 134 7.26 -29.55 23.40
CA PRO D 134 6.16 -30.08 24.23
C PRO D 134 4.84 -30.18 23.50
N ARG D 135 4.66 -29.44 22.41
CA ARG D 135 3.53 -29.67 21.52
C ARG D 135 3.64 -31.00 20.79
N ASP D 136 4.85 -31.56 20.68
CA ASP D 136 5.03 -32.90 20.14
C ASP D 136 5.33 -33.94 21.21
N ILE D 137 5.87 -33.53 22.35
CA ILE D 137 6.03 -34.44 23.48
C ILE D 137 5.21 -33.93 24.67
N GLN D 151 7.26 -28.79 35.40
CA GLN D 151 6.61 -29.94 36.01
C GLN D 151 6.53 -31.09 35.01
N HIS D 152 5.37 -31.21 34.35
CA HIS D 152 5.19 -32.28 33.37
C HIS D 152 6.05 -32.05 32.13
N LEU D 153 6.25 -30.78 31.75
CA LEU D 153 7.21 -30.46 30.72
C LEU D 153 8.62 -30.79 31.17
N LEU D 154 8.91 -30.61 32.47
CA LEU D 154 10.20 -31.03 33.01
C LEU D 154 10.25 -32.54 33.23
N ALA D 155 9.09 -33.21 33.27
CA ALA D 155 9.07 -34.64 33.55
C ALA D 155 9.59 -35.46 32.37
N ALA D 156 9.05 -35.22 31.18
CA ALA D 156 9.39 -36.03 30.02
C ALA D 156 10.79 -35.75 29.47
N ILE D 157 11.34 -34.57 29.74
CA ILE D 157 12.68 -34.29 29.23
C ILE D 157 13.73 -34.95 30.12
N THR D 158 13.43 -35.15 31.40
CA THR D 158 14.41 -35.66 32.35
C THR D 158 14.73 -37.13 32.09
N ASP D 159 13.69 -37.95 31.96
CA ASP D 159 13.89 -39.37 31.75
C ASP D 159 14.19 -39.72 30.31
N TYR D 160 14.00 -38.78 29.37
CA TYR D 160 14.29 -39.08 27.97
C TYR D 160 15.78 -39.27 27.74
N TYR D 161 16.61 -38.53 28.46
CA TYR D 161 18.04 -38.75 28.37
C TYR D 161 18.45 -40.02 29.11
N GLN D 162 17.64 -40.48 30.05
CA GLN D 162 17.78 -41.83 30.55
C GLN D 162 17.19 -42.84 29.59
N GLN D 163 16.12 -42.46 28.89
CA GLN D 163 15.53 -43.31 27.86
C GLN D 163 16.48 -43.51 26.69
N HIS D 164 17.22 -42.48 26.33
CA HIS D 164 18.07 -42.56 25.16
C HIS D 164 19.49 -43.02 25.48
N TYR D 165 19.88 -43.04 26.76
CA TYR D 165 21.19 -43.53 27.12
C TYR D 165 21.24 -45.05 27.02
N ALA D 166 20.15 -45.74 27.35
CA ALA D 166 20.06 -47.16 27.10
C ALA D 166 20.02 -47.44 25.60
N ASP D 167 19.40 -46.54 24.83
CA ASP D 167 19.51 -46.62 23.37
C ASP D 167 20.94 -46.36 22.93
N ALA D 168 21.66 -45.53 23.67
CA ALA D 168 23.08 -45.30 23.37
C ALA D 168 23.94 -46.47 23.84
N CYS D 169 23.60 -47.08 24.97
CA CYS D 169 24.46 -48.13 25.49
C CYS D 169 24.27 -49.43 24.73
N LYS D 170 23.03 -49.76 24.37
CA LYS D 170 22.76 -51.08 23.82
C LYS D 170 22.92 -51.13 22.30
N LEU D 171 23.02 -49.98 21.64
CA LEU D 171 23.23 -50.02 20.19
C LEU D 171 24.65 -50.44 19.86
N ARG D 172 25.60 -50.16 20.74
CA ARG D 172 26.99 -50.58 20.56
C ARG D 172 27.26 -51.91 21.26
N GLY D 173 26.75 -52.07 22.47
CA GLY D 173 27.06 -53.25 23.26
C GLY D 173 28.50 -53.23 23.70
N ASP D 174 29.23 -54.30 23.38
CA ASP D 174 30.64 -54.40 23.71
C ASP D 174 31.55 -53.82 22.64
N GLN D 175 30.99 -53.10 21.68
CA GLN D 175 31.83 -52.52 20.64
C GLN D 175 32.58 -51.30 21.18
N PRO D 176 33.85 -51.15 20.84
CA PRO D 176 34.65 -50.03 21.36
C PRO D 176 34.46 -48.74 20.57
N LEU D 177 33.21 -48.29 20.49
CA LEU D 177 32.89 -47.06 19.79
C LEU D 177 32.42 -46.00 20.77
N PRO D 178 32.92 -44.77 20.65
CA PRO D 178 32.50 -43.72 21.59
C PRO D 178 31.15 -43.13 21.21
N ILE D 179 30.43 -42.75 22.23
CA ILE D 179 29.11 -42.15 22.10
C ILE D 179 29.25 -40.63 22.24
N ILE D 180 28.57 -39.89 21.37
CA ILE D 180 28.45 -38.46 21.54
C ILE D 180 26.98 -38.12 21.72
N ALA D 181 26.70 -37.09 22.50
CA ALA D 181 25.34 -36.67 22.75
C ALA D 181 25.08 -35.30 22.15
N THR D 182 23.89 -35.13 21.62
CA THR D 182 23.48 -33.92 20.93
C THR D 182 22.34 -33.23 21.69
N GLY D 183 21.82 -32.19 21.08
CA GLY D 183 20.67 -31.50 21.61
C GLY D 183 20.79 -30.01 21.44
N HIS D 184 19.66 -29.33 21.66
CA HIS D 184 19.56 -27.88 21.44
C HIS D 184 18.56 -27.37 22.47
N LEU D 185 19.06 -26.83 23.57
CA LEU D 185 18.22 -26.60 24.74
C LEU D 185 18.89 -25.57 25.64
N THR D 186 18.33 -25.38 26.82
CA THR D 186 18.85 -24.44 27.80
C THR D 186 19.17 -25.18 29.10
N THR D 187 20.14 -24.66 29.83
CA THR D 187 20.67 -25.34 31.00
C THR D 187 20.81 -24.36 32.16
N VAL D 188 20.47 -24.82 33.37
CA VAL D 188 20.54 -23.97 34.54
C VAL D 188 21.99 -23.71 34.93
N GLY D 189 22.29 -22.47 35.31
CA GLY D 189 23.60 -22.12 35.81
C GLY D 189 24.45 -21.33 34.84
N ALA D 190 24.35 -21.63 33.55
CA ALA D 190 25.15 -20.94 32.55
C ALA D 190 24.61 -19.53 32.34
N SER D 191 25.49 -18.55 32.48
CA SER D 191 25.09 -17.15 32.32
C SER D 191 24.79 -16.85 30.85
N LYS D 192 23.79 -16.02 30.63
CA LYS D 192 23.38 -15.67 29.28
C LYS D 192 24.29 -14.61 28.66
N ASP D 205 13.36 -23.83 35.34
CA ASP D 205 13.84 -22.78 34.45
C ASP D 205 14.46 -23.36 33.20
N ALA D 206 15.26 -24.42 33.38
CA ALA D 206 15.97 -25.05 32.27
C ALA D 206 16.31 -26.48 32.65
N PHE D 207 17.06 -27.15 31.78
CA PHE D 207 17.45 -28.54 32.00
C PHE D 207 18.50 -28.62 33.11
N PRO D 208 18.41 -29.59 34.00
CA PRO D 208 19.41 -29.70 35.08
C PRO D 208 20.71 -30.29 34.56
N ALA D 209 21.81 -29.57 34.79
CA ALA D 209 23.11 -30.01 34.28
C ALA D 209 23.61 -31.27 34.98
N GLN D 210 23.23 -31.49 36.24
CA GLN D 210 23.70 -32.67 36.95
C GLN D 210 22.98 -33.95 36.55
N ASN D 211 21.87 -33.85 35.83
CA ASN D 211 21.10 -35.02 35.43
C ASN D 211 21.45 -35.55 34.06
N PHE D 212 22.50 -35.02 33.42
CA PHE D 212 22.89 -35.53 32.12
C PHE D 212 23.41 -36.96 32.21
N PRO D 213 23.07 -37.80 31.25
CA PRO D 213 23.54 -39.18 31.28
C PRO D 213 25.01 -39.24 30.92
N PRO D 214 25.82 -39.95 31.72
CA PRO D 214 27.27 -39.93 31.51
C PRO D 214 27.72 -40.69 30.26
N ALA D 215 27.50 -40.11 29.09
CA ALA D 215 28.05 -40.64 27.86
C ALA D 215 29.48 -40.15 27.69
N ASP D 216 30.09 -40.46 26.54
CA ASP D 216 31.48 -40.07 26.35
C ASP D 216 31.60 -38.60 25.97
N TYR D 217 30.57 -38.03 25.36
CA TYR D 217 30.58 -36.61 25.02
C TYR D 217 29.16 -36.10 24.88
N ILE D 218 28.97 -34.83 25.23
CA ILE D 218 27.71 -34.14 25.01
C ILE D 218 28.01 -32.85 24.29
N ALA D 219 27.60 -32.75 23.03
CA ALA D 219 27.50 -31.48 22.34
C ALA D 219 26.10 -30.94 22.54
N LEU D 220 25.95 -29.61 22.51
CA LEU D 220 24.69 -29.01 22.88
C LEU D 220 24.59 -27.62 22.28
N GLY D 221 23.34 -27.18 22.07
CA GLY D 221 23.07 -25.94 21.39
C GLY D 221 22.24 -24.93 22.14
N HIS D 222 21.77 -23.89 21.42
CA HIS D 222 20.89 -22.80 21.82
C HIS D 222 21.56 -21.78 22.75
N ILE D 223 22.77 -22.07 23.20
CA ILE D 223 23.51 -21.13 24.01
C ILE D 223 24.59 -20.53 23.13
N HIS D 224 24.47 -19.22 22.87
CA HIS D 224 25.36 -18.54 21.96
C HIS D 224 26.67 -18.13 22.62
N ARG D 225 26.77 -18.24 23.94
CA ARG D 225 28.01 -17.99 24.66
C ARG D 225 28.79 -19.29 24.78
N ALA D 226 30.08 -19.25 24.46
CA ALA D 226 30.91 -20.44 24.46
C ALA D 226 31.49 -20.67 25.85
N GLN D 227 31.08 -21.76 26.49
CA GLN D 227 31.56 -22.08 27.83
C GLN D 227 31.34 -23.56 28.11
N ILE D 228 32.10 -24.08 29.05
CA ILE D 228 31.84 -25.40 29.60
C ILE D 228 30.80 -25.26 30.69
N ILE D 229 29.84 -26.19 30.72
CA ILE D 229 28.76 -26.16 31.70
C ILE D 229 29.04 -27.22 32.77
N GLY D 230 28.86 -26.83 34.03
CA GLY D 230 28.88 -27.75 35.14
C GLY D 230 30.25 -28.16 35.65
N GLY D 231 31.30 -28.02 34.86
CA GLY D 231 32.61 -28.47 35.26
C GLY D 231 33.01 -29.82 34.71
N MET D 232 32.15 -30.49 33.96
CA MET D 232 32.50 -31.73 33.28
C MET D 232 32.88 -31.42 31.84
N GLU D 233 34.01 -31.96 31.40
CA GLU D 233 34.56 -31.58 30.10
C GLU D 233 33.78 -32.19 28.95
N HIS D 234 33.21 -33.37 29.14
CA HIS D 234 32.49 -34.06 28.08
C HIS D 234 31.13 -33.45 27.77
N VAL D 235 30.64 -32.54 28.59
CA VAL D 235 29.49 -31.71 28.25
C VAL D 235 30.01 -30.32 27.93
N ARG D 236 29.46 -29.71 26.87
CA ARG D 236 30.04 -28.50 26.32
C ARG D 236 28.98 -27.59 25.72
N TYR D 237 29.34 -26.31 25.61
CA TYR D 237 28.70 -25.35 24.73
C TYR D 237 29.81 -24.69 23.93
N CYS D 238 29.73 -24.75 22.60
CA CYS D 238 30.74 -24.10 21.79
C CYS D 238 30.37 -22.68 21.40
N GLY D 239 29.19 -22.21 21.79
CA GLY D 239 28.74 -20.88 21.46
C GLY D 239 28.48 -20.69 19.98
N SER D 240 28.39 -19.44 19.59
CA SER D 240 28.29 -19.12 18.18
C SER D 240 29.69 -18.95 17.59
N PRO D 241 29.90 -19.35 16.33
CA PRO D 241 31.20 -19.11 15.70
C PRO D 241 31.39 -17.69 15.23
N ILE D 242 30.36 -16.87 15.29
CA ILE D 242 30.49 -15.46 14.95
C ILE D 242 29.82 -14.65 16.05
N PRO D 243 30.20 -13.40 16.26
CA PRO D 243 29.37 -12.52 17.09
C PRO D 243 28.02 -12.30 16.45
N LEU D 244 26.98 -12.25 17.29
CA LEU D 244 25.59 -12.08 16.79
C LEU D 244 25.13 -10.64 17.07
N SER D 245 25.21 -10.20 18.33
CA SER D 245 24.78 -8.83 18.72
C SER D 245 26.00 -8.00 19.15
N PHE D 246 25.83 -6.69 19.30
CA PHE D 246 26.93 -5.79 19.71
C PHE D 246 27.43 -6.19 21.11
N ASP D 247 26.47 -6.34 22.03
CA ASP D 247 26.69 -6.68 23.46
C ASP D 247 27.57 -7.92 23.56
N GLU D 248 27.36 -8.90 22.67
CA GLU D 248 28.19 -10.13 22.67
C GLU D 248 29.44 -9.90 21.79
N CYS D 249 30.19 -8.85 22.13
CA CYS D 249 31.41 -8.44 21.37
C CYS D 249 32.63 -9.13 21.98
N GLY D 250 32.42 -10.29 22.59
CA GLY D 250 33.51 -11.06 23.21
C GLY D 250 34.44 -11.60 22.14
N LYS D 251 35.72 -11.77 22.50
CA LYS D 251 36.76 -12.30 21.57
C LYS D 251 36.78 -13.83 21.61
N SER D 252 35.96 -14.42 22.48
CA SER D 252 35.90 -15.91 22.63
C SER D 252 34.98 -16.53 21.57
N LYS D 253 35.41 -16.49 20.32
CA LYS D 253 34.67 -17.14 19.19
C LYS D 253 35.42 -18.43 18.90
N TYR D 254 34.84 -19.58 19.24
CA TYR D 254 35.58 -20.82 19.09
C TYR D 254 34.78 -21.90 18.41
N VAL D 255 35.50 -22.84 17.81
CA VAL D 255 34.96 -24.12 17.38
C VAL D 255 35.72 -25.21 18.13
N HIS D 256 34.98 -26.20 18.62
CA HIS D 256 35.53 -27.22 19.49
C HIS D 256 35.90 -28.44 18.66
N LEU D 257 37.19 -28.59 18.39
CA LEU D 257 37.71 -29.80 17.79
C LEU D 257 37.97 -30.82 18.90
N VAL D 258 37.26 -31.94 18.85
CA VAL D 258 37.37 -32.96 19.87
C VAL D 258 38.23 -34.09 19.32
N THR D 259 38.86 -34.83 20.21
CA THR D 259 39.65 -35.99 19.84
C THR D 259 39.25 -37.14 20.76
N PHE D 260 39.07 -38.32 20.20
CA PHE D 260 38.64 -39.47 20.97
C PHE D 260 39.70 -40.56 20.96
N SER D 261 39.75 -41.30 22.07
CA SER D 261 40.75 -42.33 22.29
C SER D 261 40.03 -43.65 22.51
N ASN D 262 39.68 -44.33 21.41
CA ASN D 262 39.25 -45.72 21.38
C ASN D 262 37.99 -45.97 22.22
N GLY D 263 37.14 -44.95 22.34
CA GLY D 263 35.96 -45.03 23.16
C GLY D 263 35.92 -44.04 24.30
N LYS D 264 36.94 -43.20 24.45
CA LYS D 264 36.96 -42.19 25.49
C LYS D 264 37.50 -40.89 24.92
N LEU D 265 37.08 -39.79 25.54
CA LEU D 265 37.49 -38.46 25.09
C LEU D 265 38.95 -38.22 25.41
N GLU D 266 39.69 -37.68 24.43
CA GLU D 266 41.07 -37.28 24.69
C GLU D 266 41.15 -35.83 25.14
N SER D 267 40.72 -34.90 24.30
CA SER D 267 40.72 -33.48 24.64
C SER D 267 39.81 -32.71 23.69
N VAL D 268 39.69 -31.42 23.96
CA VAL D 268 38.92 -30.47 23.14
C VAL D 268 39.82 -29.29 22.86
N GLU D 269 40.06 -29.01 21.60
CA GLU D 269 40.82 -27.82 21.21
C GLU D 269 39.85 -26.73 20.78
N ASN D 270 39.94 -25.57 21.43
CA ASN D 270 39.16 -24.41 21.05
C ASN D 270 39.93 -23.66 19.96
N LEU D 271 39.37 -23.65 18.76
CA LEU D 271 40.04 -23.03 17.63
C LEU D 271 39.45 -21.65 17.37
N ASN D 272 40.32 -20.65 17.37
CA ASN D 272 39.82 -19.29 17.12
C ASN D 272 39.48 -19.16 15.64
N VAL D 273 38.27 -18.65 15.35
CA VAL D 273 37.86 -18.27 14.01
C VAL D 273 38.50 -16.92 13.72
N PRO D 274 38.69 -16.54 12.47
CA PRO D 274 39.09 -15.17 12.18
C PRO D 274 37.91 -14.23 12.38
N VAL D 275 38.22 -12.97 12.60
CA VAL D 275 37.19 -11.94 12.60
C VAL D 275 37.30 -11.15 11.30
N THR D 276 36.16 -10.69 10.80
CA THR D 276 36.12 -9.90 9.59
C THR D 276 35.36 -8.59 9.75
N GLN D 277 34.30 -8.56 10.53
CA GLN D 277 33.50 -7.36 10.66
C GLN D 277 33.58 -6.85 12.08
N PRO D 278 34.46 -5.90 12.38
CA PRO D 278 34.60 -5.43 13.76
C PRO D 278 33.45 -4.51 14.16
N MET D 279 33.12 -4.58 15.43
CA MET D 279 32.15 -3.69 16.04
C MET D 279 32.81 -2.91 17.18
N ALA D 280 32.12 -1.88 17.64
CA ALA D 280 32.65 -1.04 18.70
C ALA D 280 31.49 -0.38 19.44
N VAL D 281 31.35 -0.69 20.71
CA VAL D 281 30.25 -0.19 21.52
C VAL D 281 30.76 1.00 22.31
N LEU D 282 30.53 2.19 21.78
CA LEU D 282 31.01 3.42 22.39
C LEU D 282 29.93 3.93 23.33
N LYS D 283 30.34 4.35 24.53
CA LYS D 283 29.39 4.79 25.54
C LYS D 283 29.71 6.22 25.95
N GLY D 284 28.93 6.71 26.91
CA GLY D 284 29.14 8.02 27.49
C GLY D 284 28.43 9.12 26.71
N ASP D 285 28.76 10.35 27.06
CA ASP D 285 28.22 11.50 26.37
C ASP D 285 29.06 11.81 25.13
N LEU D 286 28.71 12.91 24.46
CA LEU D 286 29.41 13.31 23.24
C LEU D 286 30.86 13.72 23.49
N ALA D 287 31.19 14.10 24.73
CA ALA D 287 32.58 14.41 25.04
C ALA D 287 33.44 13.16 24.99
N SER D 288 32.99 12.08 25.62
CA SER D 288 33.76 10.84 25.58
C SER D 288 33.60 10.09 24.28
N ILE D 289 32.52 10.35 23.54
CA ILE D 289 32.31 9.64 22.29
C ILE D 289 33.22 10.17 21.20
N THR D 290 33.25 11.50 21.04
CA THR D 290 33.99 12.12 19.95
C THR D 290 35.50 11.93 20.10
N ALA D 291 35.96 11.73 21.34
CA ALA D 291 37.35 11.35 21.55
C ALA D 291 37.60 9.93 21.04
N GLN D 292 36.63 9.04 21.23
CA GLN D 292 36.79 7.67 20.73
C GLN D 292 36.66 7.60 19.22
N LEU D 293 36.04 8.60 18.59
CA LEU D 293 35.83 8.56 17.16
C LEU D 293 37.12 8.74 16.37
N GLU D 294 38.13 9.39 16.95
CA GLU D 294 39.39 9.58 16.26
C GLU D 294 40.27 8.33 16.28
N GLN D 295 39.88 7.30 17.01
CA GLN D 295 40.58 6.03 16.98
C GLN D 295 40.51 5.36 15.61
N TRP D 296 39.40 5.51 14.91
CA TRP D 296 39.26 4.95 13.56
C TRP D 296 39.51 5.98 12.47
N ARG D 297 40.08 7.13 12.80
CA ARG D 297 40.35 8.13 11.78
C ARG D 297 41.65 7.81 11.06
N ASP D 298 41.60 7.87 9.72
CA ASP D 298 42.74 7.71 8.81
C ASP D 298 43.39 6.33 8.89
N VAL D 299 42.64 5.32 9.32
CA VAL D 299 43.20 3.98 9.36
C VAL D 299 42.85 3.23 8.08
N SER D 300 41.76 3.64 7.42
CA SER D 300 41.28 3.11 6.13
C SER D 300 41.01 1.60 6.20
N GLN D 301 40.17 1.21 7.15
CA GLN D 301 39.77 -0.18 7.31
C GLN D 301 38.87 -0.60 6.15
N GLU D 302 39.21 -1.73 5.51
CA GLU D 302 38.53 -2.10 4.27
C GLU D 302 37.09 -2.62 4.44
N PRO D 303 36.68 -3.27 5.55
CA PRO D 303 35.24 -3.30 5.81
C PRO D 303 34.85 -2.11 6.67
N PRO D 304 33.69 -1.51 6.41
CA PRO D 304 33.22 -0.40 7.25
C PRO D 304 32.89 -0.92 8.64
N VAL D 305 33.56 -0.34 9.64
CA VAL D 305 33.44 -0.83 11.01
C VAL D 305 32.09 -0.43 11.56
N TRP D 306 31.44 -1.37 12.24
CA TRP D 306 30.10 -1.14 12.74
C TRP D 306 30.15 -0.62 14.16
N LEU D 307 29.06 0.01 14.58
CA LEU D 307 29.01 0.70 15.85
C LEU D 307 27.74 0.33 16.59
N ASP D 308 27.79 0.49 17.91
CA ASP D 308 26.59 0.58 18.72
C ASP D 308 26.88 1.71 19.70
N ILE D 309 26.59 2.93 19.29
CA ILE D 309 26.91 4.09 20.09
C ILE D 309 25.84 4.25 21.15
N GLU D 310 26.27 4.43 22.39
CA GLU D 310 25.36 4.56 23.51
C GLU D 310 25.49 5.97 24.09
N ILE D 311 24.63 6.85 23.64
CA ILE D 311 24.67 8.24 24.11
C ILE D 311 23.94 8.32 25.45
N THR D 312 24.39 9.23 26.31
CA THR D 312 23.73 9.50 27.59
C THR D 312 23.55 11.01 27.71
N THR D 313 22.46 11.51 27.14
CA THR D 313 22.05 12.89 27.34
C THR D 313 20.56 12.91 27.67
N ASP D 314 19.99 14.10 27.66
CA ASP D 314 18.55 14.29 27.70
C ASP D 314 18.01 14.87 26.39
N GLU D 315 18.87 15.01 25.38
CA GLU D 315 18.42 15.53 24.11
C GLU D 315 17.58 14.51 23.37
N TYR D 316 16.89 14.98 22.35
CA TYR D 316 15.95 14.15 21.62
C TYR D 316 16.67 13.19 20.70
N LEU D 317 16.16 11.96 20.64
CA LEU D 317 16.86 10.91 19.91
C LEU D 317 16.82 11.14 18.42
N HIS D 318 15.77 11.78 17.91
CA HIS D 318 15.69 12.05 16.49
C HIS D 318 16.63 13.16 16.04
N ASP D 319 17.18 13.93 16.98
CA ASP D 319 18.07 15.02 16.61
C ASP D 319 19.49 14.83 17.09
N ILE D 320 19.74 13.87 17.99
CA ILE D 320 21.11 13.56 18.35
C ILE D 320 21.83 12.86 17.21
N GLN D 321 21.09 12.19 16.33
CA GLN D 321 21.69 11.55 15.18
C GLN D 321 22.03 12.52 14.06
N ARG D 322 21.62 13.78 14.19
CA ARG D 322 21.97 14.77 13.18
C ARG D 322 23.46 15.08 13.21
N LYS D 323 24.03 15.19 14.41
CA LYS D 323 25.46 15.46 14.54
C LYS D 323 26.28 14.27 14.11
N ILE D 324 25.72 13.07 14.24
CA ILE D 324 26.50 11.85 14.06
C ILE D 324 26.80 11.61 12.59
N GLN D 325 25.83 11.92 11.71
CA GLN D 325 25.97 11.58 10.29
C GLN D 325 27.06 12.39 9.62
N ALA D 326 27.30 13.61 10.12
CA ALA D 326 28.47 14.35 9.65
C ALA D 326 29.74 13.79 10.26
N LEU D 327 29.65 13.29 11.49
CA LEU D 327 30.84 12.80 12.16
C LEU D 327 31.22 11.42 11.66
N THR D 328 30.25 10.65 11.21
CA THR D 328 30.47 9.30 10.71
C THR D 328 30.87 9.32 9.23
N GLU D 329 30.55 10.40 8.51
CA GLU D 329 30.92 10.50 7.11
C GLU D 329 32.43 10.63 6.94
N SER D 330 33.08 11.37 7.84
CA SER D 330 34.52 11.56 7.76
C SER D 330 35.27 10.28 8.09
N LEU D 331 34.84 9.58 9.12
CA LEU D 331 35.43 8.30 9.44
C LEU D 331 35.03 7.26 8.40
N PRO D 332 35.81 6.20 8.21
CA PRO D 332 35.39 5.14 7.27
C PRO D 332 34.51 4.07 7.93
N VAL D 333 33.55 4.51 8.73
CA VAL D 333 32.72 3.59 9.52
C VAL D 333 31.27 3.86 9.18
N GLU D 334 30.40 2.96 9.60
CA GLU D 334 28.95 3.07 9.40
C GLU D 334 28.25 2.77 10.71
N VAL D 335 27.44 3.72 11.17
CA VAL D 335 26.72 3.53 12.42
C VAL D 335 25.56 2.58 12.18
N LEU D 336 25.22 1.81 13.22
CA LEU D 336 24.10 0.88 13.15
C LEU D 336 22.97 1.22 14.10
N LEU D 337 23.27 1.72 15.28
CA LEU D 337 22.22 1.94 16.27
C LEU D 337 22.69 3.00 17.25
N VAL D 338 21.72 3.72 17.81
CA VAL D 338 21.98 4.69 18.87
C VAL D 338 20.95 4.44 19.96
N ARG D 339 21.42 4.23 21.19
CA ARG D 339 20.54 3.94 22.32
C ARG D 339 20.99 4.73 23.53
N ARG D 340 20.06 4.96 24.47
CA ARG D 340 20.34 5.66 25.72
C ARG D 340 19.91 4.77 26.87
N SER D 341 20.80 3.87 27.29
CA SER D 341 20.47 2.86 28.30
C SER D 341 20.56 3.51 29.67
N ARG D 342 19.49 4.21 30.05
CA ARG D 342 19.48 4.93 31.31
C ARG D 342 18.48 4.32 32.29
N ARG D 354 13.10 13.11 25.73
CA ARG D 354 12.02 12.13 25.85
C ARG D 354 12.39 10.79 25.24
N GLU D 355 11.39 10.11 24.67
CA GLU D 355 11.58 8.76 24.15
C GLU D 355 10.79 8.60 22.86
N THR D 356 11.21 7.65 22.05
CA THR D 356 10.57 7.36 20.77
C THR D 356 10.21 5.88 20.68
N LEU D 357 9.69 5.50 19.52
CA LEU D 357 9.23 4.13 19.32
C LEU D 357 10.33 3.18 18.88
N SER D 358 11.41 3.69 18.32
CA SER D 358 12.55 2.85 17.98
C SER D 358 13.53 2.70 19.14
N GLU D 359 13.10 3.04 20.36
CA GLU D 359 13.93 2.91 21.55
C GLU D 359 13.36 1.95 22.56
N LEU D 360 12.06 2.00 22.80
CA LEU D 360 11.49 1.26 23.91
C LEU D 360 11.13 -0.15 23.48
N SER D 361 10.71 -0.96 24.45
CA SER D 361 10.32 -2.33 24.20
C SER D 361 8.81 -2.47 24.33
N VAL D 362 8.30 -3.63 23.94
CA VAL D 362 6.87 -3.80 23.73
C VAL D 362 6.12 -3.94 25.05
N GLU D 363 6.78 -4.45 26.09
CA GLU D 363 6.09 -4.59 27.37
C GLU D 363 5.90 -3.25 28.05
N GLU D 364 6.89 -2.36 27.92
CA GLU D 364 6.88 -1.13 28.71
C GLU D 364 5.82 -0.17 28.21
N VAL D 365 5.65 -0.07 26.89
CA VAL D 365 4.55 0.69 26.34
C VAL D 365 3.22 0.03 26.68
N PHE D 366 3.27 -1.30 26.79
CA PHE D 366 2.11 -2.10 27.24
C PHE D 366 1.89 -1.77 28.72
N ASN D 367 3.00 -1.63 29.48
CA ASN D 367 2.90 -1.26 30.88
C ASN D 367 2.54 0.20 31.03
N ARG D 368 2.99 1.05 30.10
CA ARG D 368 2.54 2.43 30.06
C ARG D 368 1.06 2.52 29.70
N ARG D 369 0.58 1.54 28.93
CA ARG D 369 -0.85 1.52 28.50
C ARG D 369 -1.73 1.09 29.69
N LEU D 370 -1.10 0.68 30.80
CA LEU D 370 -1.85 0.23 32.01
C LEU D 370 -1.99 1.41 32.98
N ALA D 371 -1.70 2.62 32.53
CA ALA D 371 -1.82 3.83 33.38
C ALA D 371 -3.28 4.05 33.79
N LEU D 372 -4.21 3.87 32.84
CA LEU D 372 -5.67 4.09 33.08
C LEU D 372 -6.37 2.75 33.33
N GLU D 373 -5.61 1.65 33.43
CA GLU D 373 -6.21 0.30 33.64
C GLU D 373 -5.92 -0.18 35.07
N GLU D 374 -6.96 -0.69 35.73
CA GLU D 374 -6.89 -1.16 37.15
C GLU D 374 -6.08 -2.45 37.22
N LEU D 375 -4.76 -2.32 37.43
CA LEU D 375 -3.87 -3.50 37.52
C LEU D 375 -4.28 -4.36 38.72
N ASP D 376 -4.59 -3.73 39.86
CA ASP D 376 -4.98 -4.45 41.11
C ASP D 376 -3.94 -5.54 41.40
N GLU D 377 -4.38 -6.78 41.64
CA GLU D 377 -3.40 -7.87 41.91
C GLU D 377 -3.52 -8.95 40.82
N SER D 378 -4.65 -9.66 40.79
CA SER D 378 -4.89 -10.75 39.79
C SER D 378 -4.96 -10.21 38.37
N GLN D 379 -5.62 -9.06 38.17
CA GLN D 379 -5.83 -8.47 36.82
C GLN D 379 -4.48 -8.11 36.16
N GLN D 380 -3.53 -7.55 36.91
CA GLN D 380 -2.23 -7.15 36.30
C GLN D 380 -1.36 -8.38 36.06
N GLN D 381 -1.58 -9.48 36.80
CA GLN D 381 -0.68 -10.63 36.62
C GLN D 381 -1.11 -11.41 35.37
N ARG D 382 -2.43 -11.60 35.19
CA ARG D 382 -2.94 -12.34 34.02
C ARG D 382 -2.56 -11.58 32.73
N LEU D 383 -2.72 -10.26 32.75
CA LEU D 383 -2.40 -9.44 31.55
C LEU D 383 -0.90 -9.57 31.23
N GLN D 384 -0.05 -9.53 32.27
CA GLN D 384 1.42 -9.64 32.10
C GLN D 384 1.78 -11.02 31.54
N HIS D 385 1.12 -12.07 32.03
CA HIS D 385 1.42 -13.46 31.62
C HIS D 385 0.79 -13.81 30.27
N LEU D 386 -0.40 -13.27 29.97
CA LEU D 386 -1.07 -13.61 28.68
C LEU D 386 -0.50 -12.73 27.57
N PHE D 387 0.09 -11.58 27.94
CA PHE D 387 0.68 -10.65 26.95
C PHE D 387 1.90 -11.31 26.31
N THR D 388 2.85 -11.77 27.14
CA THR D 388 4.04 -12.43 26.59
C THR D 388 3.70 -13.72 25.85
N THR D 389 2.54 -14.30 26.12
CA THR D 389 2.06 -15.37 25.26
C THR D 389 1.67 -14.82 23.91
N THR D 390 1.00 -13.67 23.89
CA THR D 390 0.55 -13.09 22.63
C THR D 390 1.70 -12.59 21.79
N LEU D 391 2.75 -12.07 22.42
CA LEU D 391 3.88 -11.57 21.66
C LEU D 391 4.63 -12.69 20.97
N HIS D 392 4.64 -13.88 21.57
CA HIS D 392 5.30 -15.00 20.92
C HIS D 392 4.44 -15.64 19.84
N THR D 393 3.13 -15.37 19.84
CA THR D 393 2.27 -15.97 18.81
C THR D 393 2.55 -15.35 17.45
N LEU D 394 3.01 -14.12 17.41
CA LEU D 394 3.50 -13.53 16.18
C LEU D 394 4.96 -13.85 15.94
N ALA D 395 5.61 -14.54 16.87
CA ALA D 395 7.01 -14.91 16.72
C ALA D 395 7.13 -16.36 16.26
#